data_2RQX
#
_entry.id   2RQX
#
_entity_poly.entity_id   1
_entity_poly.type   'polypeptide(L)'
_entity_poly.pdbx_seq_one_letter_code
;MEWWVKKVQDNASASLCRVVLQSGALEMIAEIEACRLRLREGDKLTPLADARYCLNNNPTQTLKIRNATHYSSERWTNAD
KLEHHHHHH
;
_entity_poly.pdbx_strand_id   A
#
# COMPACT_ATOMS: atom_id res chain seq x y z
N MET A 1 -7.40 5.74 -10.45
CA MET A 1 -6.20 6.24 -11.18
C MET A 1 -4.94 5.62 -10.57
N GLU A 2 -3.80 5.84 -11.17
CA GLU A 2 -2.54 5.26 -10.63
C GLU A 2 -2.15 6.01 -9.36
N TRP A 3 -1.86 5.30 -8.30
CA TRP A 3 -1.47 5.96 -7.02
C TRP A 3 0.05 5.98 -6.90
N TRP A 4 0.57 6.60 -5.87
CA TRP A 4 2.06 6.65 -5.68
C TRP A 4 2.39 6.40 -4.21
N VAL A 5 3.18 5.41 -3.92
CA VAL A 5 3.53 5.12 -2.50
C VAL A 5 4.51 6.18 -1.99
N LYS A 6 4.35 6.58 -0.75
CA LYS A 6 5.26 7.61 -0.15
C LYS A 6 6.13 6.94 0.92
N LYS A 7 5.65 5.87 1.49
CA LYS A 7 6.43 5.16 2.53
C LYS A 7 5.98 3.70 2.58
N VAL A 8 6.78 2.83 3.14
CA VAL A 8 6.38 1.40 3.20
C VAL A 8 7.21 0.67 4.27
N GLN A 9 6.57 -0.18 5.04
CA GLN A 9 7.28 -0.94 6.11
C GLN A 9 7.26 -2.44 5.76
N ASP A 10 8.39 -3.07 5.72
CA ASP A 10 8.43 -4.52 5.37
C ASP A 10 7.52 -5.29 6.33
N ASN A 11 7.32 -6.56 6.09
CA ASN A 11 6.45 -7.38 6.98
C ASN A 11 7.20 -7.66 8.28
N ALA A 12 7.61 -6.63 8.98
CA ALA A 12 8.33 -6.85 10.26
C ALA A 12 7.41 -7.54 11.26
N SER A 13 6.14 -7.60 10.97
CA SER A 13 5.19 -8.27 11.91
C SER A 13 5.21 -9.78 11.66
N ALA A 14 5.13 -10.19 10.41
CA ALA A 14 5.14 -11.64 10.10
C ALA A 14 4.87 -11.82 8.60
N SER A 15 3.85 -11.17 8.10
CA SER A 15 3.53 -11.29 6.66
C SER A 15 2.55 -10.17 6.26
N LEU A 16 2.67 -9.03 6.89
CA LEU A 16 1.75 -7.90 6.57
C LEU A 16 2.55 -6.60 6.51
N CYS A 17 2.68 -6.01 5.35
CA CYS A 17 3.44 -4.74 5.22
C CYS A 17 2.46 -3.58 5.10
N ARG A 18 2.83 -2.41 5.56
CA ARG A 18 1.92 -1.23 5.47
C ARG A 18 2.47 -0.25 4.44
N VAL A 19 1.61 0.33 3.63
CA VAL A 19 2.08 1.29 2.58
C VAL A 19 1.21 2.54 2.59
N VAL A 20 1.82 3.69 2.48
CA VAL A 20 1.04 4.96 2.44
C VAL A 20 0.82 5.34 0.98
N LEU A 21 -0.40 5.32 0.53
CA LEU A 21 -0.67 5.67 -0.90
C LEU A 21 -1.06 7.14 -1.03
N GLN A 22 -0.33 7.88 -1.84
CA GLN A 22 -0.63 9.33 -2.02
C GLN A 22 -1.42 9.53 -3.31
N SER A 23 -2.19 10.57 -3.38
CA SER A 23 -3.01 10.84 -4.60
C SER A 23 -3.12 12.34 -4.84
N GLY A 24 -2.28 12.87 -5.70
CA GLY A 24 -2.34 14.34 -5.98
C GLY A 24 -1.80 15.12 -4.77
N ALA A 25 -2.40 14.94 -3.63
CA ALA A 25 -1.93 15.68 -2.43
C ALA A 25 -2.43 14.95 -1.17
N LEU A 26 -3.59 14.37 -1.22
CA LEU A 26 -4.13 13.66 -0.04
C LEU A 26 -3.25 12.44 0.26
N GLU A 27 -3.47 11.79 1.37
CA GLU A 27 -2.66 10.59 1.74
C GLU A 27 -3.57 9.50 2.29
N MET A 28 -3.18 8.26 2.15
CA MET A 28 -4.02 7.14 2.67
C MET A 28 -3.12 6.06 3.25
N ILE A 29 -3.65 5.21 4.10
CA ILE A 29 -2.83 4.12 4.72
C ILE A 29 -3.58 2.81 4.49
N ALA A 30 -2.87 1.75 4.14
CA ALA A 30 -3.56 0.46 3.89
C ALA A 30 -2.67 -0.71 4.27
N GLU A 31 -3.24 -1.73 4.86
CA GLU A 31 -2.45 -2.92 5.25
C GLU A 31 -2.29 -3.80 4.00
N ILE A 32 -1.10 -4.26 3.73
CA ILE A 32 -0.85 -5.11 2.53
C ILE A 32 -0.42 -6.51 2.96
N GLU A 33 -0.79 -7.52 2.20
CA GLU A 33 -0.41 -8.92 2.52
C GLU A 33 0.27 -9.55 1.31
N ALA A 34 1.58 -9.60 1.32
CA ALA A 34 2.33 -10.19 0.16
C ALA A 34 3.50 -11.03 0.67
N CYS A 35 4.46 -11.28 -0.18
CA CYS A 35 5.64 -12.10 0.24
C CYS A 35 6.87 -11.64 -0.55
N ARG A 36 6.67 -10.88 -1.58
CA ARG A 36 7.83 -10.40 -2.38
C ARG A 36 8.56 -9.29 -1.61
N LEU A 37 7.82 -8.51 -0.85
CA LEU A 37 8.45 -7.41 -0.07
C LEU A 37 9.44 -6.65 -0.95
N ARG A 38 9.29 -6.73 -2.24
CA ARG A 38 10.20 -5.99 -3.15
C ARG A 38 9.63 -4.59 -3.43
N LEU A 39 8.67 -4.18 -2.65
CA LEU A 39 8.06 -2.84 -2.86
C LEU A 39 9.12 -1.76 -2.61
N ARG A 40 8.87 -0.56 -3.04
CA ARG A 40 9.86 0.53 -2.83
C ARG A 40 9.16 1.88 -2.98
N GLU A 41 9.80 2.93 -2.54
CA GLU A 41 9.17 4.28 -2.66
C GLU A 41 9.08 4.68 -4.13
N GLY A 42 8.04 5.36 -4.51
CA GLY A 42 7.89 5.79 -5.94
C GLY A 42 7.23 4.66 -6.74
N ASP A 43 6.70 3.67 -6.08
CA ASP A 43 6.05 2.55 -6.82
C ASP A 43 4.68 3.00 -7.34
N LYS A 44 4.39 2.74 -8.58
CA LYS A 44 3.08 3.17 -9.16
C LYS A 44 2.08 2.01 -9.05
N LEU A 45 1.04 2.18 -8.28
CA LEU A 45 0.02 1.09 -8.13
C LEU A 45 -1.21 1.40 -9.00
N THR A 46 -1.43 0.63 -10.03
CA THR A 46 -2.60 0.88 -10.92
C THR A 46 -3.79 0.04 -10.42
N PRO A 47 -5.00 0.51 -10.62
CA PRO A 47 -6.23 -0.22 -10.17
C PRO A 47 -6.52 -1.44 -11.05
N LEU A 48 -6.78 -2.58 -10.45
CA LEU A 48 -7.07 -3.80 -11.27
C LEU A 48 -8.55 -3.78 -11.69
N ALA A 49 -9.44 -3.94 -10.75
CA ALA A 49 -10.89 -3.93 -11.11
C ALA A 49 -11.73 -3.91 -9.83
N ASP A 50 -11.65 -4.95 -9.03
CA ASP A 50 -12.47 -4.99 -7.78
C ASP A 50 -11.78 -4.17 -6.69
N ALA A 51 -10.50 -4.35 -6.51
CA ALA A 51 -9.77 -3.58 -5.45
C ALA A 51 -8.29 -3.90 -5.51
N ARG A 52 -7.93 -5.09 -5.93
CA ARG A 52 -6.50 -5.45 -6.00
C ARG A 52 -5.72 -4.36 -6.74
N TYR A 53 -4.42 -4.42 -6.73
CA TYR A 53 -3.60 -3.39 -7.43
C TYR A 53 -2.35 -4.05 -8.02
N CYS A 54 -1.87 -3.54 -9.13
CA CYS A 54 -0.65 -4.12 -9.77
C CYS A 54 0.47 -3.06 -9.76
N LEU A 55 1.61 -3.39 -9.20
CA LEU A 55 2.72 -2.40 -9.16
C LEU A 55 3.60 -2.55 -10.40
N ASN A 56 4.16 -1.46 -10.86
CA ASN A 56 5.04 -1.52 -12.08
C ASN A 56 4.22 -1.96 -13.29
N ASN A 57 2.93 -1.80 -13.24
CA ASN A 57 2.08 -2.21 -14.40
C ASN A 57 2.41 -3.64 -14.82
N ASN A 58 2.58 -4.52 -13.87
CA ASN A 58 2.89 -5.96 -14.18
C ASN A 58 1.95 -6.86 -13.38
N PRO A 59 0.82 -7.24 -13.93
CA PRO A 59 -0.16 -8.12 -13.22
C PRO A 59 0.49 -9.32 -12.52
N THR A 60 1.76 -9.51 -12.71
CA THR A 60 2.44 -10.66 -12.04
C THR A 60 2.74 -10.27 -10.59
N GLN A 61 3.21 -9.06 -10.38
CA GLN A 61 3.52 -8.61 -8.99
C GLN A 61 2.29 -7.90 -8.41
N THR A 62 1.19 -8.60 -8.26
CA THR A 62 -0.04 -7.96 -7.71
C THR A 62 -0.14 -8.25 -6.21
N LEU A 63 -1.04 -7.59 -5.53
CA LEU A 63 -1.20 -7.81 -4.07
C LEU A 63 -2.65 -7.55 -3.67
N LYS A 64 -3.01 -7.90 -2.45
CA LYS A 64 -4.42 -7.69 -1.99
C LYS A 64 -4.44 -6.77 -0.77
N ILE A 65 -5.34 -5.82 -0.73
CA ILE A 65 -5.42 -4.90 0.43
C ILE A 65 -6.25 -5.54 1.53
N ARG A 66 -5.84 -5.40 2.76
CA ARG A 66 -6.61 -6.00 3.89
C ARG A 66 -7.53 -4.92 4.46
N ASN A 67 -7.14 -3.67 4.38
CA ASN A 67 -7.99 -2.57 4.91
C ASN A 67 -7.39 -1.21 4.54
N ALA A 68 -7.94 -0.55 3.56
CA ALA A 68 -7.42 0.79 3.16
C ALA A 68 -8.00 1.85 4.11
N THR A 69 -7.29 2.93 4.31
CA THR A 69 -7.81 4.00 5.21
C THR A 69 -7.41 5.37 4.66
N HIS A 70 -8.26 6.35 4.82
CA HIS A 70 -7.93 7.71 4.28
C HIS A 70 -6.90 8.39 5.19
N TYR A 71 -5.85 7.71 5.54
CA TYR A 71 -4.81 8.33 6.41
C TYR A 71 -5.49 8.96 7.63
N SER A 72 -6.16 8.17 8.43
CA SER A 72 -6.84 8.73 9.63
C SER A 72 -5.81 8.89 10.76
N SER A 73 -6.09 9.74 11.71
CA SER A 73 -5.13 9.94 12.82
C SER A 73 -5.07 8.69 13.69
N GLU A 74 -6.20 8.11 13.98
CA GLU A 74 -6.21 6.88 14.83
C GLU A 74 -5.39 5.78 14.15
N ARG A 75 -5.53 5.63 12.87
CA ARG A 75 -4.77 4.57 12.15
C ARG A 75 -3.28 4.93 12.13
N TRP A 76 -2.95 6.13 11.75
CA TRP A 76 -1.51 6.54 11.71
C TRP A 76 -0.94 6.54 13.13
N THR A 77 -1.74 6.84 14.11
CA THR A 77 -1.24 6.87 15.51
C THR A 77 -1.26 5.45 16.09
N ASN A 78 -2.19 4.63 15.65
CA ASN A 78 -2.27 3.24 16.18
C ASN A 78 -1.34 2.35 15.35
N ALA A 79 -1.01 2.76 14.16
CA ALA A 79 -0.11 1.93 13.30
C ALA A 79 1.34 2.20 13.69
N ASP A 80 1.83 3.39 13.42
CA ASP A 80 3.24 3.71 13.77
C ASP A 80 3.35 3.97 15.27
N LYS A 81 2.56 3.30 16.06
CA LYS A 81 2.61 3.50 17.53
C LYS A 81 4.06 3.33 18.01
N MET A 1 -7.52 5.37 -10.07
CA MET A 1 -6.41 5.98 -10.83
C MET A 1 -5.07 5.46 -10.30
N GLU A 2 -3.99 5.79 -10.95
CA GLU A 2 -2.66 5.31 -10.49
C GLU A 2 -2.24 6.12 -9.25
N TRP A 3 -2.00 5.44 -8.15
CA TRP A 3 -1.58 6.17 -6.91
C TRP A 3 -0.06 6.11 -6.78
N TRP A 4 0.49 6.87 -5.86
CA TRP A 4 1.98 6.87 -5.67
C TRP A 4 2.30 6.49 -4.22
N VAL A 5 3.22 5.58 -4.02
CA VAL A 5 3.56 5.17 -2.63
C VAL A 5 4.44 6.24 -1.98
N LYS A 6 4.18 6.54 -0.74
CA LYS A 6 5.00 7.58 -0.01
C LYS A 6 5.99 6.86 0.91
N LYS A 7 5.55 5.81 1.57
CA LYS A 7 6.45 5.06 2.49
C LYS A 7 6.00 3.60 2.54
N VAL A 8 6.83 2.72 3.04
CA VAL A 8 6.44 1.28 3.11
C VAL A 8 7.26 0.57 4.18
N GLN A 9 6.67 -0.38 4.86
CA GLN A 9 7.40 -1.14 5.92
C GLN A 9 7.25 -2.64 5.65
N ASP A 10 8.34 -3.35 5.65
CA ASP A 10 8.27 -4.82 5.38
C ASP A 10 7.32 -5.47 6.37
N ASN A 11 7.03 -6.74 6.19
CA ASN A 11 6.10 -7.44 7.13
C ASN A 11 6.82 -7.69 8.46
N ALA A 12 7.41 -6.68 9.02
CA ALA A 12 8.12 -6.87 10.31
C ALA A 12 7.20 -7.56 11.31
N SER A 13 5.93 -7.62 11.02
CA SER A 13 4.98 -8.29 11.96
C SER A 13 5.02 -9.81 11.74
N ALA A 14 4.97 -10.22 10.50
CA ALA A 14 5.02 -11.69 10.20
C ALA A 14 4.66 -11.89 8.72
N SER A 15 3.68 -11.19 8.23
CA SER A 15 3.28 -11.34 6.81
C SER A 15 2.32 -10.21 6.43
N LEU A 16 2.50 -9.04 7.00
CA LEU A 16 1.60 -7.89 6.69
C LEU A 16 2.43 -6.63 6.55
N CYS A 17 2.59 -6.13 5.35
CA CYS A 17 3.38 -4.88 5.14
C CYS A 17 2.42 -3.70 5.09
N ARG A 18 2.87 -2.54 5.49
CA ARG A 18 1.99 -1.33 5.47
C ARG A 18 2.52 -0.33 4.44
N VAL A 19 1.67 0.22 3.63
CA VAL A 19 2.12 1.21 2.59
C VAL A 19 1.26 2.47 2.65
N VAL A 20 1.89 3.61 2.60
CA VAL A 20 1.11 4.90 2.64
C VAL A 20 0.95 5.39 1.20
N LEU A 21 -0.26 5.40 0.70
CA LEU A 21 -0.49 5.85 -0.70
C LEU A 21 -0.90 7.33 -0.70
N GLN A 22 -0.73 8.01 -1.79
CA GLN A 22 -1.11 9.45 -1.85
C GLN A 22 -1.57 9.82 -3.26
N SER A 23 -2.45 10.77 -3.37
CA SER A 23 -2.96 11.17 -4.71
C SER A 23 -3.57 12.58 -4.63
N GLY A 24 -3.51 13.32 -5.70
CA GLY A 24 -4.09 14.69 -5.68
C GLY A 24 -3.47 15.50 -4.54
N ALA A 25 -4.07 15.46 -3.38
CA ALA A 25 -3.53 16.23 -2.23
C ALA A 25 -3.97 15.56 -0.92
N LEU A 26 -4.16 14.27 -0.94
CA LEU A 26 -4.60 13.54 0.28
C LEU A 26 -3.74 12.28 0.44
N GLU A 27 -3.41 11.92 1.65
CA GLU A 27 -2.58 10.70 1.89
C GLU A 27 -3.49 9.55 2.34
N MET A 28 -3.03 8.33 2.23
CA MET A 28 -3.88 7.19 2.65
C MET A 28 -2.99 6.08 3.23
N ILE A 29 -3.55 5.24 4.07
CA ILE A 29 -2.76 4.13 4.68
C ILE A 29 -3.52 2.82 4.43
N ALA A 30 -2.83 1.77 4.10
CA ALA A 30 -3.54 0.48 3.83
C ALA A 30 -2.67 -0.71 4.24
N GLU A 31 -3.28 -1.70 4.84
CA GLU A 31 -2.51 -2.90 5.24
C GLU A 31 -2.37 -3.81 4.02
N ILE A 32 -1.18 -4.29 3.77
CA ILE A 32 -0.93 -5.17 2.58
C ILE A 32 -0.57 -6.58 3.05
N GLU A 33 -0.96 -7.58 2.29
CA GLU A 33 -0.64 -9.00 2.65
C GLU A 33 -0.01 -9.68 1.43
N ALA A 34 1.29 -9.79 1.40
CA ALA A 34 1.97 -10.43 0.24
C ALA A 34 3.12 -11.32 0.74
N CYS A 35 4.06 -11.63 -0.12
CA CYS A 35 5.20 -12.49 0.28
C CYS A 35 6.45 -12.04 -0.48
N ARG A 36 6.29 -11.26 -1.51
CA ARG A 36 7.46 -10.79 -2.29
C ARG A 36 8.19 -9.71 -1.50
N LEU A 37 7.47 -8.92 -0.76
CA LEU A 37 8.11 -7.85 0.05
C LEU A 37 9.14 -7.09 -0.80
N ARG A 38 9.02 -7.19 -2.11
CA ARG A 38 9.99 -6.50 -3.01
C ARG A 38 9.45 -5.10 -3.33
N LEU A 39 8.55 -4.60 -2.53
CA LEU A 39 7.99 -3.25 -2.79
C LEU A 39 9.11 -2.21 -2.67
N ARG A 40 8.87 -1.01 -3.14
CA ARG A 40 9.93 0.04 -3.03
C ARG A 40 9.26 1.42 -3.09
N GLU A 41 9.98 2.44 -2.74
CA GLU A 41 9.40 3.81 -2.76
C GLU A 41 9.30 4.30 -4.21
N GLY A 42 8.31 5.08 -4.53
CA GLY A 42 8.17 5.59 -5.92
C GLY A 42 7.44 4.56 -6.78
N ASP A 43 6.86 3.56 -6.17
CA ASP A 43 6.14 2.51 -6.97
C ASP A 43 4.76 3.03 -7.36
N LYS A 44 4.36 2.81 -8.59
CA LYS A 44 3.01 3.29 -9.04
C LYS A 44 2.02 2.13 -8.98
N LEU A 45 1.00 2.26 -8.17
CA LEU A 45 -0.02 1.16 -8.06
C LEU A 45 -1.20 1.47 -8.98
N THR A 46 -1.37 0.70 -10.02
CA THR A 46 -2.50 0.94 -10.97
C THR A 46 -3.73 0.12 -10.50
N PRO A 47 -4.92 0.60 -10.77
CA PRO A 47 -6.17 -0.12 -10.36
C PRO A 47 -6.43 -1.37 -11.22
N LEU A 48 -6.61 -2.50 -10.60
CA LEU A 48 -6.87 -3.74 -11.39
C LEU A 48 -8.34 -3.79 -11.80
N ALA A 49 -9.22 -3.93 -10.83
CA ALA A 49 -10.68 -3.98 -11.17
C ALA A 49 -11.50 -3.97 -9.88
N ASP A 50 -11.64 -5.10 -9.24
CA ASP A 50 -12.44 -5.15 -7.98
C ASP A 50 -11.75 -4.34 -6.89
N ALA A 51 -10.46 -4.52 -6.72
CA ALA A 51 -9.74 -3.75 -5.67
C ALA A 51 -8.24 -4.08 -5.74
N ARG A 52 -7.89 -5.24 -6.21
CA ARG A 52 -6.44 -5.60 -6.30
C ARG A 52 -5.66 -4.45 -6.93
N TYR A 53 -4.36 -4.49 -6.83
CA TYR A 53 -3.52 -3.40 -7.42
C TYR A 53 -2.21 -4.00 -7.95
N CYS A 54 -1.73 -3.50 -9.07
CA CYS A 54 -0.46 -4.03 -9.66
C CYS A 54 0.62 -2.94 -9.57
N LEU A 55 1.73 -3.25 -8.95
CA LEU A 55 2.82 -2.22 -8.84
C LEU A 55 3.77 -2.33 -10.03
N ASN A 56 4.33 -1.23 -10.45
CA ASN A 56 5.27 -1.25 -11.61
C ASN A 56 4.53 -1.69 -12.87
N ASN A 57 3.23 -1.57 -12.89
CA ASN A 57 2.46 -1.97 -14.10
C ASN A 57 2.83 -3.39 -14.52
N ASN A 58 2.98 -4.29 -13.58
CA ASN A 58 3.34 -5.71 -13.91
C ASN A 58 2.38 -6.66 -13.16
N PRO A 59 1.29 -7.05 -13.77
CA PRO A 59 0.28 -7.95 -13.13
C PRO A 59 0.93 -9.14 -12.40
N THR A 60 2.22 -9.32 -12.56
CA THR A 60 2.89 -10.46 -11.87
C THR A 60 3.12 -10.09 -10.40
N GLN A 61 3.51 -8.87 -10.15
CA GLN A 61 3.75 -8.41 -8.74
C GLN A 61 2.48 -7.76 -8.21
N THR A 62 1.40 -8.48 -8.12
CA THR A 62 0.13 -7.87 -7.61
C THR A 62 -0.02 -8.19 -6.13
N LEU A 63 -0.98 -7.57 -5.48
CA LEU A 63 -1.18 -7.82 -4.02
C LEU A 63 -2.64 -7.58 -3.65
N LYS A 64 -3.02 -7.91 -2.44
CA LYS A 64 -4.44 -7.71 -1.99
C LYS A 64 -4.47 -6.75 -0.80
N ILE A 65 -5.40 -5.83 -0.79
CA ILE A 65 -5.49 -4.86 0.34
C ILE A 65 -6.33 -5.48 1.46
N ARG A 66 -5.91 -5.30 2.68
CA ARG A 66 -6.69 -5.86 3.83
C ARG A 66 -7.59 -4.77 4.40
N ASN A 67 -7.18 -3.53 4.30
CA ASN A 67 -8.01 -2.41 4.83
C ASN A 67 -7.39 -1.06 4.45
N ALA A 68 -7.92 -0.40 3.45
CA ALA A 68 -7.37 0.93 3.06
C ALA A 68 -7.86 1.99 4.04
N THR A 69 -7.14 3.07 4.19
CA THR A 69 -7.57 4.15 5.13
C THR A 69 -7.14 5.52 4.58
N HIS A 70 -7.92 6.54 4.81
CA HIS A 70 -7.56 7.89 4.29
C HIS A 70 -6.57 8.55 5.24
N TYR A 71 -5.51 7.87 5.59
CA TYR A 71 -4.50 8.48 6.51
C TYR A 71 -5.22 9.05 7.74
N SER A 72 -6.04 8.26 8.38
CA SER A 72 -6.77 8.76 9.58
C SER A 72 -5.80 8.83 10.77
N SER A 73 -6.05 9.72 11.69
CA SER A 73 -5.14 9.83 12.86
C SER A 73 -5.23 8.55 13.71
N GLU A 74 -6.23 7.76 13.47
CA GLU A 74 -6.38 6.49 14.25
C GLU A 74 -5.42 5.43 13.71
N ARG A 75 -5.38 5.25 12.42
CA ARG A 75 -4.47 4.24 11.83
C ARG A 75 -3.04 4.80 11.76
N TRP A 76 -2.92 6.08 11.52
CA TRP A 76 -1.56 6.69 11.43
C TRP A 76 -0.89 6.65 12.81
N THR A 77 -1.61 7.03 13.84
CA THR A 77 -1.00 7.01 15.20
C THR A 77 -0.89 5.56 15.70
N ASN A 78 -1.72 4.69 15.20
CA ASN A 78 -1.66 3.27 15.64
C ASN A 78 -0.64 2.52 14.78
N ALA A 79 -0.41 2.99 13.59
CA ALA A 79 0.58 2.31 12.70
C ALA A 79 1.99 2.74 13.10
N ASP A 80 2.25 4.02 13.10
CA ASP A 80 3.62 4.50 13.48
C ASP A 80 4.02 3.88 14.82
N LYS A 81 3.24 4.07 15.84
CA LYS A 81 3.59 3.48 17.17
C LYS A 81 3.64 1.96 17.04
N MET A 1 -5.05 6.67 -13.73
CA MET A 1 -5.49 5.52 -12.90
C MET A 1 -4.27 4.87 -12.24
N GLU A 2 -3.55 5.62 -11.45
CA GLU A 2 -2.34 5.05 -10.78
C GLU A 2 -2.06 5.84 -9.50
N TRP A 3 -1.76 5.15 -8.42
CA TRP A 3 -1.48 5.85 -7.14
C TRP A 3 0.04 6.01 -6.97
N TRP A 4 0.46 6.92 -6.12
CA TRP A 4 1.93 7.14 -5.89
C TRP A 4 2.25 6.87 -4.43
N VAL A 5 3.12 5.93 -4.17
CA VAL A 5 3.47 5.61 -2.76
C VAL A 5 4.37 6.71 -2.20
N LYS A 6 4.10 7.14 -0.99
CA LYS A 6 4.93 8.22 -0.35
C LYS A 6 5.91 7.57 0.63
N LYS A 7 5.52 6.50 1.24
CA LYS A 7 6.41 5.81 2.22
C LYS A 7 6.02 4.33 2.28
N VAL A 8 6.86 3.50 2.85
CA VAL A 8 6.52 2.05 2.92
C VAL A 8 7.33 1.38 4.03
N GLN A 9 6.80 0.31 4.57
CA GLN A 9 7.53 -0.42 5.65
C GLN A 9 7.37 -1.93 5.43
N ASP A 10 8.45 -2.63 5.29
CA ASP A 10 8.35 -4.10 5.05
C ASP A 10 7.54 -4.76 6.16
N ASN A 11 7.23 -6.02 6.02
CA ASN A 11 6.43 -6.72 7.07
C ASN A 11 7.34 -7.09 8.24
N ALA A 12 8.01 -6.13 8.81
CA ALA A 12 8.91 -6.43 9.95
C ALA A 12 8.11 -7.11 11.06
N SER A 13 6.81 -7.12 10.94
CA SER A 13 5.97 -7.77 11.99
C SER A 13 5.92 -9.28 11.73
N ALA A 14 5.67 -9.67 10.51
CA ALA A 14 5.61 -11.12 10.18
C ALA A 14 5.20 -11.28 8.71
N SER A 15 4.08 -10.71 8.33
CA SER A 15 3.63 -10.82 6.91
C SER A 15 2.64 -9.69 6.61
N LEU A 16 2.91 -8.51 7.11
CA LEU A 16 1.99 -7.36 6.85
C LEU A 16 2.81 -6.10 6.57
N CYS A 17 2.96 -5.74 5.32
CA CYS A 17 3.74 -4.51 4.98
C CYS A 17 2.77 -3.34 4.93
N ARG A 18 3.24 -2.14 5.22
CA ARG A 18 2.34 -0.95 5.18
C ARG A 18 2.78 -0.01 4.05
N VAL A 19 1.84 0.66 3.43
CA VAL A 19 2.21 1.58 2.31
C VAL A 19 1.33 2.83 2.36
N VAL A 20 1.92 3.98 2.19
CA VAL A 20 1.12 5.25 2.19
C VAL A 20 0.87 5.65 0.74
N LEU A 21 -0.36 5.64 0.30
CA LEU A 21 -0.65 6.00 -1.12
C LEU A 21 -1.05 7.47 -1.22
N GLN A 22 -0.36 8.22 -2.07
CA GLN A 22 -0.66 9.66 -2.23
C GLN A 22 -1.50 9.86 -3.51
N SER A 23 -2.30 10.90 -3.55
CA SER A 23 -3.13 11.15 -4.76
C SER A 23 -3.25 12.65 -4.99
N GLY A 24 -2.44 13.19 -5.86
CA GLY A 24 -2.51 14.66 -6.14
C GLY A 24 -1.96 15.43 -4.95
N ALA A 25 -2.54 15.26 -3.79
CA ALA A 25 -2.05 15.99 -2.58
C ALA A 25 -2.52 15.26 -1.32
N LEU A 26 -3.67 14.67 -1.36
CA LEU A 26 -4.18 13.95 -0.15
C LEU A 26 -3.27 12.75 0.12
N GLU A 27 -3.46 12.09 1.25
CA GLU A 27 -2.61 10.90 1.58
C GLU A 27 -3.48 9.81 2.20
N MET A 28 -3.12 8.58 1.99
CA MET A 28 -3.92 7.44 2.56
C MET A 28 -2.97 6.37 3.09
N ILE A 29 -3.44 5.52 3.98
CA ILE A 29 -2.58 4.44 4.55
C ILE A 29 -3.32 3.12 4.36
N ALA A 30 -2.62 2.06 4.03
CA ALA A 30 -3.31 0.76 3.82
C ALA A 30 -2.39 -0.41 4.21
N GLU A 31 -2.94 -1.36 4.93
CA GLU A 31 -2.12 -2.54 5.32
C GLU A 31 -2.06 -3.49 4.13
N ILE A 32 -0.89 -4.01 3.84
CA ILE A 32 -0.72 -4.93 2.68
C ILE A 32 -0.37 -6.34 3.17
N GLU A 33 -0.81 -7.35 2.47
CA GLU A 33 -0.52 -8.77 2.86
C GLU A 33 -0.01 -9.52 1.63
N ALA A 34 1.28 -9.67 1.51
CA ALA A 34 1.86 -10.38 0.33
C ALA A 34 2.98 -11.33 0.79
N CYS A 35 3.84 -11.73 -0.11
CA CYS A 35 4.95 -12.65 0.26
C CYS A 35 6.20 -12.27 -0.54
N ARG A 36 6.03 -11.51 -1.59
CA ARG A 36 7.21 -11.10 -2.41
C ARG A 36 8.04 -10.09 -1.62
N LEU A 37 7.40 -9.25 -0.86
CA LEU A 37 8.15 -8.24 -0.05
C LEU A 37 9.23 -7.59 -0.91
N ARG A 38 8.86 -6.73 -1.82
CA ARG A 38 9.87 -6.06 -2.68
C ARG A 38 9.34 -4.69 -3.12
N LEU A 39 8.46 -4.11 -2.35
CA LEU A 39 7.92 -2.78 -2.73
C LEU A 39 8.98 -1.71 -2.46
N ARG A 40 8.79 -0.52 -2.97
CA ARG A 40 9.79 0.56 -2.74
C ARG A 40 9.13 1.92 -2.96
N GLU A 41 9.84 2.99 -2.68
CA GLU A 41 9.24 4.34 -2.86
C GLU A 41 9.13 4.65 -4.36
N GLY A 42 8.17 5.45 -4.74
CA GLY A 42 8.01 5.79 -6.18
C GLY A 42 7.29 4.65 -6.90
N ASP A 43 6.73 3.73 -6.17
CA ASP A 43 6.00 2.61 -6.81
C ASP A 43 4.64 3.10 -7.32
N LYS A 44 4.28 2.70 -8.52
CA LYS A 44 2.96 3.12 -9.10
C LYS A 44 1.97 1.97 -9.00
N LEU A 45 1.01 2.06 -8.12
CA LEU A 45 0.01 0.96 -7.96
C LEU A 45 -1.20 1.23 -8.86
N THR A 46 -1.39 0.45 -9.90
CA THR A 46 -2.55 0.66 -10.81
C THR A 46 -3.75 -0.15 -10.29
N PRO A 47 -4.96 0.29 -10.54
CA PRO A 47 -6.19 -0.42 -10.08
C PRO A 47 -6.48 -1.66 -10.93
N LEU A 48 -6.79 -2.77 -10.31
CA LEU A 48 -7.09 -4.00 -11.10
C LEU A 48 -8.57 -3.99 -11.52
N ALA A 49 -9.46 -4.05 -10.58
CA ALA A 49 -10.91 -4.04 -10.94
C ALA A 49 -11.76 -4.02 -9.66
N ASP A 50 -11.71 -5.06 -8.88
CA ASP A 50 -12.52 -5.10 -7.63
C ASP A 50 -11.84 -4.27 -6.54
N ALA A 51 -10.56 -4.45 -6.36
CA ALA A 51 -9.84 -3.67 -5.31
C ALA A 51 -8.34 -4.00 -5.37
N ARG A 52 -8.00 -5.18 -5.80
CA ARG A 52 -6.56 -5.55 -5.87
C ARG A 52 -5.78 -4.43 -6.58
N TYR A 53 -4.49 -4.51 -6.58
CA TYR A 53 -3.67 -3.45 -7.25
C TYR A 53 -2.40 -4.08 -7.83
N CYS A 54 -1.96 -3.61 -8.97
CA CYS A 54 -0.72 -4.17 -9.62
C CYS A 54 0.39 -3.12 -9.55
N LEU A 55 1.53 -3.47 -9.02
CA LEU A 55 2.65 -2.48 -8.92
C LEU A 55 3.51 -2.57 -10.18
N ASN A 56 4.07 -1.46 -10.60
CA ASN A 56 4.94 -1.45 -11.82
C ASN A 56 4.10 -1.87 -13.04
N ASN A 57 2.81 -1.81 -12.93
CA ASN A 57 1.94 -2.20 -14.08
C ASN A 57 2.30 -3.61 -14.56
N ASN A 58 2.53 -4.52 -13.65
CA ASN A 58 2.87 -5.93 -14.04
C ASN A 58 1.98 -6.90 -13.24
N PRO A 59 0.86 -7.32 -13.80
CA PRO A 59 -0.08 -8.25 -13.11
C PRO A 59 0.63 -9.45 -12.46
N THR A 60 1.92 -9.57 -12.66
CA THR A 60 2.65 -10.71 -12.05
C THR A 60 3.04 -10.35 -10.61
N GLN A 61 2.90 -9.10 -10.25
CA GLN A 61 3.24 -8.65 -8.86
C GLN A 61 2.04 -7.93 -8.24
N THR A 62 0.94 -8.61 -8.06
CA THR A 62 -0.26 -7.94 -7.47
C THR A 62 -0.31 -8.22 -5.98
N LEU A 63 -1.21 -7.58 -5.27
CA LEU A 63 -1.29 -7.79 -3.80
C LEU A 63 -2.72 -7.52 -3.32
N LYS A 64 -3.09 -8.04 -2.17
CA LYS A 64 -4.47 -7.83 -1.64
C LYS A 64 -4.42 -6.81 -0.51
N ILE A 65 -5.33 -5.87 -0.51
CA ILE A 65 -5.34 -4.84 0.56
C ILE A 65 -6.02 -5.41 1.79
N ARG A 66 -5.48 -5.15 2.95
CA ARG A 66 -6.12 -5.66 4.21
C ARG A 66 -7.09 -4.61 4.74
N ASN A 67 -6.74 -3.35 4.60
CA ASN A 67 -7.65 -2.27 5.09
C ASN A 67 -7.10 -0.90 4.67
N ALA A 68 -7.70 -0.26 3.71
CA ALA A 68 -7.23 1.08 3.29
C ALA A 68 -7.77 2.15 4.24
N THR A 69 -7.07 3.24 4.39
CA THR A 69 -7.56 4.32 5.32
C THR A 69 -7.18 5.69 4.74
N HIS A 70 -8.04 6.66 4.88
CA HIS A 70 -7.74 8.01 4.34
C HIS A 70 -6.69 8.69 5.22
N TYR A 71 -5.61 8.02 5.51
CA TYR A 71 -4.55 8.63 6.36
C TYR A 71 -5.19 9.20 7.63
N SER A 72 -5.86 8.38 8.39
CA SER A 72 -6.50 8.89 9.64
C SER A 72 -5.48 8.85 10.79
N SER A 73 -5.45 9.87 11.59
CA SER A 73 -4.47 9.90 12.71
C SER A 73 -4.69 8.67 13.61
N GLU A 74 -5.84 8.06 13.51
CA GLU A 74 -6.11 6.86 14.34
C GLU A 74 -5.41 5.64 13.74
N ARG A 75 -5.49 5.49 12.45
CA ARG A 75 -4.84 4.31 11.80
C ARG A 75 -3.32 4.38 12.03
N TRP A 76 -2.71 5.49 11.73
CA TRP A 76 -1.23 5.60 11.93
C TRP A 76 -0.90 5.36 13.40
N THR A 77 -1.60 5.99 14.29
CA THR A 77 -1.32 5.79 15.74
C THR A 77 -1.79 4.40 16.18
N ASN A 78 -2.74 3.84 15.49
CA ASN A 78 -3.23 2.49 15.86
C ASN A 78 -2.37 1.42 15.17
N ALA A 79 -1.69 1.79 14.12
CA ALA A 79 -0.82 0.81 13.41
C ALA A 79 0.57 0.78 14.07
N ASP A 80 1.23 1.89 14.12
CA ASP A 80 2.57 1.93 14.75
C ASP A 80 2.52 1.25 16.12
N LYS A 81 1.33 1.01 16.62
CA LYS A 81 1.21 0.36 17.96
C LYS A 81 -0.22 -0.16 18.13
N MET A 1 -7.67 5.42 -10.64
CA MET A 1 -6.55 6.08 -11.37
C MET A 1 -5.21 5.56 -10.84
N GLU A 2 -4.13 6.01 -11.40
CA GLU A 2 -2.80 5.52 -10.93
C GLU A 2 -2.44 6.23 -9.62
N TRP A 3 -2.16 5.46 -8.59
CA TRP A 3 -1.80 6.06 -7.27
C TRP A 3 -0.28 6.11 -7.13
N TRP A 4 0.21 6.69 -6.06
CA TRP A 4 1.69 6.76 -5.85
C TRP A 4 2.00 6.48 -4.38
N VAL A 5 2.88 5.55 -4.11
CA VAL A 5 3.21 5.23 -2.69
C VAL A 5 4.07 6.35 -2.10
N LYS A 6 3.80 6.73 -0.87
CA LYS A 6 4.59 7.81 -0.20
C LYS A 6 5.53 7.18 0.83
N LYS A 7 5.09 6.13 1.46
CA LYS A 7 5.94 5.45 2.48
C LYS A 7 5.55 3.97 2.55
N VAL A 8 6.36 3.16 3.17
CA VAL A 8 6.01 1.71 3.26
C VAL A 8 6.84 1.04 4.37
N GLN A 9 6.32 -0.03 4.93
CA GLN A 9 7.05 -0.76 6.01
C GLN A 9 6.95 -2.26 5.74
N ASP A 10 8.06 -2.95 5.76
CA ASP A 10 8.03 -4.42 5.51
C ASP A 10 7.07 -5.10 6.49
N ASN A 11 6.82 -6.36 6.31
CA ASN A 11 5.90 -7.09 7.23
C ASN A 11 6.61 -7.39 8.55
N ALA A 12 7.04 -6.37 9.24
CA ALA A 12 7.75 -6.60 10.52
C ALA A 12 6.78 -7.20 11.56
N SER A 13 5.51 -7.25 11.22
CA SER A 13 4.53 -7.82 12.18
C SER A 13 4.55 -9.35 12.07
N ALA A 14 4.52 -9.87 10.87
CA ALA A 14 4.53 -11.35 10.69
C ALA A 14 4.27 -11.65 9.21
N SER A 15 3.32 -10.99 8.61
CA SER A 15 3.00 -11.23 7.18
C SER A 15 2.08 -10.13 6.67
N LEU A 16 2.21 -8.94 7.21
CA LEU A 16 1.33 -7.80 6.78
C LEU A 16 2.20 -6.54 6.61
N CYS A 17 2.33 -6.04 5.42
CA CYS A 17 3.14 -4.81 5.20
C CYS A 17 2.20 -3.61 5.17
N ARG A 18 2.67 -2.46 5.55
CA ARG A 18 1.81 -1.23 5.55
C ARG A 18 2.25 -0.32 4.41
N VAL A 19 1.33 0.34 3.76
CA VAL A 19 1.70 1.24 2.63
C VAL A 19 0.86 2.52 2.66
N VAL A 20 1.48 3.66 2.45
CA VAL A 20 0.73 4.94 2.43
C VAL A 20 0.52 5.34 0.98
N LEU A 21 -0.70 5.36 0.52
CA LEU A 21 -0.96 5.73 -0.91
C LEU A 21 -1.32 7.21 -1.01
N GLN A 22 -0.59 7.96 -1.80
CA GLN A 22 -0.87 9.42 -1.96
C GLN A 22 -1.61 9.65 -3.27
N SER A 23 -2.44 10.67 -3.33
CA SER A 23 -3.20 10.96 -4.57
C SER A 23 -3.29 12.47 -4.78
N GLY A 24 -2.45 13.02 -5.60
CA GLY A 24 -2.48 14.50 -5.85
C GLY A 24 -1.95 15.23 -4.62
N ALA A 25 -2.57 15.03 -3.49
CA ALA A 25 -2.10 15.73 -2.25
C ALA A 25 -2.61 14.99 -1.02
N LEU A 26 -3.79 14.43 -1.11
CA LEU A 26 -4.35 13.69 0.06
C LEU A 26 -3.47 12.48 0.37
N GLU A 27 -3.71 11.81 1.46
CA GLU A 27 -2.89 10.62 1.82
C GLU A 27 -3.78 9.56 2.48
N MET A 28 -3.46 8.30 2.31
CA MET A 28 -4.29 7.22 2.92
C MET A 28 -3.38 6.08 3.38
N ILE A 29 -3.75 5.42 4.45
CA ILE A 29 -2.93 4.27 4.97
C ILE A 29 -3.72 2.98 4.76
N ALA A 30 -3.06 1.91 4.44
CA ALA A 30 -3.79 0.63 4.20
C ALA A 30 -2.93 -0.56 4.63
N GLU A 31 -3.54 -1.57 5.20
CA GLU A 31 -2.78 -2.77 5.62
C GLU A 31 -2.68 -3.72 4.42
N ILE A 32 -1.48 -4.11 4.05
CA ILE A 32 -1.29 -5.00 2.87
C ILE A 32 -0.81 -6.38 3.33
N GLU A 33 -1.21 -7.40 2.60
CA GLU A 33 -0.80 -8.80 2.93
C GLU A 33 -0.07 -9.40 1.71
N ALA A 34 1.20 -9.66 1.83
CA ALA A 34 1.94 -10.22 0.66
C ALA A 34 3.09 -11.11 1.16
N CYS A 35 3.99 -11.45 0.27
CA CYS A 35 5.15 -12.31 0.66
C CYS A 35 6.34 -11.96 -0.22
N ARG A 36 6.12 -11.23 -1.27
CA ARG A 36 7.25 -10.85 -2.17
C ARG A 36 8.13 -9.84 -1.44
N LEU A 37 7.53 -9.04 -0.59
CA LEU A 37 8.31 -8.01 0.17
C LEU A 37 9.37 -7.37 -0.73
N ARG A 38 8.95 -6.61 -1.71
CA ARG A 38 9.92 -5.94 -2.63
C ARG A 38 9.36 -4.58 -3.06
N LEU A 39 8.48 -4.02 -2.28
CA LEU A 39 7.91 -2.70 -2.65
C LEU A 39 8.97 -1.61 -2.48
N ARG A 40 8.73 -0.44 -3.01
CA ARG A 40 9.74 0.65 -2.89
C ARG A 40 9.02 2.00 -2.96
N GLU A 41 9.69 3.06 -2.58
CA GLU A 41 9.05 4.41 -2.62
C GLU A 41 8.95 4.89 -4.06
N GLY A 42 7.92 5.62 -4.38
CA GLY A 42 7.77 6.12 -5.78
C GLY A 42 7.18 5.01 -6.66
N ASP A 43 6.72 3.94 -6.06
CA ASP A 43 6.15 2.82 -6.87
C ASP A 43 4.82 3.29 -7.47
N LYS A 44 4.62 3.02 -8.74
CA LYS A 44 3.35 3.43 -9.41
C LYS A 44 2.35 2.27 -9.35
N LEU A 45 1.22 2.49 -8.74
CA LEU A 45 0.18 1.42 -8.62
C LEU A 45 -0.99 1.74 -9.56
N THR A 46 -1.56 0.74 -10.19
CA THR A 46 -2.72 0.97 -11.12
C THR A 46 -3.82 -0.03 -10.77
N PRO A 47 -5.06 0.30 -11.06
CA PRO A 47 -6.22 -0.59 -10.76
C PRO A 47 -6.22 -1.84 -11.65
N LEU A 48 -6.22 -3.00 -11.06
CA LEU A 48 -6.23 -4.25 -11.87
C LEU A 48 -7.64 -4.50 -12.41
N ALA A 49 -8.58 -4.73 -11.54
CA ALA A 49 -9.97 -4.99 -12.01
C ALA A 49 -10.91 -5.05 -10.80
N ASP A 50 -10.80 -6.07 -9.99
CA ASP A 50 -11.69 -6.18 -8.81
C ASP A 50 -11.22 -5.23 -7.71
N ALA A 51 -9.94 -5.22 -7.43
CA ALA A 51 -9.42 -4.31 -6.36
C ALA A 51 -7.90 -4.48 -6.27
N ARG A 52 -7.38 -5.64 -6.58
CA ARG A 52 -5.91 -5.85 -6.50
C ARG A 52 -5.20 -4.72 -7.23
N TYR A 53 -4.09 -4.27 -6.70
CA TYR A 53 -3.32 -3.17 -7.35
C TYR A 53 -2.08 -3.75 -8.04
N CYS A 54 -1.81 -3.35 -9.26
CA CYS A 54 -0.61 -3.88 -9.99
C CYS A 54 0.48 -2.81 -10.01
N LEU A 55 1.67 -3.14 -9.56
CA LEU A 55 2.78 -2.14 -9.55
C LEU A 55 3.69 -2.38 -10.75
N ASN A 56 4.27 -1.34 -11.27
CA ASN A 56 5.18 -1.50 -12.45
C ASN A 56 4.40 -2.12 -13.63
N ASN A 57 3.10 -2.18 -13.51
CA ASN A 57 2.28 -2.75 -14.62
C ASN A 57 2.64 -4.23 -14.84
N ASN A 58 2.83 -4.97 -13.77
CA ASN A 58 3.18 -6.42 -13.90
C ASN A 58 2.18 -7.25 -13.06
N PRO A 59 1.10 -7.71 -13.63
CA PRO A 59 0.08 -8.50 -12.89
C PRO A 59 0.69 -9.57 -11.99
N THR A 60 1.96 -9.83 -12.13
CA THR A 60 2.62 -10.85 -11.28
C THR A 60 2.87 -10.26 -9.89
N GLN A 61 3.22 -8.99 -9.84
CA GLN A 61 3.48 -8.32 -8.53
C GLN A 61 2.23 -7.53 -8.13
N THR A 62 1.15 -8.21 -7.87
CA THR A 62 -0.10 -7.48 -7.49
C THR A 62 -0.23 -7.41 -5.97
N LEU A 63 -0.69 -6.30 -5.47
CA LEU A 63 -0.82 -6.10 -3.99
C LEU A 63 -2.30 -6.23 -3.59
N LYS A 64 -2.56 -6.91 -2.49
CA LYS A 64 -3.99 -7.08 -2.04
C LYS A 64 -4.29 -6.08 -0.91
N ILE A 65 -5.43 -5.45 -0.96
CA ILE A 65 -5.80 -4.48 0.12
C ILE A 65 -6.51 -5.21 1.25
N ARG A 66 -6.20 -4.87 2.47
CA ARG A 66 -6.86 -5.52 3.65
C ARG A 66 -7.80 -4.51 4.31
N ASN A 67 -7.47 -3.24 4.21
CA ASN A 67 -8.33 -2.19 4.82
C ASN A 67 -7.68 -0.81 4.61
N ALA A 68 -8.18 -0.03 3.70
CA ALA A 68 -7.59 1.31 3.45
C ALA A 68 -8.07 2.30 4.52
N THR A 69 -7.31 3.34 4.74
CA THR A 69 -7.72 4.35 5.77
C THR A 69 -7.33 5.75 5.27
N HIS A 70 -8.18 6.72 5.47
CA HIS A 70 -7.85 8.10 4.99
C HIS A 70 -6.76 8.71 5.89
N TYR A 71 -5.68 8.01 6.07
CA TYR A 71 -4.58 8.56 6.93
C TYR A 71 -5.17 9.06 8.24
N SER A 72 -5.82 8.21 8.99
CA SER A 72 -6.42 8.64 10.28
C SER A 72 -5.33 8.67 11.36
N SER A 73 -5.63 9.23 12.49
CA SER A 73 -4.62 9.29 13.59
C SER A 73 -4.56 7.94 14.30
N GLU A 74 -5.57 7.13 14.15
CA GLU A 74 -5.57 5.80 14.83
C GLU A 74 -4.68 4.83 14.05
N ARG A 75 -4.83 4.78 12.75
CA ARG A 75 -3.99 3.86 11.94
C ARG A 75 -2.58 4.42 11.83
N TRP A 76 -2.44 5.71 11.72
CA TRP A 76 -1.09 6.32 11.61
C TRP A 76 -0.32 6.12 12.92
N THR A 77 -0.94 6.39 14.03
CA THR A 77 -0.25 6.21 15.34
C THR A 77 -0.15 4.72 15.66
N ASN A 78 -1.09 3.94 15.19
CA ASN A 78 -1.05 2.47 15.47
C ASN A 78 -0.16 1.79 14.44
N ALA A 79 0.02 2.39 13.30
CA ALA A 79 0.88 1.77 12.26
C ALA A 79 2.35 2.04 12.58
N ASP A 80 2.77 3.27 12.55
CA ASP A 80 4.19 3.59 12.86
C ASP A 80 4.59 2.91 14.17
N LYS A 81 3.91 3.22 15.25
CA LYS A 81 4.26 2.60 16.55
C LYS A 81 3.66 1.18 16.61
N MET A 1 -4.61 6.92 -13.91
CA MET A 1 -5.11 5.72 -13.18
C MET A 1 -3.94 5.03 -12.48
N GLU A 2 -3.28 5.71 -11.59
CA GLU A 2 -2.12 5.10 -10.87
C GLU A 2 -1.83 5.88 -9.60
N TRP A 3 -1.61 5.18 -8.51
CA TRP A 3 -1.32 5.87 -7.21
C TRP A 3 0.20 5.92 -7.00
N TRP A 4 0.65 6.48 -5.90
CA TRP A 4 2.11 6.56 -5.63
C TRP A 4 2.35 6.29 -4.14
N VAL A 5 3.09 5.27 -3.82
CA VAL A 5 3.34 4.97 -2.38
C VAL A 5 4.33 5.99 -1.81
N LYS A 6 4.00 6.60 -0.70
CA LYS A 6 4.91 7.60 -0.08
C LYS A 6 5.78 6.90 0.96
N LYS A 7 5.27 5.87 1.58
CA LYS A 7 6.07 5.13 2.61
C LYS A 7 5.56 3.69 2.69
N VAL A 8 6.33 2.82 3.28
CA VAL A 8 5.90 1.39 3.39
C VAL A 8 6.72 0.68 4.46
N GLN A 9 6.16 -0.35 5.06
CA GLN A 9 6.88 -1.12 6.11
C GLN A 9 6.84 -2.61 5.77
N ASP A 10 7.98 -3.22 5.60
CA ASP A 10 8.01 -4.68 5.26
C ASP A 10 7.26 -5.47 6.34
N ASN A 11 7.06 -6.74 6.12
CA ASN A 11 6.33 -7.57 7.11
C ASN A 11 7.26 -7.87 8.30
N ALA A 12 7.63 -6.85 9.03
CA ALA A 12 8.53 -7.09 10.20
C ALA A 12 7.71 -7.66 11.36
N SER A 13 6.42 -7.68 11.23
CA SER A 13 5.56 -8.23 12.33
C SER A 13 5.40 -9.74 12.15
N ALA A 14 5.08 -10.18 10.97
CA ALA A 14 4.92 -11.65 10.72
C ALA A 14 4.46 -11.88 9.27
N SER A 15 3.31 -11.36 8.92
CA SER A 15 2.80 -11.56 7.52
C SER A 15 1.89 -10.39 7.15
N LEU A 16 2.13 -9.24 7.72
CA LEU A 16 1.29 -8.04 7.41
C LEU A 16 2.18 -6.84 7.10
N CYS A 17 1.86 -6.09 6.08
CA CYS A 17 2.67 -4.90 5.69
C CYS A 17 1.74 -3.70 5.55
N ARG A 18 2.25 -2.51 5.77
CA ARG A 18 1.40 -1.29 5.65
C ARG A 18 1.96 -0.39 4.55
N VAL A 19 1.12 0.23 3.76
CA VAL A 19 1.59 1.11 2.66
C VAL A 19 0.78 2.40 2.64
N VAL A 20 1.45 3.52 2.52
CA VAL A 20 0.73 4.82 2.46
C VAL A 20 0.55 5.21 1.00
N LEU A 21 -0.66 5.20 0.51
CA LEU A 21 -0.89 5.54 -0.93
C LEU A 21 -1.26 7.02 -1.06
N GLN A 22 -0.51 7.76 -1.84
CA GLN A 22 -0.80 9.22 -2.03
C GLN A 22 -1.49 9.43 -3.37
N SER A 23 -2.35 10.41 -3.45
CA SER A 23 -3.06 10.68 -4.74
C SER A 23 -3.28 12.19 -4.89
N GLY A 24 -2.44 12.84 -5.65
CA GLY A 24 -2.60 14.32 -5.85
C GLY A 24 -2.18 15.05 -4.57
N ALA A 25 -2.74 14.68 -3.45
CA ALA A 25 -2.37 15.36 -2.18
C ALA A 25 -2.98 14.58 -1.00
N LEU A 26 -4.12 13.97 -1.20
CA LEU A 26 -4.75 13.20 -0.09
C LEU A 26 -3.95 11.93 0.16
N GLU A 27 -3.61 11.66 1.40
CA GLU A 27 -2.84 10.43 1.73
C GLU A 27 -3.78 9.37 2.31
N MET A 28 -3.43 8.12 2.22
CA MET A 28 -4.31 7.05 2.78
C MET A 28 -3.44 5.92 3.32
N ILE A 29 -3.88 5.29 4.38
CA ILE A 29 -3.10 4.16 4.98
C ILE A 29 -3.88 2.86 4.76
N ALA A 30 -3.20 1.79 4.43
CA ALA A 30 -3.92 0.51 4.17
C ALA A 30 -3.06 -0.68 4.58
N GLU A 31 -3.66 -1.67 5.20
CA GLU A 31 -2.89 -2.88 5.59
C GLU A 31 -2.64 -3.69 4.33
N ILE A 32 -1.61 -4.51 4.32
CA ILE A 32 -1.29 -5.31 3.09
C ILE A 32 -0.93 -6.74 3.49
N GLU A 33 -1.26 -7.69 2.65
CA GLU A 33 -0.94 -9.13 2.94
C GLU A 33 -0.17 -9.71 1.75
N ALA A 34 1.12 -9.87 1.89
CA ALA A 34 1.92 -10.42 0.76
C ALA A 34 3.20 -11.07 1.30
N CYS A 35 4.19 -11.24 0.46
CA CYS A 35 5.47 -11.86 0.90
C CYS A 35 6.60 -11.39 -0.02
N ARG A 36 6.26 -10.82 -1.14
CA ARG A 36 7.31 -10.34 -2.08
C ARG A 36 7.96 -9.09 -1.51
N LEU A 37 7.19 -8.26 -0.85
CA LEU A 37 7.77 -7.01 -0.25
C LEU A 37 8.67 -6.32 -1.28
N ARG A 38 8.30 -6.37 -2.53
CA ARG A 38 9.13 -5.72 -3.59
C ARG A 38 8.67 -4.27 -3.77
N LEU A 39 7.86 -3.78 -2.87
CA LEU A 39 7.37 -2.38 -2.99
C LEU A 39 8.56 -1.43 -2.86
N ARG A 40 8.38 -0.19 -3.22
CA ARG A 40 9.49 0.80 -3.12
C ARG A 40 8.92 2.21 -3.07
N GLU A 41 9.69 3.16 -2.62
CA GLU A 41 9.18 4.56 -2.54
C GLU A 41 9.01 5.12 -3.94
N GLY A 42 7.89 5.74 -4.21
CA GLY A 42 7.67 6.33 -5.57
C GLY A 42 7.20 5.23 -6.53
N ASP A 43 6.65 4.16 -6.00
CA ASP A 43 6.18 3.06 -6.90
C ASP A 43 4.81 3.42 -7.49
N LYS A 44 4.62 3.16 -8.75
CA LYS A 44 3.31 3.48 -9.41
C LYS A 44 2.41 2.23 -9.38
N LEU A 45 1.36 2.28 -8.59
CA LEU A 45 0.43 1.12 -8.49
C LEU A 45 -0.80 1.37 -9.36
N THR A 46 -0.99 0.60 -10.40
CA THR A 46 -2.18 0.79 -11.28
C THR A 46 -3.36 -0.01 -10.69
N PRO A 47 -4.58 0.44 -10.89
CA PRO A 47 -5.78 -0.28 -10.37
C PRO A 47 -6.12 -1.53 -11.20
N LEU A 48 -6.46 -2.62 -10.55
CA LEU A 48 -6.81 -3.85 -11.31
C LEU A 48 -8.29 -3.81 -11.69
N ALA A 49 -9.16 -4.04 -10.75
CA ALA A 49 -10.62 -4.01 -11.05
C ALA A 49 -11.42 -4.09 -9.76
N ASP A 50 -11.21 -5.10 -8.96
CA ASP A 50 -11.96 -5.23 -7.69
C ASP A 50 -11.30 -4.36 -6.61
N ALA A 51 -10.00 -4.42 -6.49
CA ALA A 51 -9.30 -3.59 -5.46
C ALA A 51 -7.80 -3.81 -5.58
N ARG A 52 -7.37 -5.01 -5.83
CA ARG A 52 -5.91 -5.26 -5.96
C ARG A 52 -5.30 -4.27 -6.94
N TYR A 53 -4.00 -4.08 -6.88
CA TYR A 53 -3.33 -3.12 -7.81
C TYR A 53 -2.18 -3.82 -8.52
N CYS A 54 -1.56 -3.15 -9.46
CA CYS A 54 -0.42 -3.76 -10.21
C CYS A 54 0.71 -2.73 -10.31
N LEU A 55 1.88 -3.06 -9.82
CA LEU A 55 3.00 -2.08 -9.88
C LEU A 55 3.79 -2.28 -11.18
N ASN A 56 4.28 -1.22 -11.75
CA ASN A 56 5.05 -1.34 -13.02
C ASN A 56 4.18 -2.00 -14.09
N ASN A 57 2.90 -2.08 -13.85
CA ASN A 57 1.98 -2.71 -14.86
C ASN A 57 2.39 -4.17 -15.11
N ASN A 58 2.72 -4.90 -14.08
CA ASN A 58 3.10 -6.34 -14.24
C ASN A 58 2.23 -7.18 -13.30
N PRO A 59 1.07 -7.62 -13.75
CA PRO A 59 0.13 -8.44 -12.91
C PRO A 59 0.84 -9.54 -12.13
N THR A 60 2.10 -9.77 -12.39
CA THR A 60 2.84 -10.82 -11.65
C THR A 60 3.25 -10.29 -10.28
N GLN A 61 3.19 -8.98 -10.11
CA GLN A 61 3.57 -8.35 -8.81
C GLN A 61 2.41 -7.46 -8.34
N THR A 62 1.29 -8.03 -8.02
CA THR A 62 0.12 -7.20 -7.59
C THR A 62 0.07 -7.12 -6.06
N LEU A 63 -0.86 -6.37 -5.53
CA LEU A 63 -0.94 -6.20 -4.04
C LEU A 63 -2.42 -6.30 -3.61
N LYS A 64 -2.68 -6.90 -2.48
CA LYS A 64 -4.08 -7.04 -1.99
C LYS A 64 -4.28 -6.19 -0.73
N ILE A 65 -5.30 -5.36 -0.72
CA ILE A 65 -5.54 -4.49 0.48
C ILE A 65 -6.50 -5.20 1.43
N ARG A 66 -6.30 -5.05 2.71
CA ARG A 66 -7.21 -5.69 3.71
C ARG A 66 -8.13 -4.61 4.29
N ASN A 67 -7.68 -3.38 4.29
CA ASN A 67 -8.52 -2.28 4.83
C ASN A 67 -7.83 -0.94 4.57
N ALA A 68 -8.31 -0.17 3.62
CA ALA A 68 -7.69 1.15 3.33
C ALA A 68 -8.28 2.22 4.27
N THR A 69 -7.54 3.27 4.51
CA THR A 69 -8.05 4.35 5.41
C THR A 69 -7.55 5.71 4.91
N HIS A 70 -8.35 6.73 5.05
CA HIS A 70 -7.93 8.08 4.57
C HIS A 70 -6.87 8.65 5.52
N TYR A 71 -5.80 7.94 5.75
CA TYR A 71 -4.75 8.45 6.66
C TYR A 71 -5.40 8.89 7.98
N SER A 72 -6.07 8.00 8.66
CA SER A 72 -6.72 8.37 9.94
C SER A 72 -5.68 8.36 11.06
N SER A 73 -6.04 8.84 12.22
CA SER A 73 -5.06 8.87 13.35
C SER A 73 -4.94 7.46 13.95
N GLU A 74 -5.96 6.66 13.81
CA GLU A 74 -5.90 5.28 14.37
C GLU A 74 -4.90 4.44 13.56
N ARG A 75 -4.91 4.57 12.27
CA ARG A 75 -3.96 3.77 11.43
C ARG A 75 -2.59 4.43 11.44
N TRP A 76 -2.53 5.72 11.66
CA TRP A 76 -1.21 6.41 11.67
C TRP A 76 -0.56 6.27 13.05
N THR A 77 -1.30 6.54 14.10
CA THR A 77 -0.72 6.43 15.46
C THR A 77 -0.48 4.96 15.80
N ASN A 78 -1.18 4.07 15.15
CA ASN A 78 -0.99 2.62 15.42
C ASN A 78 0.16 2.09 14.57
N ALA A 79 0.39 2.69 13.43
CA ALA A 79 1.49 2.23 12.55
C ALA A 79 2.82 2.80 13.06
N ASP A 80 2.93 4.10 13.14
CA ASP A 80 4.19 4.72 13.63
C ASP A 80 4.59 4.07 14.96
N LYS A 81 3.81 4.27 15.99
CA LYS A 81 4.14 3.68 17.31
C LYS A 81 4.21 2.15 17.18
N MET A 1 -7.28 5.68 -11.15
CA MET A 1 -6.08 6.32 -11.76
C MET A 1 -4.81 5.72 -11.16
N GLU A 2 -3.67 6.04 -11.71
CA GLU A 2 -2.40 5.48 -11.17
C GLU A 2 -2.06 6.16 -9.83
N TRP A 3 -1.81 5.38 -8.81
CA TRP A 3 -1.47 5.97 -7.48
C TRP A 3 0.04 6.01 -7.30
N TRP A 4 0.51 6.49 -6.18
CA TRP A 4 1.98 6.55 -5.93
C TRP A 4 2.26 6.29 -4.46
N VAL A 5 3.09 5.35 -4.15
CA VAL A 5 3.39 5.05 -2.72
C VAL A 5 4.34 6.10 -2.16
N LYS A 6 4.01 6.69 -1.03
CA LYS A 6 4.90 7.73 -0.43
C LYS A 6 5.84 7.07 0.57
N LYS A 7 5.39 6.01 1.20
CA LYS A 7 6.26 5.30 2.20
C LYS A 7 5.83 3.84 2.27
N VAL A 8 6.64 3.00 2.85
CA VAL A 8 6.28 1.56 2.95
C VAL A 8 7.12 0.87 4.03
N GLN A 9 6.60 -0.18 4.60
CA GLN A 9 7.35 -0.92 5.66
C GLN A 9 7.20 -2.42 5.42
N ASP A 10 8.29 -3.13 5.32
CA ASP A 10 8.20 -4.60 5.08
C ASP A 10 7.35 -5.25 6.17
N ASN A 11 7.03 -6.51 6.02
CA ASN A 11 6.20 -7.19 7.05
C ASN A 11 7.08 -7.57 8.25
N ALA A 12 7.62 -6.59 8.92
CA ALA A 12 8.48 -6.88 10.09
C ALA A 12 7.61 -7.44 11.23
N SER A 13 6.32 -7.42 11.06
CA SER A 13 5.43 -7.95 12.13
C SER A 13 5.35 -9.47 12.02
N ALA A 14 5.15 -9.97 10.83
CA ALA A 14 5.06 -11.45 10.64
C ALA A 14 4.71 -11.75 9.18
N SER A 15 3.69 -11.11 8.67
CA SER A 15 3.30 -11.34 7.25
C SER A 15 2.34 -10.24 6.81
N LEU A 16 2.58 -9.02 7.25
CA LEU A 16 1.68 -7.89 6.86
C LEU A 16 2.53 -6.65 6.58
N CYS A 17 2.62 -6.25 5.34
CA CYS A 17 3.43 -5.04 4.99
C CYS A 17 2.50 -3.83 5.00
N ARG A 18 3.01 -2.66 5.31
CA ARG A 18 2.14 -1.44 5.33
C ARG A 18 2.56 -0.52 4.18
N VAL A 19 1.62 0.16 3.57
CA VAL A 19 1.95 1.07 2.43
C VAL A 19 1.10 2.33 2.50
N VAL A 20 1.70 3.47 2.25
CA VAL A 20 0.94 4.75 2.25
C VAL A 20 0.69 5.15 0.80
N LEU A 21 -0.55 5.14 0.37
CA LEU A 21 -0.85 5.50 -1.05
C LEU A 21 -1.22 6.99 -1.15
N GLN A 22 -0.51 7.72 -1.96
CA GLN A 22 -0.79 9.18 -2.14
C GLN A 22 -1.51 9.40 -3.46
N SER A 23 -2.42 10.35 -3.51
CA SER A 23 -3.16 10.63 -4.77
C SER A 23 -3.40 12.14 -4.91
N GLY A 24 -2.61 12.81 -5.69
CA GLY A 24 -2.79 14.27 -5.86
C GLY A 24 -2.33 15.00 -4.61
N ALA A 25 -2.84 14.62 -3.46
CA ALA A 25 -2.43 15.29 -2.20
C ALA A 25 -2.98 14.51 -1.01
N LEU A 26 -4.12 13.89 -1.16
CA LEU A 26 -4.70 13.10 -0.04
C LEU A 26 -3.88 11.83 0.18
N GLU A 27 -3.54 11.54 1.41
CA GLU A 27 -2.72 10.32 1.70
C GLU A 27 -3.64 9.22 2.24
N MET A 28 -3.21 7.99 2.16
CA MET A 28 -4.07 6.87 2.67
C MET A 28 -3.17 5.73 3.17
N ILE A 29 -3.46 5.21 4.33
CA ILE A 29 -2.64 4.09 4.90
C ILE A 29 -3.42 2.79 4.72
N ALA A 30 -2.76 1.71 4.38
CA ALA A 30 -3.50 0.43 4.19
C ALA A 30 -2.62 -0.76 4.59
N GLU A 31 -3.21 -1.75 5.20
CA GLU A 31 -2.43 -2.95 5.60
C GLU A 31 -2.38 -3.91 4.41
N ILE A 32 -1.20 -4.34 4.03
CA ILE A 32 -1.05 -5.25 2.85
C ILE A 32 -0.59 -6.63 3.33
N GLU A 33 -1.00 -7.67 2.65
CA GLU A 33 -0.61 -9.06 3.00
C GLU A 33 0.15 -9.68 1.83
N ALA A 34 1.45 -9.73 1.90
CA ALA A 34 2.24 -10.31 0.77
C ALA A 34 3.53 -10.94 1.31
N CYS A 35 4.48 -11.15 0.43
CA CYS A 35 5.78 -11.75 0.87
C CYS A 35 6.88 -11.32 -0.11
N ARG A 36 6.50 -10.77 -1.24
CA ARG A 36 7.51 -10.33 -2.23
C ARG A 36 8.19 -9.06 -1.70
N LEU A 37 7.45 -8.22 -1.02
CA LEU A 37 8.05 -6.97 -0.47
C LEU A 37 8.91 -6.30 -1.54
N ARG A 38 8.53 -6.40 -2.78
CA ARG A 38 9.32 -5.76 -3.87
C ARG A 38 8.89 -4.31 -4.03
N LEU A 39 8.03 -3.85 -3.17
CA LEU A 39 7.56 -2.44 -3.26
C LEU A 39 8.75 -1.50 -3.04
N ARG A 40 8.59 -0.26 -3.41
CA ARG A 40 9.70 0.71 -3.20
C ARG A 40 9.14 2.14 -3.26
N GLU A 41 9.87 3.10 -2.79
CA GLU A 41 9.37 4.51 -2.82
C GLU A 41 9.22 4.96 -4.27
N GLY A 42 8.09 5.53 -4.61
CA GLY A 42 7.87 6.01 -6.00
C GLY A 42 7.26 4.88 -6.85
N ASP A 43 6.76 3.85 -6.21
CA ASP A 43 6.16 2.73 -6.99
C ASP A 43 4.87 3.20 -7.65
N LYS A 44 4.71 2.93 -8.92
CA LYS A 44 3.47 3.36 -9.64
C LYS A 44 2.45 2.22 -9.59
N LEU A 45 1.37 2.42 -8.89
CA LEU A 45 0.31 1.36 -8.78
C LEU A 45 -0.89 1.75 -9.64
N THR A 46 -1.51 0.78 -10.29
CA THR A 46 -2.70 1.06 -11.15
C THR A 46 -3.84 0.11 -10.74
N PRO A 47 -5.08 0.52 -10.92
CA PRO A 47 -6.25 -0.34 -10.55
C PRO A 47 -6.44 -1.51 -11.52
N LEU A 48 -6.47 -2.71 -11.01
CA LEU A 48 -6.65 -3.89 -11.90
C LEU A 48 -8.12 -4.06 -12.24
N ALA A 49 -8.96 -4.24 -11.25
CA ALA A 49 -10.42 -4.41 -11.53
C ALA A 49 -11.20 -4.37 -10.22
N ASP A 50 -11.16 -5.42 -9.45
CA ASP A 50 -11.92 -5.45 -8.17
C ASP A 50 -11.22 -4.57 -7.13
N ALA A 51 -9.93 -4.72 -6.98
CA ALA A 51 -9.20 -3.89 -5.98
C ALA A 51 -7.71 -4.20 -6.05
N ARG A 52 -7.35 -5.40 -6.43
CA ARG A 52 -5.91 -5.76 -6.52
C ARG A 52 -5.16 -4.67 -7.27
N TYR A 53 -4.02 -4.26 -6.76
CA TYR A 53 -3.23 -3.18 -7.44
C TYR A 53 -2.03 -3.81 -8.17
N CYS A 54 -1.79 -3.40 -9.39
CA CYS A 54 -0.65 -3.96 -10.16
C CYS A 54 0.45 -2.90 -10.29
N LEU A 55 1.64 -3.20 -9.85
CA LEU A 55 2.75 -2.21 -9.94
C LEU A 55 3.54 -2.45 -11.23
N ASN A 56 4.03 -1.40 -11.83
CA ASN A 56 4.81 -1.55 -13.10
C ASN A 56 3.93 -2.21 -14.16
N ASN A 57 2.66 -2.32 -13.90
CA ASN A 57 1.73 -2.94 -14.89
C ASN A 57 2.13 -4.39 -15.16
N ASN A 58 2.47 -5.13 -14.13
CA ASN A 58 2.86 -6.56 -14.30
C ASN A 58 2.04 -7.42 -13.32
N PRO A 59 0.89 -7.91 -13.74
CA PRO A 59 0.00 -8.73 -12.86
C PRO A 59 0.76 -9.81 -12.07
N THR A 60 2.03 -9.99 -12.37
CA THR A 60 2.82 -11.02 -11.64
C THR A 60 3.24 -10.44 -10.28
N GLN A 61 3.14 -9.14 -10.14
CA GLN A 61 3.53 -8.46 -8.85
C GLN A 61 2.35 -7.62 -8.37
N THR A 62 1.25 -8.23 -8.02
CA THR A 62 0.06 -7.44 -7.58
C THR A 62 0.06 -7.30 -6.05
N LEU A 63 -0.92 -6.64 -5.51
CA LEU A 63 -0.96 -6.42 -4.04
C LEU A 63 -2.42 -6.49 -3.54
N LYS A 64 -2.65 -7.09 -2.40
CA LYS A 64 -4.04 -7.19 -1.85
C LYS A 64 -4.20 -6.21 -0.69
N ILE A 65 -5.30 -5.49 -0.65
CA ILE A 65 -5.52 -4.52 0.47
C ILE A 65 -6.31 -5.21 1.58
N ARG A 66 -5.89 -5.04 2.81
CA ARG A 66 -6.62 -5.65 3.95
C ARG A 66 -7.57 -4.61 4.55
N ASN A 67 -7.17 -3.37 4.52
CA ASN A 67 -8.03 -2.29 5.08
C ASN A 67 -7.38 -0.93 4.82
N ALA A 68 -7.93 -0.15 3.93
CA ALA A 68 -7.34 1.19 3.63
C ALA A 68 -7.90 2.23 4.62
N THR A 69 -7.16 3.30 4.84
CA THR A 69 -7.64 4.35 5.78
C THR A 69 -7.35 5.73 5.18
N HIS A 70 -7.93 6.77 5.72
CA HIS A 70 -7.69 8.14 5.18
C HIS A 70 -6.51 8.79 5.93
N TYR A 71 -5.46 8.06 6.17
CA TYR A 71 -4.30 8.65 6.88
C TYR A 71 -4.77 9.35 8.15
N SER A 72 -5.74 8.78 8.82
CA SER A 72 -6.25 9.41 10.07
C SER A 72 -5.17 9.35 11.15
N SER A 73 -4.76 10.48 11.67
CA SER A 73 -3.70 10.48 12.72
C SER A 73 -4.05 9.45 13.80
N GLU A 74 -5.28 9.00 13.83
CA GLU A 74 -5.67 8.00 14.85
C GLU A 74 -5.18 6.61 14.43
N ARG A 75 -5.30 6.29 13.17
CA ARG A 75 -4.84 4.95 12.70
C ARG A 75 -3.31 4.91 12.73
N TRP A 76 -2.66 5.88 12.16
CA TRP A 76 -1.17 5.89 12.16
C TRP A 76 -0.66 5.82 13.60
N THR A 77 -1.27 6.54 14.50
CA THR A 77 -0.82 6.51 15.92
C THR A 77 -1.32 5.23 16.59
N ASN A 78 -2.43 4.71 16.14
CA ASN A 78 -2.97 3.46 16.75
C ASN A 78 -2.32 2.25 16.08
N ALA A 79 -1.70 2.45 14.95
CA ALA A 79 -1.04 1.31 14.25
C ALA A 79 0.41 1.18 14.72
N ASP A 80 1.23 2.14 14.40
CA ASP A 80 2.66 2.08 14.84
C ASP A 80 2.72 1.80 16.34
N LYS A 81 1.66 2.07 17.05
CA LYS A 81 1.67 1.82 18.51
C LYS A 81 0.23 1.79 19.03
N MET A 1 -7.46 5.33 -10.37
CA MET A 1 -6.34 5.92 -11.17
C MET A 1 -5.01 5.39 -10.64
N GLU A 2 -3.92 5.75 -11.27
CA GLU A 2 -2.59 5.27 -10.81
C GLU A 2 -2.21 5.98 -9.50
N TRP A 3 -1.91 5.23 -8.47
CA TRP A 3 -1.54 5.87 -7.17
C TRP A 3 -0.02 5.93 -7.05
N TRP A 4 0.48 6.57 -6.02
CA TRP A 4 1.96 6.67 -5.81
C TRP A 4 2.28 6.44 -4.35
N VAL A 5 3.19 5.56 -4.05
CA VAL A 5 3.53 5.29 -2.62
C VAL A 5 4.43 6.41 -2.08
N LYS A 6 4.23 6.79 -0.85
CA LYS A 6 5.07 7.86 -0.23
C LYS A 6 6.04 7.22 0.76
N LYS A 7 5.62 6.15 1.38
CA LYS A 7 6.49 5.45 2.36
C LYS A 7 6.05 3.99 2.46
N VAL A 8 6.87 3.14 3.03
CA VAL A 8 6.48 1.71 3.14
C VAL A 8 7.30 1.03 4.25
N GLN A 9 6.75 0.00 4.83
CA GLN A 9 7.48 -0.73 5.93
C GLN A 9 7.37 -2.24 5.68
N ASP A 10 8.47 -2.94 5.71
CA ASP A 10 8.42 -4.41 5.49
C ASP A 10 7.45 -5.06 6.47
N ASN A 11 7.18 -6.32 6.30
CA ASN A 11 6.24 -7.01 7.24
C ASN A 11 6.98 -7.37 8.53
N ALA A 12 7.54 -6.39 9.18
CA ALA A 12 8.27 -6.66 10.45
C ALA A 12 7.30 -7.29 11.47
N SER A 13 6.03 -7.27 11.19
CA SER A 13 5.05 -7.85 12.14
C SER A 13 4.98 -9.37 11.93
N ALA A 14 4.88 -9.81 10.71
CA ALA A 14 4.81 -11.28 10.44
C ALA A 14 4.60 -11.51 8.95
N SER A 15 3.55 -10.96 8.40
CA SER A 15 3.28 -11.14 6.94
C SER A 15 2.38 -10.00 6.45
N LEU A 16 2.47 -8.85 7.07
CA LEU A 16 1.62 -7.70 6.65
C LEU A 16 2.50 -6.44 6.51
N CYS A 17 2.60 -5.91 5.33
CA CYS A 17 3.43 -4.68 5.12
C CYS A 17 2.52 -3.46 5.06
N ARG A 18 2.98 -2.32 5.51
CA ARG A 18 2.13 -1.09 5.47
C ARG A 18 2.64 -0.16 4.38
N VAL A 19 1.75 0.39 3.59
CA VAL A 19 2.17 1.32 2.49
C VAL A 19 1.33 2.59 2.53
N VAL A 20 1.95 3.72 2.35
CA VAL A 20 1.20 5.01 2.34
C VAL A 20 0.92 5.39 0.88
N LEU A 21 -0.32 5.36 0.47
CA LEU A 21 -0.65 5.69 -0.96
C LEU A 21 -1.05 7.16 -1.08
N GLN A 22 -0.38 7.89 -1.94
CA GLN A 22 -0.70 9.34 -2.13
C GLN A 22 -1.52 9.51 -3.41
N SER A 23 -2.36 10.52 -3.46
CA SER A 23 -3.18 10.75 -4.68
C SER A 23 -3.37 12.25 -4.90
N GLY A 24 -2.57 12.85 -5.73
CA GLY A 24 -2.70 14.31 -5.97
C GLY A 24 -2.20 15.09 -4.75
N ALA A 25 -2.76 14.83 -3.61
CA ALA A 25 -2.33 15.55 -2.38
C ALA A 25 -2.82 14.80 -1.14
N LEU A 26 -3.96 14.17 -1.23
CA LEU A 26 -4.49 13.42 -0.06
C LEU A 26 -3.64 12.17 0.17
N GLU A 27 -3.34 11.86 1.41
CA GLU A 27 -2.51 10.65 1.71
C GLU A 27 -3.43 9.54 2.23
N MET A 28 -3.01 8.31 2.10
CA MET A 28 -3.86 7.19 2.57
C MET A 28 -2.97 6.08 3.13
N ILE A 29 -3.44 5.36 4.12
CA ILE A 29 -2.63 4.25 4.73
C ILE A 29 -3.40 2.95 4.52
N ALA A 30 -2.72 1.88 4.17
CA ALA A 30 -3.44 0.60 3.95
C ALA A 30 -2.55 -0.59 4.31
N GLU A 31 -3.14 -1.57 4.94
CA GLU A 31 -2.35 -2.78 5.31
C GLU A 31 -2.23 -3.66 4.05
N ILE A 32 -1.05 -4.15 3.77
CA ILE A 32 -0.82 -4.98 2.55
C ILE A 32 -0.37 -6.39 2.98
N GLU A 33 -0.76 -7.39 2.22
CA GLU A 33 -0.36 -8.80 2.53
C GLU A 33 0.44 -9.35 1.35
N ALA A 34 1.75 -9.40 1.47
CA ALA A 34 2.59 -9.92 0.34
C ALA A 34 3.78 -10.69 0.92
N CYS A 35 4.73 -11.02 0.08
CA CYS A 35 5.93 -11.77 0.57
C CYS A 35 7.16 -11.32 -0.23
N ARG A 36 6.95 -10.64 -1.32
CA ARG A 36 8.09 -10.16 -2.15
C ARG A 36 8.80 -9.01 -1.42
N LEU A 37 8.04 -8.20 -0.72
CA LEU A 37 8.66 -7.07 0.02
C LEU A 37 9.66 -6.33 -0.88
N ARG A 38 9.47 -6.42 -2.17
CA ARG A 38 10.40 -5.72 -3.11
C ARG A 38 9.84 -4.33 -3.44
N LEU A 39 8.86 -3.89 -2.70
CA LEU A 39 8.26 -2.56 -2.97
C LEU A 39 9.27 -1.47 -2.62
N ARG A 40 9.07 -0.28 -3.12
CA ARG A 40 10.01 0.83 -2.80
C ARG A 40 9.32 2.17 -3.08
N GLU A 41 9.98 3.26 -2.78
CA GLU A 41 9.36 4.59 -3.00
C GLU A 41 9.19 4.84 -4.51
N GLY A 42 8.16 5.54 -4.89
CA GLY A 42 7.94 5.82 -6.33
C GLY A 42 7.20 4.65 -6.99
N ASP A 43 6.74 3.72 -6.21
CA ASP A 43 6.01 2.56 -6.79
C ASP A 43 4.68 3.02 -7.38
N LYS A 44 4.43 2.72 -8.62
CA LYS A 44 3.15 3.13 -9.26
C LYS A 44 2.13 2.00 -9.17
N LEU A 45 1.12 2.16 -8.34
CA LEU A 45 0.10 1.08 -8.19
C LEU A 45 -1.10 1.39 -9.09
N THR A 46 -1.32 0.60 -10.11
CA THR A 46 -2.47 0.84 -11.03
C THR A 46 -3.69 0.07 -10.50
N PRO A 47 -4.89 0.56 -10.74
CA PRO A 47 -6.13 -0.12 -10.29
C PRO A 47 -6.47 -1.37 -11.12
N LEU A 48 -6.74 -2.47 -10.49
CA LEU A 48 -7.07 -3.72 -11.24
C LEU A 48 -8.57 -3.75 -11.53
N ALA A 49 -9.39 -3.76 -10.51
CA ALA A 49 -10.86 -3.79 -10.74
C ALA A 49 -11.59 -3.61 -9.41
N ASP A 50 -11.97 -4.69 -8.78
CA ASP A 50 -12.70 -4.59 -7.48
C ASP A 50 -11.84 -3.85 -6.46
N ALA A 51 -10.58 -4.19 -6.35
CA ALA A 51 -9.71 -3.49 -5.37
C ALA A 51 -8.25 -3.94 -5.55
N ARG A 52 -8.04 -5.13 -6.04
CA ARG A 52 -6.65 -5.63 -6.23
C ARG A 52 -5.83 -4.55 -6.95
N TYR A 53 -4.54 -4.51 -6.73
CA TYR A 53 -3.67 -3.49 -7.39
C TYR A 53 -2.44 -4.18 -7.98
N CYS A 54 -1.90 -3.63 -9.04
CA CYS A 54 -0.69 -4.24 -9.69
C CYS A 54 0.42 -3.18 -9.72
N LEU A 55 1.56 -3.49 -9.17
CA LEU A 55 2.68 -2.50 -9.16
C LEU A 55 3.53 -2.66 -10.42
N ASN A 56 4.08 -1.59 -10.91
CA ASN A 56 4.92 -1.66 -12.14
C ASN A 56 4.09 -2.22 -13.30
N ASN A 57 2.80 -2.03 -13.26
CA ASN A 57 1.93 -2.54 -14.36
C ASN A 57 2.30 -3.99 -14.71
N ASN A 58 2.55 -4.81 -13.73
CA ASN A 58 2.92 -6.24 -13.99
C ASN A 58 2.00 -7.14 -13.15
N PRO A 59 0.87 -7.57 -13.70
CA PRO A 59 -0.10 -8.44 -12.98
C PRO A 59 0.58 -9.59 -12.23
N THR A 60 1.85 -9.79 -12.40
CA THR A 60 2.55 -10.89 -11.69
C THR A 60 2.82 -10.45 -10.24
N GLN A 61 3.25 -9.24 -10.05
CA GLN A 61 3.53 -8.74 -8.68
C GLN A 61 2.30 -8.01 -8.14
N THR A 62 1.19 -8.69 -7.98
CA THR A 62 -0.05 -8.02 -7.49
C THR A 62 -0.17 -8.23 -5.98
N LEU A 63 -1.11 -7.57 -5.36
CA LEU A 63 -1.27 -7.73 -3.88
C LEU A 63 -2.71 -7.41 -3.48
N LYS A 64 -3.13 -7.86 -2.32
CA LYS A 64 -4.53 -7.59 -1.85
C LYS A 64 -4.51 -6.65 -0.65
N ILE A 65 -5.42 -5.72 -0.61
CA ILE A 65 -5.46 -4.77 0.54
C ILE A 65 -6.31 -5.36 1.67
N ARG A 66 -5.92 -5.14 2.89
CA ARG A 66 -6.70 -5.69 4.04
C ARG A 66 -7.59 -4.58 4.59
N ASN A 67 -7.15 -3.35 4.50
CA ASN A 67 -7.97 -2.22 5.01
C ASN A 67 -7.31 -0.88 4.64
N ALA A 68 -7.85 -0.18 3.68
CA ALA A 68 -7.27 1.15 3.29
C ALA A 68 -7.85 2.23 4.20
N THR A 69 -7.12 3.31 4.39
CA THR A 69 -7.62 4.41 5.26
C THR A 69 -7.21 5.77 4.67
N HIS A 70 -7.95 6.80 4.95
CA HIS A 70 -7.61 8.13 4.40
C HIS A 70 -6.52 8.79 5.25
N TYR A 71 -5.49 8.06 5.59
CA TYR A 71 -4.40 8.65 6.41
C TYR A 71 -5.01 9.33 7.65
N SER A 72 -5.70 8.60 8.46
CA SER A 72 -6.32 9.20 9.68
C SER A 72 -5.28 9.27 10.80
N SER A 73 -5.59 9.95 11.86
CA SER A 73 -4.61 10.05 12.99
C SER A 73 -4.73 8.82 13.89
N GLU A 74 -5.89 8.22 13.93
CA GLU A 74 -6.06 7.01 14.80
C GLU A 74 -5.45 5.80 14.10
N ARG A 75 -5.54 5.73 12.80
CA ARG A 75 -4.98 4.57 12.05
C ARG A 75 -3.45 4.71 11.98
N TRP A 76 -2.97 5.87 11.65
CA TRP A 76 -1.50 6.06 11.56
C TRP A 76 -0.86 5.82 12.94
N THR A 77 -1.54 6.19 13.99
CA THR A 77 -0.98 5.99 15.34
C THR A 77 -1.23 4.55 15.81
N ASN A 78 -2.34 3.99 15.43
CA ASN A 78 -2.64 2.58 15.84
C ASN A 78 -1.98 1.61 14.86
N ALA A 79 -1.60 2.09 13.71
CA ALA A 79 -0.94 1.19 12.71
C ALA A 79 0.54 1.08 13.02
N ASP A 80 1.25 2.17 12.99
CA ASP A 80 2.72 2.12 13.28
C ASP A 80 2.95 1.34 14.58
N LYS A 81 1.91 1.09 15.33
CA LYS A 81 2.07 0.33 16.60
C LYS A 81 2.89 -0.95 16.34
N MET A 1 -7.57 4.71 -10.49
CA MET A 1 -6.51 5.43 -11.25
C MET A 1 -5.13 5.00 -10.76
N GLU A 2 -4.09 5.44 -11.41
CA GLU A 2 -2.72 5.05 -10.98
C GLU A 2 -2.37 5.79 -9.69
N TRP A 3 -2.04 5.07 -8.65
CA TRP A 3 -1.69 5.74 -7.35
C TRP A 3 -0.16 5.83 -7.24
N TRP A 4 0.33 6.51 -6.23
CA TRP A 4 1.80 6.65 -6.04
C TRP A 4 2.15 6.39 -4.57
N VAL A 5 3.05 5.47 -4.32
CA VAL A 5 3.41 5.19 -2.90
C VAL A 5 4.31 6.29 -2.36
N LYS A 6 4.10 6.70 -1.13
CA LYS A 6 4.94 7.77 -0.51
C LYS A 6 5.88 7.15 0.53
N LYS A 7 5.43 6.10 1.15
CA LYS A 7 6.28 5.42 2.18
C LYS A 7 5.86 3.95 2.29
N VAL A 8 6.68 3.13 2.89
CA VAL A 8 6.32 1.68 3.00
C VAL A 8 7.17 1.03 4.08
N GLN A 9 6.67 -0.02 4.68
CA GLN A 9 7.44 -0.74 5.74
C GLN A 9 7.33 -2.25 5.50
N ASP A 10 8.44 -2.94 5.50
CA ASP A 10 8.40 -4.41 5.26
C ASP A 10 7.47 -5.07 6.28
N ASN A 11 7.20 -6.34 6.11
CA ASN A 11 6.29 -7.05 7.07
C ASN A 11 7.10 -7.46 8.30
N ALA A 12 7.60 -6.51 9.04
CA ALA A 12 8.40 -6.85 10.25
C ALA A 12 7.47 -7.46 11.31
N SER A 13 6.19 -7.42 11.08
CA SER A 13 5.23 -8.00 12.07
C SER A 13 5.17 -9.52 11.90
N ALA A 14 5.04 -9.98 10.68
CA ALA A 14 4.96 -11.45 10.43
C ALA A 14 4.68 -11.69 8.95
N SER A 15 3.60 -11.12 8.46
CA SER A 15 3.25 -11.32 7.01
C SER A 15 2.32 -10.19 6.57
N LEU A 16 2.53 -9.00 7.07
CA LEU A 16 1.67 -7.84 6.68
C LEU A 16 2.55 -6.61 6.47
N CYS A 17 2.61 -6.10 5.26
CA CYS A 17 3.43 -4.89 5.00
C CYS A 17 2.51 -3.68 4.99
N ARG A 18 3.00 -2.53 5.36
CA ARG A 18 2.13 -1.30 5.38
C ARG A 18 2.56 -0.38 4.24
N VAL A 19 1.62 0.30 3.63
CA VAL A 19 1.98 1.21 2.50
C VAL A 19 1.13 2.48 2.55
N VAL A 20 1.74 3.62 2.32
CA VAL A 20 0.98 4.90 2.31
C VAL A 20 0.74 5.29 0.85
N LEU A 21 -0.49 5.29 0.41
CA LEU A 21 -0.78 5.63 -1.01
C LEU A 21 -1.18 7.11 -1.12
N GLN A 22 -0.47 7.86 -1.92
CA GLN A 22 -0.78 9.31 -2.10
C GLN A 22 -1.50 9.52 -3.44
N SER A 23 -2.42 10.44 -3.50
CA SER A 23 -3.16 10.69 -4.77
C SER A 23 -3.46 12.18 -4.90
N GLY A 24 -2.70 12.87 -5.71
CA GLY A 24 -2.95 14.33 -5.90
C GLY A 24 -2.49 15.08 -4.65
N ALA A 25 -2.95 14.68 -3.50
CA ALA A 25 -2.55 15.37 -2.25
C ALA A 25 -3.07 14.60 -1.04
N LEU A 26 -4.20 13.96 -1.18
CA LEU A 26 -4.76 13.18 -0.04
C LEU A 26 -3.91 11.93 0.19
N GLU A 27 -3.56 11.64 1.42
CA GLU A 27 -2.74 10.44 1.72
C GLU A 27 -3.64 9.33 2.26
N MET A 28 -3.20 8.10 2.18
CA MET A 28 -4.04 6.97 2.69
C MET A 28 -3.14 5.84 3.20
N ILE A 29 -3.41 5.35 4.38
CA ILE A 29 -2.59 4.24 4.96
C ILE A 29 -3.37 2.95 4.79
N ALA A 30 -2.71 1.86 4.44
CA ALA A 30 -3.46 0.59 4.26
C ALA A 30 -2.59 -0.61 4.63
N GLU A 31 -3.19 -1.62 5.22
CA GLU A 31 -2.42 -2.84 5.59
C GLU A 31 -2.37 -3.77 4.37
N ILE A 32 -1.20 -4.16 3.96
CA ILE A 32 -1.04 -5.04 2.76
C ILE A 32 -0.55 -6.43 3.19
N GLU A 33 -0.97 -7.43 2.46
CA GLU A 33 -0.56 -8.84 2.77
C GLU A 33 0.18 -9.41 1.56
N ALA A 34 1.48 -9.59 1.66
CA ALA A 34 2.26 -10.13 0.50
C ALA A 34 3.40 -11.00 1.01
N CYS A 35 4.28 -11.41 0.13
CA CYS A 35 5.42 -12.27 0.53
C CYS A 35 6.63 -11.94 -0.35
N ARG A 36 6.40 -11.22 -1.42
CA ARG A 36 7.53 -10.86 -2.32
C ARG A 36 8.42 -9.83 -1.63
N LEU A 37 7.83 -8.96 -0.84
CA LEU A 37 8.61 -7.93 -0.12
C LEU A 37 9.66 -7.31 -1.05
N ARG A 38 9.24 -6.51 -1.99
CA ARG A 38 10.20 -5.88 -2.94
C ARG A 38 9.63 -4.54 -3.43
N LEU A 39 8.78 -3.94 -2.64
CA LEU A 39 8.19 -2.63 -3.05
C LEU A 39 9.23 -1.52 -2.85
N ARG A 40 8.99 -0.36 -3.40
CA ARG A 40 9.95 0.76 -3.24
C ARG A 40 9.20 2.09 -3.33
N GLU A 41 9.81 3.16 -2.89
CA GLU A 41 9.12 4.49 -2.94
C GLU A 41 9.04 4.95 -4.39
N GLY A 42 7.98 5.66 -4.73
CA GLY A 42 7.84 6.15 -6.14
C GLY A 42 7.28 5.02 -7.02
N ASP A 43 6.77 3.98 -6.41
CA ASP A 43 6.21 2.85 -7.22
C ASP A 43 4.83 3.26 -7.76
N LYS A 44 4.55 2.91 -9.00
CA LYS A 44 3.23 3.26 -9.59
C LYS A 44 2.30 2.04 -9.51
N LEU A 45 1.26 2.13 -8.73
CA LEU A 45 0.31 0.98 -8.59
C LEU A 45 -0.92 1.23 -9.47
N THR A 46 -1.08 0.47 -10.52
CA THR A 46 -2.27 0.66 -11.41
C THR A 46 -3.44 -0.17 -10.86
N PRO A 47 -4.66 0.25 -11.10
CA PRO A 47 -5.85 -0.50 -10.60
C PRO A 47 -6.09 -1.80 -11.38
N LEU A 48 -6.29 -2.90 -10.69
CA LEU A 48 -6.52 -4.19 -11.40
C LEU A 48 -7.98 -4.27 -11.84
N ALA A 49 -8.88 -4.49 -10.91
CA ALA A 49 -10.32 -4.58 -11.27
C ALA A 49 -11.17 -4.64 -9.99
N ASP A 50 -10.98 -5.65 -9.20
CA ASP A 50 -11.77 -5.76 -7.94
C ASP A 50 -11.20 -4.80 -6.89
N ALA A 51 -9.91 -4.79 -6.73
CA ALA A 51 -9.30 -3.86 -5.72
C ALA A 51 -7.78 -3.96 -5.78
N ARG A 52 -7.26 -5.15 -5.97
CA ARG A 52 -5.78 -5.31 -6.04
C ARG A 52 -5.21 -4.30 -7.03
N TYR A 53 -3.95 -3.98 -6.90
CA TYR A 53 -3.30 -3.00 -7.84
C TYR A 53 -2.06 -3.63 -8.45
N CYS A 54 -1.79 -3.37 -9.70
CA CYS A 54 -0.59 -3.95 -10.38
C CYS A 54 0.55 -2.92 -10.38
N LEU A 55 1.69 -3.28 -9.88
CA LEU A 55 2.83 -2.32 -9.86
C LEU A 55 3.67 -2.50 -11.13
N ASN A 56 4.24 -1.45 -11.64
CA ASN A 56 5.07 -1.56 -12.88
C ASN A 56 4.22 -2.15 -14.00
N ASN A 57 2.93 -2.20 -13.82
CA ASN A 57 2.03 -2.76 -14.88
C ASN A 57 2.33 -4.24 -15.11
N ASN A 58 2.53 -4.99 -14.05
CA ASN A 58 2.81 -6.45 -14.18
C ASN A 58 1.77 -7.24 -13.36
N PRO A 59 0.66 -7.62 -13.97
CA PRO A 59 -0.42 -8.37 -13.25
C PRO A 59 0.11 -9.53 -12.39
N THR A 60 1.38 -9.79 -12.44
CA THR A 60 1.97 -10.89 -11.63
C THR A 60 2.29 -10.36 -10.23
N GLN A 61 2.86 -9.18 -10.15
CA GLN A 61 3.20 -8.58 -8.83
C GLN A 61 2.06 -7.66 -8.37
N THR A 62 0.91 -8.21 -8.11
CA THR A 62 -0.24 -7.35 -7.69
C THR A 62 -0.32 -7.30 -6.16
N LEU A 63 -0.71 -6.16 -5.65
CA LEU A 63 -0.79 -5.98 -4.16
C LEU A 63 -2.25 -6.08 -3.70
N LYS A 64 -2.50 -6.75 -2.60
CA LYS A 64 -3.90 -6.90 -2.09
C LYS A 64 -4.09 -6.00 -0.87
N ILE A 65 -5.13 -5.19 -0.87
CA ILE A 65 -5.37 -4.29 0.29
C ILE A 65 -6.15 -5.03 1.37
N ARG A 66 -5.83 -4.79 2.62
CA ARG A 66 -6.56 -5.47 3.74
C ARG A 66 -7.50 -4.45 4.40
N ASN A 67 -7.10 -3.20 4.43
CA ASN A 67 -7.96 -2.15 5.05
C ASN A 67 -7.31 -0.78 4.82
N ALA A 68 -7.83 -0.01 3.89
CA ALA A 68 -7.25 1.33 3.63
C ALA A 68 -7.83 2.36 4.60
N THR A 69 -7.12 3.44 4.84
CA THR A 69 -7.61 4.49 5.78
C THR A 69 -7.32 5.87 5.18
N HIS A 70 -8.06 6.87 5.59
CA HIS A 70 -7.82 8.24 5.04
C HIS A 70 -6.66 8.91 5.78
N TYR A 71 -5.60 8.18 6.03
CA TYR A 71 -4.44 8.78 6.74
C TYR A 71 -4.92 9.53 7.98
N SER A 72 -5.62 8.86 8.86
CA SER A 72 -6.12 9.53 10.09
C SER A 72 -5.04 9.48 11.18
N SER A 73 -4.82 10.57 11.85
CA SER A 73 -3.77 10.59 12.92
C SER A 73 -4.07 9.49 13.94
N GLU A 74 -5.30 9.05 14.01
CA GLU A 74 -5.64 7.99 15.00
C GLU A 74 -5.18 6.63 14.48
N ARG A 75 -5.31 6.39 13.20
CA ARG A 75 -4.88 5.08 12.64
C ARG A 75 -3.35 4.99 12.68
N TRP A 76 -2.67 5.98 12.16
CA TRP A 76 -1.18 5.94 12.16
C TRP A 76 -0.69 5.77 13.59
N THR A 77 -1.36 6.36 14.54
CA THR A 77 -0.92 6.23 15.96
C THR A 77 -1.42 4.91 16.54
N ASN A 78 -2.58 4.47 16.13
CA ASN A 78 -3.13 3.19 16.66
C ASN A 78 -2.54 2.02 15.86
N ALA A 79 -1.92 2.31 14.75
CA ALA A 79 -1.33 1.22 13.91
C ALA A 79 0.10 0.95 14.36
N ASP A 80 0.97 1.92 14.22
CA ASP A 80 2.38 1.73 14.65
C ASP A 80 2.41 1.14 16.06
N LYS A 81 1.68 1.71 16.97
CA LYS A 81 1.67 1.18 18.36
C LYS A 81 0.92 -0.16 18.40
N MET A 1 -7.23 5.71 -10.82
CA MET A 1 -6.07 6.40 -11.44
C MET A 1 -4.77 5.81 -10.90
N GLU A 2 -3.66 6.15 -11.50
CA GLU A 2 -2.36 5.60 -11.01
C GLU A 2 -2.01 6.23 -9.67
N TRP A 3 -1.75 5.43 -8.66
CA TRP A 3 -1.40 5.98 -7.32
C TRP A 3 0.12 5.99 -7.16
N TRP A 4 0.61 6.44 -6.03
CA TRP A 4 2.08 6.48 -5.81
C TRP A 4 2.37 6.24 -4.32
N VAL A 5 3.15 5.24 -4.01
CA VAL A 5 3.45 4.96 -2.59
C VAL A 5 4.40 6.03 -2.04
N LYS A 6 4.11 6.54 -0.87
CA LYS A 6 5.00 7.59 -0.25
C LYS A 6 5.89 6.94 0.81
N LYS A 7 5.40 5.90 1.43
CA LYS A 7 6.21 5.20 2.47
C LYS A 7 5.76 3.74 2.56
N VAL A 8 6.54 2.91 3.19
CA VAL A 8 6.16 1.47 3.28
C VAL A 8 6.95 0.79 4.41
N GLN A 9 6.39 -0.26 4.97
CA GLN A 9 7.09 -1.00 6.06
C GLN A 9 6.96 -2.51 5.80
N ASP A 10 8.06 -3.20 5.71
CA ASP A 10 7.99 -4.67 5.45
C ASP A 10 7.12 -5.34 6.51
N ASN A 11 6.83 -6.60 6.34
CA ASN A 11 5.98 -7.31 7.34
C ASN A 11 6.81 -7.63 8.58
N ALA A 12 7.32 -6.62 9.22
CA ALA A 12 8.13 -6.86 10.45
C ALA A 12 7.24 -7.39 11.58
N SER A 13 5.96 -7.36 11.38
CA SER A 13 5.03 -7.87 12.43
C SER A 13 4.95 -9.41 12.34
N ALA A 14 4.75 -9.91 11.15
CA ALA A 14 4.66 -11.40 10.99
C ALA A 14 4.32 -11.72 9.53
N SER A 15 3.26 -11.12 9.02
CA SER A 15 2.86 -11.40 7.61
C SER A 15 1.96 -10.27 7.12
N LEU A 16 2.11 -9.09 7.68
CA LEU A 16 1.26 -7.93 7.26
C LEU A 16 2.16 -6.73 6.95
N CYS A 17 2.15 -6.27 5.73
CA CYS A 17 2.99 -5.08 5.36
C CYS A 17 2.10 -3.84 5.31
N ARG A 18 2.65 -2.68 5.54
CA ARG A 18 1.82 -1.44 5.52
C ARG A 18 2.34 -0.51 4.41
N VAL A 19 1.44 0.12 3.68
CA VAL A 19 1.86 1.04 2.58
C VAL A 19 1.00 2.30 2.60
N VAL A 20 1.62 3.43 2.39
CA VAL A 20 0.85 4.71 2.36
C VAL A 20 0.63 5.10 0.90
N LEU A 21 -0.59 5.10 0.44
CA LEU A 21 -0.87 5.45 -0.99
C LEU A 21 -1.23 6.92 -1.10
N GLN A 22 -0.50 7.66 -1.90
CA GLN A 22 -0.78 9.12 -2.08
C GLN A 22 -1.49 9.34 -3.41
N SER A 23 -2.41 10.28 -3.46
CA SER A 23 -3.14 10.55 -4.73
C SER A 23 -3.90 11.87 -4.60
N GLY A 24 -3.59 12.82 -5.44
CA GLY A 24 -4.29 14.14 -5.37
C GLY A 24 -3.82 14.91 -4.14
N ALA A 25 -2.56 14.79 -3.81
CA ALA A 25 -2.01 15.52 -2.62
C ALA A 25 -2.55 14.87 -1.34
N LEU A 26 -3.57 14.07 -1.44
CA LEU A 26 -4.13 13.40 -0.23
C LEU A 26 -3.25 12.20 0.14
N GLU A 27 -3.50 11.61 1.29
CA GLU A 27 -2.68 10.43 1.70
C GLU A 27 -3.60 9.38 2.35
N MET A 28 -3.29 8.12 2.17
CA MET A 28 -4.14 7.04 2.76
C MET A 28 -3.24 5.94 3.32
N ILE A 29 -3.75 5.15 4.23
CA ILE A 29 -2.94 4.03 4.82
C ILE A 29 -3.71 2.73 4.63
N ALA A 30 -3.03 1.67 4.28
CA ALA A 30 -3.75 0.37 4.07
C ALA A 30 -2.86 -0.81 4.46
N GLU A 31 -3.43 -1.81 5.05
CA GLU A 31 -2.63 -3.01 5.43
C GLU A 31 -2.35 -3.80 4.15
N ILE A 32 -1.29 -4.57 4.12
CA ILE A 32 -0.96 -5.36 2.89
C ILE A 32 -0.53 -6.78 3.28
N GLU A 33 -0.84 -7.73 2.43
CA GLU A 33 -0.47 -9.15 2.71
C GLU A 33 0.34 -9.70 1.52
N ALA A 34 1.60 -9.96 1.70
CA ALA A 34 2.41 -10.48 0.57
C ALA A 34 3.68 -11.15 1.10
N CYS A 35 4.62 -11.42 0.23
CA CYS A 35 5.89 -12.08 0.67
C CYS A 35 7.02 -11.60 -0.23
N ARG A 36 6.69 -10.97 -1.34
CA ARG A 36 7.75 -10.49 -2.25
C ARG A 36 8.45 -9.28 -1.63
N LEU A 37 7.72 -8.46 -0.92
CA LEU A 37 8.33 -7.28 -0.25
C LEU A 37 9.25 -6.55 -1.24
N ARG A 38 8.94 -6.60 -2.51
CA ARG A 38 9.80 -5.93 -3.53
C ARG A 38 9.26 -4.52 -3.78
N LEU A 39 8.51 -3.99 -2.86
CA LEU A 39 7.95 -2.62 -3.04
C LEU A 39 9.07 -1.59 -2.85
N ARG A 40 8.83 -0.36 -3.25
CA ARG A 40 9.88 0.69 -3.09
C ARG A 40 9.23 2.07 -3.09
N GLU A 41 9.93 3.06 -2.62
CA GLU A 41 9.34 4.44 -2.60
C GLU A 41 9.19 4.95 -4.03
N GLY A 42 8.07 5.56 -4.33
CA GLY A 42 7.85 6.10 -5.71
C GLY A 42 7.31 5.00 -6.61
N ASP A 43 6.85 3.91 -6.04
CA ASP A 43 6.30 2.81 -6.88
C ASP A 43 5.00 3.27 -7.55
N LYS A 44 4.86 3.01 -8.82
CA LYS A 44 3.62 3.42 -9.55
C LYS A 44 2.61 2.28 -9.51
N LEU A 45 1.49 2.49 -8.86
CA LEU A 45 0.44 1.42 -8.77
C LEU A 45 -0.76 1.82 -9.63
N THR A 46 -1.37 0.87 -10.30
CA THR A 46 -2.57 1.17 -11.15
C THR A 46 -3.76 0.33 -10.66
N PRO A 47 -4.97 0.80 -10.85
CA PRO A 47 -6.19 0.07 -10.41
C PRO A 47 -6.45 -1.20 -11.25
N LEU A 48 -6.57 -2.33 -10.61
CA LEU A 48 -6.81 -3.59 -11.37
C LEU A 48 -8.30 -3.66 -11.75
N ALA A 49 -9.17 -3.81 -10.79
CA ALA A 49 -10.62 -3.88 -11.11
C ALA A 49 -11.44 -3.86 -9.81
N ASP A 50 -11.34 -4.89 -9.02
CA ASP A 50 -12.12 -4.92 -7.74
C ASP A 50 -11.40 -4.07 -6.69
N ALA A 51 -10.12 -4.22 -6.56
CA ALA A 51 -9.37 -3.43 -5.54
C ALA A 51 -7.88 -3.73 -5.64
N ARG A 52 -7.53 -4.92 -6.07
CA ARG A 52 -6.09 -5.27 -6.19
C ARG A 52 -5.34 -4.15 -6.90
N TYR A 53 -4.04 -4.15 -6.83
CA TYR A 53 -3.23 -3.09 -7.51
C TYR A 53 -2.03 -3.72 -8.20
N CYS A 54 -1.76 -3.32 -9.43
CA CYS A 54 -0.60 -3.89 -10.18
C CYS A 54 0.51 -2.85 -10.26
N LEU A 55 1.71 -3.22 -9.85
CA LEU A 55 2.85 -2.24 -9.89
C LEU A 55 3.64 -2.44 -11.18
N ASN A 56 4.18 -1.38 -11.72
CA ASN A 56 4.97 -1.50 -12.97
C ASN A 56 4.09 -2.10 -14.08
N ASN A 57 2.82 -2.20 -13.83
CA ASN A 57 1.90 -2.77 -14.86
C ASN A 57 2.26 -4.24 -15.14
N ASN A 58 2.56 -4.99 -14.12
CA ASN A 58 2.92 -6.44 -14.29
C ASN A 58 1.97 -7.29 -13.44
N PRO A 59 0.86 -7.74 -13.98
CA PRO A 59 -0.13 -8.56 -13.22
C PRO A 59 0.52 -9.68 -12.40
N THR A 60 1.79 -9.89 -12.56
CA THR A 60 2.47 -10.95 -11.78
C THR A 60 2.76 -10.42 -10.37
N GLN A 61 3.22 -9.20 -10.28
CA GLN A 61 3.52 -8.59 -8.95
C GLN A 61 2.33 -7.75 -8.51
N THR A 62 1.20 -8.35 -8.26
CA THR A 62 0.00 -7.56 -7.84
C THR A 62 -0.11 -7.54 -6.32
N LEU A 63 -0.57 -6.44 -5.79
CA LEU A 63 -0.69 -6.28 -4.31
C LEU A 63 -2.15 -6.48 -3.87
N LYS A 64 -2.36 -6.85 -2.63
CA LYS A 64 -3.76 -7.06 -2.11
C LYS A 64 -3.95 -6.22 -0.84
N ILE A 65 -5.08 -5.56 -0.72
CA ILE A 65 -5.33 -4.72 0.50
C ILE A 65 -6.23 -5.48 1.48
N ARG A 66 -5.98 -5.33 2.76
CA ARG A 66 -6.82 -6.01 3.79
C ARG A 66 -7.75 -4.98 4.42
N ASN A 67 -7.37 -3.73 4.38
CA ASN A 67 -8.22 -2.65 4.97
C ASN A 67 -7.60 -1.28 4.66
N ALA A 68 -8.16 -0.57 3.72
CA ALA A 68 -7.60 0.77 3.37
C ALA A 68 -8.13 1.81 4.37
N THR A 69 -7.41 2.89 4.54
CA THR A 69 -7.84 3.95 5.50
C THR A 69 -7.45 5.32 4.94
N HIS A 70 -8.31 6.29 5.07
CA HIS A 70 -8.00 7.64 4.54
C HIS A 70 -6.94 8.31 5.42
N TYR A 71 -5.87 7.64 5.69
CA TYR A 71 -4.79 8.23 6.55
C TYR A 71 -5.43 8.82 7.81
N SER A 72 -6.09 8.01 8.59
CA SER A 72 -6.73 8.51 9.83
C SER A 72 -5.67 8.61 10.95
N SER A 73 -5.68 9.67 11.69
CA SER A 73 -4.69 9.82 12.79
C SER A 73 -4.72 8.57 13.68
N GLU A 74 -5.88 8.04 13.93
CA GLU A 74 -5.97 6.83 14.79
C GLU A 74 -5.18 5.69 14.16
N ARG A 75 -5.14 5.64 12.86
CA ARG A 75 -4.39 4.55 12.18
C ARG A 75 -2.89 4.89 12.13
N TRP A 76 -2.57 6.10 11.76
CA TRP A 76 -1.13 6.49 11.68
C TRP A 76 -0.55 6.52 13.09
N THR A 77 -1.33 6.82 14.09
CA THR A 77 -0.81 6.86 15.48
C THR A 77 -0.80 5.44 16.06
N ASN A 78 -1.71 4.60 15.62
CA ASN A 78 -1.74 3.20 16.14
C ASN A 78 -0.79 2.34 15.32
N ALA A 79 -0.52 2.74 14.10
CA ALA A 79 0.41 1.94 13.25
C ALA A 79 1.86 2.29 13.59
N ASP A 80 2.18 3.56 13.63
CA ASP A 80 3.57 3.96 13.97
C ASP A 80 3.91 3.49 15.39
N LYS A 81 2.98 2.87 16.06
CA LYS A 81 3.24 2.39 17.45
C LYS A 81 2.23 1.31 17.82
N MET A 1 -5.44 7.28 -13.70
CA MET A 1 -5.69 5.98 -13.01
C MET A 1 -4.36 5.40 -12.54
N GLU A 2 -3.73 6.04 -11.59
CA GLU A 2 -2.42 5.52 -11.08
C GLU A 2 -2.10 6.18 -9.74
N TRP A 3 -1.89 5.40 -8.71
CA TRP A 3 -1.57 5.97 -7.37
C TRP A 3 -0.06 5.95 -7.16
N TRP A 4 0.41 6.42 -6.04
CA TRP A 4 1.88 6.42 -5.77
C TRP A 4 2.11 6.21 -4.27
N VAL A 5 2.92 5.25 -3.92
CA VAL A 5 3.17 4.99 -2.47
C VAL A 5 4.14 6.05 -1.92
N LYS A 6 3.84 6.60 -0.77
CA LYS A 6 4.74 7.63 -0.17
C LYS A 6 5.68 6.95 0.83
N LYS A 7 5.21 5.90 1.46
CA LYS A 7 6.07 5.17 2.45
C LYS A 7 5.63 3.70 2.51
N VAL A 8 6.43 2.86 3.09
CA VAL A 8 6.05 1.42 3.18
C VAL A 8 6.86 0.74 4.28
N GLN A 9 6.32 -0.32 4.85
CA GLN A 9 7.04 -1.04 5.94
C GLN A 9 6.95 -2.56 5.68
N ASP A 10 8.06 -3.24 5.66
CA ASP A 10 8.02 -4.71 5.40
C ASP A 10 7.09 -5.39 6.42
N ASN A 11 6.83 -6.64 6.23
CA ASN A 11 5.94 -7.36 7.19
C ASN A 11 6.70 -7.69 8.47
N ALA A 12 7.11 -6.69 9.19
CA ALA A 12 7.86 -6.93 10.45
C ALA A 12 6.91 -7.48 11.52
N SER A 13 5.63 -7.49 11.24
CA SER A 13 4.65 -8.02 12.24
C SER A 13 4.61 -9.55 12.15
N ALA A 14 4.53 -10.08 10.96
CA ALA A 14 4.47 -11.57 10.80
C ALA A 14 4.15 -11.88 9.34
N SER A 15 3.21 -11.18 8.77
CA SER A 15 2.83 -11.45 7.35
C SER A 15 1.92 -10.31 6.87
N LEU A 16 2.15 -9.12 7.33
CA LEU A 16 1.30 -7.95 6.91
C LEU A 16 2.20 -6.73 6.67
N CYS A 17 2.28 -6.28 5.46
CA CYS A 17 3.12 -5.08 5.17
C CYS A 17 2.22 -3.84 5.16
N ARG A 18 2.73 -2.70 5.54
CA ARG A 18 1.89 -1.46 5.55
C ARG A 18 2.31 -0.56 4.39
N VAL A 19 1.37 0.12 3.78
CA VAL A 19 1.72 1.02 2.64
C VAL A 19 0.89 2.30 2.69
N VAL A 20 1.51 3.42 2.46
CA VAL A 20 0.76 4.72 2.45
C VAL A 20 0.52 5.12 1.00
N LEU A 21 -0.70 5.14 0.55
CA LEU A 21 -0.98 5.49 -0.87
C LEU A 21 -1.33 6.98 -0.98
N GLN A 22 -0.59 7.70 -1.80
CA GLN A 22 -0.85 9.16 -1.97
C GLN A 22 -1.53 9.39 -3.32
N SER A 23 -2.40 10.37 -3.39
CA SER A 23 -3.10 10.66 -4.68
C SER A 23 -3.49 12.14 -4.72
N GLY A 24 -3.34 12.77 -5.84
CA GLY A 24 -3.69 14.22 -5.94
C GLY A 24 -2.96 15.01 -4.86
N ALA A 25 -3.54 15.10 -3.69
CA ALA A 25 -2.88 15.85 -2.58
C ALA A 25 -3.30 15.25 -1.23
N LEU A 26 -3.93 14.10 -1.25
CA LEU A 26 -4.37 13.45 0.02
C LEU A 26 -3.50 12.22 0.30
N GLU A 27 -3.65 11.62 1.45
CA GLU A 27 -2.83 10.42 1.80
C GLU A 27 -3.73 9.37 2.46
N MET A 28 -3.41 8.11 2.32
CA MET A 28 -4.23 7.04 2.94
C MET A 28 -3.33 5.92 3.44
N ILE A 29 -3.73 5.22 4.47
CA ILE A 29 -2.90 4.10 5.02
C ILE A 29 -3.69 2.80 4.84
N ALA A 30 -3.03 1.73 4.51
CA ALA A 30 -3.77 0.44 4.30
C ALA A 30 -2.91 -0.75 4.72
N GLU A 31 -3.51 -1.75 5.30
CA GLU A 31 -2.74 -2.96 5.70
C GLU A 31 -2.66 -3.91 4.51
N ILE A 32 -1.46 -4.28 4.12
CA ILE A 32 -1.28 -5.19 2.95
C ILE A 32 -0.77 -6.56 3.42
N GLU A 33 -1.16 -7.59 2.72
CA GLU A 33 -0.73 -8.98 3.08
C GLU A 33 0.07 -9.56 1.91
N ALA A 34 1.38 -9.52 1.98
CA ALA A 34 2.21 -10.08 0.86
C ALA A 34 3.50 -10.67 1.42
N CYS A 35 4.39 -11.06 0.54
CA CYS A 35 5.69 -11.65 0.99
C CYS A 35 6.80 -11.18 0.06
N ARG A 36 6.43 -10.60 -1.06
CA ARG A 36 7.45 -10.11 -2.02
C ARG A 36 8.17 -8.91 -1.41
N LEU A 37 7.45 -8.05 -0.74
CA LEU A 37 8.08 -6.86 -0.12
C LEU A 37 9.01 -6.19 -1.13
N ARG A 38 8.70 -6.29 -2.40
CA ARG A 38 9.57 -5.68 -3.45
C ARG A 38 9.11 -4.23 -3.70
N LEU A 39 8.07 -3.80 -3.04
CA LEU A 39 7.57 -2.41 -3.24
C LEU A 39 8.63 -1.44 -2.74
N ARG A 40 8.51 -0.18 -3.10
CA ARG A 40 9.52 0.82 -2.64
C ARG A 40 8.90 2.22 -2.73
N GLU A 41 9.59 3.21 -2.22
CA GLU A 41 9.06 4.60 -2.27
C GLU A 41 8.96 5.06 -3.73
N GLY A 42 7.84 5.61 -4.12
CA GLY A 42 7.68 6.09 -5.52
C GLY A 42 7.13 4.96 -6.39
N ASP A 43 6.65 3.91 -5.80
CA ASP A 43 6.10 2.78 -6.60
C ASP A 43 4.85 3.24 -7.36
N LYS A 44 4.77 2.95 -8.63
CA LYS A 44 3.58 3.37 -9.43
C LYS A 44 2.54 2.24 -9.42
N LEU A 45 1.44 2.46 -8.75
CA LEU A 45 0.37 1.42 -8.68
C LEU A 45 -0.80 1.80 -9.61
N THR A 46 -1.38 0.82 -10.26
CA THR A 46 -2.53 1.10 -11.19
C THR A 46 -3.68 0.14 -10.85
N PRO A 47 -4.91 0.54 -11.09
CA PRO A 47 -6.09 -0.33 -10.79
C PRO A 47 -6.18 -1.52 -11.75
N LEU A 48 -6.19 -2.71 -11.23
CA LEU A 48 -6.27 -3.92 -12.12
C LEU A 48 -7.72 -4.08 -12.59
N ALA A 49 -8.66 -4.20 -11.69
CA ALA A 49 -10.07 -4.37 -12.09
C ALA A 49 -10.98 -4.35 -10.86
N ASP A 50 -11.00 -5.41 -10.10
CA ASP A 50 -11.88 -5.44 -8.90
C ASP A 50 -11.30 -4.54 -7.80
N ALA A 51 -10.02 -4.64 -7.54
CA ALA A 51 -9.41 -3.78 -6.47
C ALA A 51 -7.91 -4.06 -6.40
N ARG A 52 -7.50 -5.25 -6.73
CA ARG A 52 -6.04 -5.57 -6.67
C ARG A 52 -5.25 -4.48 -7.37
N TYR A 53 -4.08 -4.17 -6.85
CA TYR A 53 -3.24 -3.10 -7.47
C TYR A 53 -2.03 -3.75 -8.16
N CYS A 54 -1.75 -3.33 -9.38
CA CYS A 54 -0.59 -3.90 -10.12
C CYS A 54 0.50 -2.84 -10.26
N LEU A 55 1.68 -3.12 -9.77
CA LEU A 55 2.79 -2.12 -9.85
C LEU A 55 3.61 -2.38 -11.11
N ASN A 56 4.14 -1.34 -11.71
CA ASN A 56 4.95 -1.51 -12.95
C ASN A 56 4.10 -2.17 -14.04
N ASN A 57 2.81 -2.24 -13.83
CA ASN A 57 1.92 -2.86 -14.85
C ASN A 57 2.30 -4.33 -15.08
N ASN A 58 2.60 -5.05 -14.02
CA ASN A 58 2.97 -6.49 -14.15
C ASN A 58 2.08 -7.33 -13.21
N PRO A 59 0.96 -7.81 -13.70
CA PRO A 59 0.00 -8.62 -12.88
C PRO A 59 0.70 -9.69 -12.03
N THR A 60 1.97 -9.88 -12.23
CA THR A 60 2.70 -10.89 -11.43
C THR A 60 3.03 -10.31 -10.05
N GLN A 61 3.27 -9.02 -10.00
CA GLN A 61 3.60 -8.34 -8.71
C GLN A 61 2.39 -7.51 -8.27
N THR A 62 1.30 -8.16 -7.95
CA THR A 62 0.07 -7.39 -7.55
C THR A 62 0.03 -7.27 -6.03
N LEU A 63 -0.99 -6.65 -5.51
CA LEU A 63 -1.09 -6.44 -4.02
C LEU A 63 -2.54 -6.62 -3.57
N LYS A 64 -2.73 -7.08 -2.35
CA LYS A 64 -4.13 -7.28 -1.82
C LYS A 64 -4.38 -6.29 -0.69
N ILE A 65 -5.52 -5.66 -0.68
CA ILE A 65 -5.83 -4.68 0.41
C ILE A 65 -6.57 -5.38 1.54
N ARG A 66 -6.21 -5.10 2.77
CA ARG A 66 -6.90 -5.73 3.94
C ARG A 66 -7.82 -4.70 4.58
N ASN A 67 -7.43 -3.44 4.54
CA ASN A 67 -8.28 -2.38 5.15
C ASN A 67 -7.64 -1.02 4.87
N ALA A 68 -8.18 -0.27 3.94
CA ALA A 68 -7.60 1.07 3.63
C ALA A 68 -8.06 2.08 4.68
N THR A 69 -7.30 3.13 4.87
CA THR A 69 -7.69 4.18 5.87
C THR A 69 -7.33 5.56 5.31
N HIS A 70 -8.18 6.54 5.52
CA HIS A 70 -7.89 7.90 4.99
C HIS A 70 -6.78 8.54 5.82
N TYR A 71 -5.70 7.84 6.04
CA TYR A 71 -4.58 8.42 6.84
C TYR A 71 -5.14 8.99 8.15
N SER A 72 -5.83 8.20 8.91
CA SER A 72 -6.40 8.69 10.18
C SER A 72 -5.32 8.67 11.27
N SER A 73 -5.27 9.70 12.09
CA SER A 73 -4.24 9.73 13.15
C SER A 73 -4.30 8.45 13.98
N GLU A 74 -5.34 7.68 13.81
CA GLU A 74 -5.47 6.41 14.59
C GLU A 74 -4.58 5.33 13.96
N ARG A 75 -4.76 5.06 12.70
CA ARG A 75 -3.92 4.02 12.04
C ARG A 75 -2.48 4.50 11.94
N TRP A 76 -2.28 5.79 11.91
CA TRP A 76 -0.89 6.32 11.81
C TRP A 76 -0.21 6.24 13.17
N THR A 77 -0.82 6.79 14.19
CA THR A 77 -0.21 6.74 15.54
C THR A 77 -0.24 5.30 16.07
N ASN A 78 -1.13 4.50 15.56
CA ASN A 78 -1.21 3.08 16.02
C ASN A 78 -0.24 2.23 15.19
N ALA A 79 0.02 2.63 13.97
CA ALA A 79 0.95 1.85 13.12
C ALA A 79 2.39 2.20 13.47
N ASP A 80 2.72 3.46 13.51
CA ASP A 80 4.11 3.87 13.85
C ASP A 80 4.53 3.18 15.15
N LYS A 81 3.67 3.18 16.14
CA LYS A 81 4.04 2.52 17.42
C LYS A 81 4.36 1.04 17.17
N MET A 1 -8.19 3.97 -10.12
CA MET A 1 -7.19 4.81 -10.84
C MET A 1 -5.79 4.46 -10.35
N GLU A 2 -4.78 5.10 -10.88
CA GLU A 2 -3.39 4.81 -10.45
C GLU A 2 -3.11 5.50 -9.12
N TRP A 3 -2.06 5.10 -8.44
CA TRP A 3 -1.72 5.73 -7.13
C TRP A 3 -0.20 5.81 -7.00
N TRP A 4 0.28 6.45 -5.96
CA TRP A 4 1.76 6.57 -5.75
C TRP A 4 2.07 6.30 -4.27
N VAL A 5 2.78 5.26 -3.99
CA VAL A 5 3.12 4.94 -2.57
C VAL A 5 4.11 5.98 -2.04
N LYS A 6 3.89 6.46 -0.83
CA LYS A 6 4.82 7.46 -0.23
C LYS A 6 5.77 6.75 0.74
N LYS A 7 5.25 5.81 1.49
CA LYS A 7 6.11 5.06 2.46
C LYS A 7 5.64 3.61 2.50
N VAL A 8 6.43 2.73 3.06
CA VAL A 8 6.02 1.30 3.12
C VAL A 8 6.83 0.58 4.20
N GLN A 9 6.27 -0.48 4.75
CA GLN A 9 7.00 -1.25 5.82
C GLN A 9 6.97 -2.73 5.46
N ASP A 10 7.90 -3.49 5.95
CA ASP A 10 7.93 -4.95 5.63
C ASP A 10 6.98 -5.70 6.56
N ASN A 11 6.78 -6.96 6.32
CA ASN A 11 5.85 -7.75 7.18
C ASN A 11 6.54 -8.04 8.52
N ALA A 12 6.84 -7.02 9.28
CA ALA A 12 7.50 -7.23 10.59
C ALA A 12 6.50 -7.81 11.59
N SER A 13 5.24 -7.78 11.26
CA SER A 13 4.21 -8.34 12.20
C SER A 13 4.17 -9.86 12.06
N ALA A 14 4.13 -10.35 10.84
CA ALA A 14 4.09 -11.83 10.62
C ALA A 14 3.90 -12.10 9.12
N SER A 15 3.01 -11.39 8.50
CA SER A 15 2.77 -11.60 7.04
C SER A 15 1.89 -10.47 6.51
N LEU A 16 2.02 -9.29 7.07
CA LEU A 16 1.20 -8.13 6.60
C LEU A 16 2.09 -6.90 6.45
N CYS A 17 2.17 -6.35 5.26
CA CYS A 17 3.01 -5.14 5.04
C CYS A 17 2.11 -3.91 5.06
N ARG A 18 2.62 -2.78 5.47
CA ARG A 18 1.78 -1.54 5.51
C ARG A 18 2.23 -0.60 4.39
N VAL A 19 1.31 0.07 3.76
CA VAL A 19 1.68 0.99 2.65
C VAL A 19 0.86 2.29 2.72
N VAL A 20 1.49 3.41 2.49
CA VAL A 20 0.76 4.71 2.51
C VAL A 20 0.52 5.13 1.06
N LEU A 21 -0.71 5.17 0.63
CA LEU A 21 -1.00 5.54 -0.79
C LEU A 21 -1.33 7.04 -0.88
N GLN A 22 -0.60 7.75 -1.69
CA GLN A 22 -0.85 9.22 -1.85
C GLN A 22 -1.55 9.47 -3.19
N SER A 23 -2.43 10.43 -3.24
CA SER A 23 -3.16 10.73 -4.51
C SER A 23 -3.35 12.24 -4.66
N GLY A 24 -2.62 12.85 -5.55
CA GLY A 24 -2.76 14.32 -5.75
C GLY A 24 -2.14 15.07 -4.56
N ALA A 25 -2.56 14.76 -3.37
CA ALA A 25 -2.00 15.44 -2.18
C ALA A 25 -2.50 14.74 -0.92
N LEU A 26 -3.68 14.19 -0.94
CA LEU A 26 -4.21 13.49 0.26
C LEU A 26 -3.36 12.24 0.52
N GLU A 27 -3.57 11.59 1.64
CA GLU A 27 -2.79 10.36 1.95
C GLU A 27 -3.70 9.33 2.63
N MET A 28 -3.37 8.07 2.51
CA MET A 28 -4.22 7.01 3.14
C MET A 28 -3.33 5.86 3.59
N ILE A 29 -3.72 5.18 4.64
CA ILE A 29 -2.92 4.02 5.14
C ILE A 29 -3.71 2.74 4.91
N ALA A 30 -3.06 1.67 4.53
CA ALA A 30 -3.81 0.40 4.28
C ALA A 30 -2.95 -0.81 4.65
N GLU A 31 -3.58 -1.83 5.20
CA GLU A 31 -2.82 -3.07 5.57
C GLU A 31 -2.73 -3.97 4.34
N ILE A 32 -1.54 -4.34 3.95
CA ILE A 32 -1.34 -5.19 2.75
C ILE A 32 -0.83 -6.58 3.16
N GLU A 33 -1.20 -7.59 2.41
CA GLU A 33 -0.75 -8.99 2.70
C GLU A 33 0.11 -9.49 1.54
N ALA A 34 1.41 -9.51 1.70
CA ALA A 34 2.30 -9.99 0.59
C ALA A 34 3.50 -10.73 1.17
N CYS A 35 4.46 -11.04 0.35
CA CYS A 35 5.68 -11.76 0.84
C CYS A 35 6.87 -11.33 -0.01
N ARG A 36 6.63 -10.69 -1.12
CA ARG A 36 7.75 -10.24 -1.98
C ARG A 36 8.45 -9.05 -1.32
N LEU A 37 7.71 -8.23 -0.62
CA LEU A 37 8.32 -7.05 0.06
C LEU A 37 9.30 -6.36 -0.89
N ARG A 38 9.11 -6.50 -2.17
CA ARG A 38 10.02 -5.85 -3.15
C ARG A 38 9.48 -4.46 -3.52
N LEU A 39 8.39 -4.08 -2.95
CA LEU A 39 7.82 -2.74 -3.26
C LEU A 39 8.78 -1.65 -2.79
N ARG A 40 8.58 -0.43 -3.21
CA ARG A 40 9.49 0.68 -2.80
C ARG A 40 8.72 2.00 -2.79
N GLU A 41 9.23 3.01 -2.16
CA GLU A 41 8.52 4.32 -2.13
C GLU A 41 8.54 4.94 -3.53
N GLY A 42 7.47 5.57 -3.91
CA GLY A 42 7.41 6.21 -5.26
C GLY A 42 7.01 5.16 -6.31
N ASP A 43 6.51 4.03 -5.89
CA ASP A 43 6.12 2.99 -6.87
C ASP A 43 4.77 3.35 -7.50
N LYS A 44 4.60 3.07 -8.76
CA LYS A 44 3.30 3.39 -9.45
C LYS A 44 2.41 2.15 -9.46
N LEU A 45 1.29 2.21 -8.79
CA LEU A 45 0.36 1.04 -8.74
C LEU A 45 -0.86 1.32 -9.63
N THR A 46 -1.01 0.62 -10.72
CA THR A 46 -2.18 0.86 -11.61
C THR A 46 -3.32 -0.05 -11.15
N PRO A 47 -4.56 0.31 -11.44
CA PRO A 47 -5.74 -0.51 -11.03
C PRO A 47 -5.86 -1.81 -11.85
N LEU A 48 -6.04 -2.92 -11.20
CA LEU A 48 -6.16 -4.21 -11.94
C LEU A 48 -7.60 -4.34 -12.47
N ALA A 49 -8.53 -4.62 -11.61
CA ALA A 49 -9.95 -4.78 -12.07
C ALA A 49 -10.88 -4.84 -10.86
N ASP A 50 -10.66 -5.78 -9.98
CA ASP A 50 -11.54 -5.90 -8.77
C ASP A 50 -11.07 -4.90 -7.71
N ALA A 51 -9.81 -4.83 -7.45
CA ALA A 51 -9.29 -3.87 -6.42
C ALA A 51 -7.77 -3.94 -6.36
N ARG A 52 -7.22 -5.11 -6.46
CA ARG A 52 -5.73 -5.24 -6.41
C ARG A 52 -5.10 -4.26 -7.41
N TYR A 53 -3.86 -3.90 -7.22
CA TYR A 53 -3.19 -2.95 -8.16
C TYR A 53 -1.88 -3.57 -8.67
N CYS A 54 -1.58 -3.35 -9.93
CA CYS A 54 -0.33 -3.93 -10.51
C CYS A 54 0.77 -2.86 -10.51
N LEU A 55 1.94 -3.19 -10.02
CA LEU A 55 3.05 -2.19 -9.99
C LEU A 55 3.89 -2.33 -11.26
N ASN A 56 4.40 -1.24 -11.76
CA ASN A 56 5.23 -1.30 -13.00
C ASN A 56 4.42 -1.93 -14.14
N ASN A 57 3.12 -1.99 -13.98
CA ASN A 57 2.26 -2.58 -15.04
C ASN A 57 2.59 -4.06 -15.25
N ASN A 58 2.80 -4.79 -14.17
CA ASN A 58 3.12 -6.25 -14.28
C ASN A 58 2.12 -7.04 -13.42
N PRO A 59 0.98 -7.40 -13.98
CA PRO A 59 -0.08 -8.16 -13.25
C PRO A 59 0.47 -9.32 -12.43
N THR A 60 1.74 -9.61 -12.56
CA THR A 60 2.34 -10.73 -11.78
C THR A 60 2.64 -10.25 -10.36
N GLN A 61 3.19 -9.06 -10.25
CA GLN A 61 3.51 -8.50 -8.90
C GLN A 61 2.35 -7.60 -8.45
N THR A 62 1.19 -8.16 -8.24
CA THR A 62 0.03 -7.31 -7.83
C THR A 62 -0.11 -7.30 -6.31
N LEU A 63 -0.66 -6.24 -5.77
CA LEU A 63 -0.82 -6.10 -4.30
C LEU A 63 -2.28 -6.28 -3.91
N LYS A 64 -2.54 -6.76 -2.71
CA LYS A 64 -3.95 -6.96 -2.23
C LYS A 64 -4.23 -6.05 -1.05
N ILE A 65 -5.37 -5.41 -1.02
CA ILE A 65 -5.70 -4.51 0.12
C ILE A 65 -6.47 -5.28 1.19
N ARG A 66 -6.20 -5.01 2.44
CA ARG A 66 -6.91 -5.70 3.55
C ARG A 66 -7.85 -4.71 4.25
N ASN A 67 -7.50 -3.45 4.22
CA ASN A 67 -8.35 -2.41 4.86
C ASN A 67 -7.70 -1.04 4.69
N ALA A 68 -8.22 -0.23 3.80
CA ALA A 68 -7.62 1.12 3.59
C ALA A 68 -8.08 2.08 4.69
N THR A 69 -7.31 3.11 4.95
CA THR A 69 -7.68 4.09 6.01
C THR A 69 -7.33 5.50 5.52
N HIS A 70 -8.20 6.45 5.76
CA HIS A 70 -7.91 7.84 5.30
C HIS A 70 -6.80 8.47 6.14
N TYR A 71 -5.73 7.76 6.35
CA TYR A 71 -4.61 8.33 7.17
C TYR A 71 -5.17 8.94 8.46
N SER A 72 -6.14 8.29 9.05
CA SER A 72 -6.73 8.82 10.30
C SER A 72 -5.67 8.81 11.41
N SER A 73 -5.65 9.83 12.23
CA SER A 73 -4.65 9.88 13.33
C SER A 73 -4.75 8.63 14.18
N GLU A 74 -5.74 7.81 13.94
CA GLU A 74 -5.88 6.56 14.74
C GLU A 74 -4.90 5.50 14.24
N ARG A 75 -4.85 5.29 12.95
CA ARG A 75 -3.92 4.26 12.41
C ARG A 75 -2.51 4.85 12.30
N TRP A 76 -2.39 6.08 11.90
CA TRP A 76 -1.04 6.70 11.77
C TRP A 76 -0.35 6.72 13.14
N THR A 77 -0.93 7.38 14.10
CA THR A 77 -0.30 7.44 15.44
C THR A 77 -0.16 6.03 16.00
N ASN A 78 -1.03 5.13 15.63
CA ASN A 78 -0.94 3.74 16.12
C ASN A 78 0.06 2.96 15.27
N ALA A 79 0.33 3.44 14.08
CA ALA A 79 1.29 2.73 13.19
C ALA A 79 2.72 3.13 13.56
N ASP A 80 3.06 4.38 13.35
CA ASP A 80 4.45 4.83 13.69
C ASP A 80 4.59 4.90 15.21
N LYS A 81 4.04 3.95 15.92
CA LYS A 81 4.15 3.96 17.40
C LYS A 81 5.62 3.87 17.80
N MET A 1 -7.52 4.58 -10.43
CA MET A 1 -6.46 5.45 -11.04
C MET A 1 -5.09 5.02 -10.53
N GLU A 2 -4.05 5.43 -11.19
CA GLU A 2 -2.67 5.05 -10.74
C GLU A 2 -2.34 5.79 -9.44
N TRP A 3 -2.05 5.06 -8.39
CA TRP A 3 -1.72 5.72 -7.09
C TRP A 3 -0.20 5.78 -6.94
N TRP A 4 0.28 6.39 -5.89
CA TRP A 4 1.76 6.50 -5.67
C TRP A 4 2.07 6.27 -4.19
N VAL A 5 2.86 5.27 -3.89
CA VAL A 5 3.19 4.99 -2.46
C VAL A 5 4.18 6.04 -1.96
N LYS A 6 3.98 6.54 -0.75
CA LYS A 6 4.90 7.56 -0.18
C LYS A 6 5.82 6.88 0.85
N LYS A 7 5.28 5.97 1.62
CA LYS A 7 6.10 5.26 2.64
C LYS A 7 5.63 3.80 2.72
N VAL A 8 6.44 2.94 3.29
CA VAL A 8 6.04 1.50 3.38
C VAL A 8 6.89 0.81 4.44
N GLN A 9 6.37 -0.23 5.04
CA GLN A 9 7.12 -1.00 6.08
C GLN A 9 7.00 -2.50 5.81
N ASP A 10 8.08 -3.21 5.84
CA ASP A 10 8.03 -4.67 5.57
C ASP A 10 7.03 -5.32 6.53
N ASN A 11 6.75 -6.58 6.32
CA ASN A 11 5.79 -7.29 7.23
C ASN A 11 6.52 -7.76 8.48
N ALA A 12 6.92 -6.84 9.32
CA ALA A 12 7.65 -7.24 10.56
C ALA A 12 6.65 -7.84 11.55
N SER A 13 5.38 -7.80 11.23
CA SER A 13 4.37 -8.38 12.16
C SER A 13 4.31 -9.89 11.99
N ALA A 14 4.26 -10.36 10.77
CA ALA A 14 4.21 -11.82 10.50
C ALA A 14 4.00 -12.05 9.01
N SER A 15 2.98 -11.44 8.45
CA SER A 15 2.71 -11.62 7.00
C SER A 15 1.82 -10.48 6.50
N LEU A 16 2.00 -9.30 7.04
CA LEU A 16 1.16 -8.14 6.63
C LEU A 16 2.05 -6.90 6.51
N CYS A 17 2.14 -6.34 5.33
CA CYS A 17 2.98 -5.11 5.14
C CYS A 17 2.07 -3.90 5.14
N ARG A 18 2.56 -2.76 5.58
CA ARG A 18 1.72 -1.52 5.59
C ARG A 18 2.21 -0.57 4.50
N VAL A 19 1.31 0.15 3.89
CA VAL A 19 1.73 1.10 2.79
C VAL A 19 0.89 2.37 2.84
N VAL A 20 1.51 3.50 2.65
CA VAL A 20 0.75 4.79 2.63
C VAL A 20 0.52 5.17 1.16
N LEU A 21 -0.71 5.22 0.73
CA LEU A 21 -0.98 5.56 -0.70
C LEU A 21 -1.29 7.05 -0.83
N GLN A 22 -0.54 7.74 -1.66
CA GLN A 22 -0.76 9.20 -1.85
C GLN A 22 -1.52 9.43 -3.16
N SER A 23 -2.30 10.47 -3.24
CA SER A 23 -3.07 10.76 -4.49
C SER A 23 -3.14 12.26 -4.71
N GLY A 24 -2.31 12.77 -5.58
CA GLY A 24 -2.32 14.24 -5.86
C GLY A 24 -1.75 14.99 -4.66
N ALA A 25 -2.34 14.85 -3.50
CA ALA A 25 -1.82 15.55 -2.30
C ALA A 25 -2.34 14.86 -1.05
N LEU A 26 -3.54 14.33 -1.09
CA LEU A 26 -4.09 13.65 0.11
C LEU A 26 -3.25 12.41 0.43
N GLU A 27 -3.49 11.77 1.54
CA GLU A 27 -2.71 10.56 1.91
C GLU A 27 -3.64 9.52 2.54
N MET A 28 -3.31 8.26 2.40
CA MET A 28 -4.18 7.20 2.98
C MET A 28 -3.30 6.06 3.51
N ILE A 29 -3.83 5.26 4.41
CA ILE A 29 -3.04 4.11 4.97
C ILE A 29 -3.83 2.82 4.74
N ALA A 30 -3.17 1.75 4.38
CA ALA A 30 -3.90 0.48 4.13
C ALA A 30 -3.05 -0.72 4.54
N GLU A 31 -3.68 -1.75 5.05
CA GLU A 31 -2.91 -2.97 5.45
C GLU A 31 -2.77 -3.87 4.23
N ILE A 32 -1.57 -4.25 3.90
CA ILE A 32 -1.33 -5.11 2.69
C ILE A 32 -0.86 -6.51 3.13
N GLU A 33 -1.22 -7.51 2.38
CA GLU A 33 -0.82 -8.91 2.70
C GLU A 33 0.04 -9.46 1.56
N ALA A 34 1.34 -9.47 1.73
CA ALA A 34 2.24 -9.98 0.65
C ALA A 34 3.46 -10.65 1.27
N CYS A 35 4.43 -10.97 0.46
CA CYS A 35 5.67 -11.63 0.98
C CYS A 35 6.86 -11.18 0.14
N ARG A 36 6.60 -10.58 -1.00
CA ARG A 36 7.71 -10.12 -1.87
C ARG A 36 8.38 -8.89 -1.22
N LEU A 37 7.60 -8.08 -0.55
CA LEU A 37 8.18 -6.88 0.12
C LEU A 37 9.15 -6.17 -0.84
N ARG A 38 8.97 -6.36 -2.12
CA ARG A 38 9.88 -5.71 -3.11
C ARG A 38 9.35 -4.31 -3.45
N LEU A 39 8.33 -3.88 -2.76
CA LEU A 39 7.77 -2.53 -3.04
C LEU A 39 8.79 -1.46 -2.67
N ARG A 40 8.58 -0.25 -3.10
CA ARG A 40 9.54 0.85 -2.77
C ARG A 40 8.82 2.19 -2.79
N GLU A 41 9.40 3.20 -2.20
CA GLU A 41 8.75 4.53 -2.19
C GLU A 41 8.68 5.10 -3.62
N GLY A 42 7.55 5.63 -4.00
CA GLY A 42 7.41 6.19 -5.38
C GLY A 42 6.97 5.10 -6.35
N ASP A 43 6.49 3.99 -5.85
CA ASP A 43 6.05 2.90 -6.76
C ASP A 43 4.69 3.26 -7.38
N LYS A 44 4.53 3.00 -8.64
CA LYS A 44 3.24 3.32 -9.33
C LYS A 44 2.33 2.09 -9.31
N LEU A 45 1.26 2.14 -8.56
CA LEU A 45 0.31 0.98 -8.49
C LEU A 45 -0.90 1.25 -9.38
N THR A 46 -1.03 0.52 -10.46
CA THR A 46 -2.20 0.73 -11.37
C THR A 46 -3.37 -0.13 -10.88
N PRO A 47 -4.59 0.29 -11.12
CA PRO A 47 -5.80 -0.48 -10.69
C PRO A 47 -6.03 -1.72 -11.56
N LEU A 48 -6.26 -2.85 -10.95
CA LEU A 48 -6.49 -4.09 -11.75
C LEU A 48 -7.94 -4.10 -12.25
N ALA A 49 -8.86 -4.45 -11.40
CA ALA A 49 -10.30 -4.48 -11.84
C ALA A 49 -11.19 -4.69 -10.61
N ASP A 50 -10.92 -5.70 -9.83
CA ASP A 50 -11.75 -5.97 -8.62
C ASP A 50 -11.28 -5.07 -7.48
N ALA A 51 -10.00 -5.01 -7.25
CA ALA A 51 -9.48 -4.16 -6.14
C ALA A 51 -7.95 -4.22 -6.12
N ARG A 52 -7.39 -5.38 -6.36
CA ARG A 52 -5.91 -5.51 -6.35
C ARG A 52 -5.30 -4.45 -7.27
N TYR A 53 -4.03 -4.19 -7.13
CA TYR A 53 -3.34 -3.18 -7.99
C TYR A 53 -2.09 -3.79 -8.60
N CYS A 54 -1.74 -3.40 -9.80
CA CYS A 54 -0.52 -3.95 -10.47
C CYS A 54 0.59 -2.90 -10.47
N LEU A 55 1.74 -3.24 -9.96
CA LEU A 55 2.86 -2.24 -9.93
C LEU A 55 3.68 -2.37 -11.21
N ASN A 56 4.21 -1.28 -11.70
CA ASN A 56 5.02 -1.34 -12.95
C ASN A 56 4.19 -1.98 -14.06
N ASN A 57 2.90 -2.06 -13.88
CA ASN A 57 2.02 -2.65 -14.92
C ASN A 57 2.38 -4.11 -15.17
N ASN A 58 2.66 -4.87 -14.14
CA ASN A 58 3.03 -6.31 -14.31
C ASN A 58 2.03 -7.16 -13.50
N PRO A 59 0.94 -7.59 -14.11
CA PRO A 59 -0.10 -8.41 -13.42
C PRO A 59 0.48 -9.56 -12.60
N THR A 60 1.77 -9.75 -12.63
CA THR A 60 2.39 -10.85 -11.85
C THR A 60 2.64 -10.36 -10.41
N GLN A 61 3.17 -9.17 -10.26
CA GLN A 61 3.43 -8.62 -8.90
C GLN A 61 2.27 -7.72 -8.48
N THR A 62 1.10 -8.28 -8.29
CA THR A 62 -0.08 -7.44 -7.91
C THR A 62 -0.23 -7.43 -6.39
N LEU A 63 -0.68 -6.33 -5.85
CA LEU A 63 -0.83 -6.19 -4.37
C LEU A 63 -2.30 -6.40 -3.99
N LYS A 64 -2.56 -6.76 -2.75
CA LYS A 64 -3.97 -6.98 -2.28
C LYS A 64 -4.26 -6.07 -1.09
N ILE A 65 -5.40 -5.44 -1.07
CA ILE A 65 -5.75 -4.54 0.07
C ILE A 65 -6.52 -5.32 1.13
N ARG A 66 -6.27 -5.01 2.38
CA ARG A 66 -6.99 -5.72 3.50
C ARG A 66 -7.91 -4.70 4.19
N ASN A 67 -7.53 -3.45 4.19
CA ASN A 67 -8.37 -2.41 4.85
C ASN A 67 -7.76 -1.03 4.59
N ALA A 68 -8.28 -0.31 3.64
CA ALA A 68 -7.73 1.05 3.35
C ALA A 68 -8.28 2.07 4.35
N THR A 69 -7.54 3.12 4.60
CA THR A 69 -8.02 4.16 5.56
C THR A 69 -7.52 5.53 5.10
N HIS A 70 -8.33 6.55 5.24
CA HIS A 70 -7.91 7.91 4.80
C HIS A 70 -6.85 8.46 5.76
N TYR A 71 -5.78 7.75 5.96
CA TYR A 71 -4.72 8.24 6.87
C TYR A 71 -5.35 8.62 8.21
N SER A 72 -6.08 7.71 8.81
CA SER A 72 -6.73 8.02 10.12
C SER A 72 -5.65 8.24 11.18
N SER A 73 -5.95 9.00 12.19
CA SER A 73 -4.94 9.25 13.26
C SER A 73 -4.64 7.94 14.00
N GLU A 74 -5.59 7.04 14.04
CA GLU A 74 -5.36 5.76 14.75
C GLU A 74 -4.36 4.89 13.96
N ARG A 75 -4.65 4.65 12.71
CA ARG A 75 -3.73 3.81 11.88
C ARG A 75 -2.35 4.47 11.82
N TRP A 76 -2.30 5.77 11.83
CA TRP A 76 -0.99 6.48 11.77
C TRP A 76 -0.33 6.47 13.14
N THR A 77 -1.02 6.90 14.15
CA THR A 77 -0.41 6.92 15.52
C THR A 77 -0.21 5.48 16.00
N ASN A 78 -0.94 4.55 15.45
CA ASN A 78 -0.77 3.13 15.87
C ASN A 78 0.37 2.50 15.09
N ALA A 79 0.65 3.02 13.92
CA ALA A 79 1.75 2.45 13.09
C ALA A 79 3.08 3.09 13.52
N ASP A 80 3.17 4.39 13.45
CA ASP A 80 4.43 5.07 13.84
C ASP A 80 4.70 4.83 15.34
N LYS A 81 3.89 5.37 16.20
CA LYS A 81 4.10 5.17 17.65
C LYS A 81 3.58 3.78 18.05
N MET A 1 -7.37 5.47 -10.93
CA MET A 1 -6.23 6.23 -11.50
C MET A 1 -4.91 5.68 -10.98
N GLU A 2 -3.82 6.05 -11.59
CA GLU A 2 -2.50 5.53 -11.12
C GLU A 2 -2.13 6.19 -9.79
N TRP A 3 -1.86 5.40 -8.79
CA TRP A 3 -1.50 5.96 -7.45
C TRP A 3 0.02 5.99 -7.31
N TRP A 4 0.51 6.46 -6.19
CA TRP A 4 1.99 6.51 -5.98
C TRP A 4 2.29 6.22 -4.51
N VAL A 5 3.12 5.25 -4.23
CA VAL A 5 3.44 4.92 -2.82
C VAL A 5 4.34 6.02 -2.23
N LYS A 6 4.04 6.46 -1.03
CA LYS A 6 4.88 7.52 -0.39
C LYS A 6 5.83 6.86 0.61
N LYS A 7 5.40 5.79 1.23
CA LYS A 7 6.27 5.08 2.21
C LYS A 7 5.79 3.63 2.33
N VAL A 8 6.60 2.77 2.89
CA VAL A 8 6.18 1.35 3.03
C VAL A 8 6.98 0.68 4.15
N GLN A 9 6.42 -0.34 4.76
CA GLN A 9 7.12 -1.07 5.86
C GLN A 9 7.02 -2.57 5.62
N ASP A 10 8.13 -3.26 5.60
CA ASP A 10 8.08 -4.73 5.37
C ASP A 10 7.16 -5.40 6.38
N ASN A 11 6.90 -6.67 6.22
CA ASN A 11 6.01 -7.38 7.18
C ASN A 11 6.75 -7.58 8.50
N ALA A 12 7.17 -6.52 9.14
CA ALA A 12 7.89 -6.67 10.43
C ALA A 12 6.93 -7.19 11.50
N SER A 13 5.66 -7.23 11.20
CA SER A 13 4.67 -7.74 12.19
C SER A 13 4.62 -9.27 12.12
N ALA A 14 4.52 -9.81 10.94
CA ALA A 14 4.46 -11.30 10.79
C ALA A 14 4.24 -11.63 9.31
N SER A 15 3.24 -11.06 8.71
CA SER A 15 2.96 -11.35 7.27
C SER A 15 2.09 -10.22 6.70
N LEU A 16 2.16 -9.05 7.29
CA LEU A 16 1.35 -7.90 6.79
C LEU A 16 2.25 -6.67 6.67
N CYS A 17 2.34 -6.09 5.49
CA CYS A 17 3.19 -4.89 5.28
C CYS A 17 2.28 -3.68 5.17
N ARG A 18 2.74 -2.52 5.57
CA ARG A 18 1.90 -1.29 5.48
C ARG A 18 2.35 -0.46 4.28
N VAL A 19 1.45 0.31 3.70
CA VAL A 19 1.83 1.14 2.52
C VAL A 19 1.04 2.44 2.52
N VAL A 20 1.70 3.53 2.30
CA VAL A 20 1.00 4.86 2.26
C VAL A 20 0.73 5.22 0.80
N LEU A 21 -0.51 5.22 0.39
CA LEU A 21 -0.82 5.56 -1.04
C LEU A 21 -1.20 7.03 -1.16
N GLN A 22 -0.50 7.75 -2.00
CA GLN A 22 -0.79 9.21 -2.19
C GLN A 22 -1.51 9.41 -3.52
N SER A 23 -2.44 10.33 -3.57
CA SER A 23 -3.18 10.58 -4.84
C SER A 23 -3.69 12.02 -4.85
N GLY A 24 -3.59 12.68 -5.98
CA GLY A 24 -4.08 14.09 -6.06
C GLY A 24 -3.44 14.92 -4.95
N ALA A 25 -4.03 14.94 -3.79
CA ALA A 25 -3.47 15.73 -2.66
C ALA A 25 -3.94 15.14 -1.33
N LEU A 26 -4.18 13.85 -1.31
CA LEU A 26 -4.65 13.18 -0.06
C LEU A 26 -3.84 11.91 0.17
N GLU A 27 -3.40 11.66 1.38
CA GLU A 27 -2.60 10.43 1.66
C GLU A 27 -3.50 9.40 2.34
N MET A 28 -3.16 8.14 2.23
CA MET A 28 -4.01 7.08 2.87
C MET A 28 -3.12 5.93 3.36
N ILE A 29 -3.46 5.35 4.48
CA ILE A 29 -2.65 4.21 5.03
C ILE A 29 -3.46 2.92 4.86
N ALA A 30 -2.82 1.83 4.51
CA ALA A 30 -3.60 0.57 4.32
C ALA A 30 -2.75 -0.64 4.71
N GLU A 31 -3.38 -1.63 5.30
CA GLU A 31 -2.63 -2.86 5.69
C GLU A 31 -2.57 -3.80 4.48
N ILE A 32 -1.39 -4.20 4.09
CA ILE A 32 -1.22 -5.08 2.89
C ILE A 32 -0.69 -6.47 3.32
N GLU A 33 -1.09 -7.49 2.60
CA GLU A 33 -0.63 -8.87 2.93
C GLU A 33 0.16 -9.42 1.73
N ALA A 34 1.45 -9.52 1.84
CA ALA A 34 2.27 -10.04 0.69
C ALA A 34 3.50 -10.76 1.22
N CYS A 35 4.39 -11.14 0.34
CA CYS A 35 5.63 -11.85 0.77
C CYS A 35 6.78 -11.45 -0.16
N ARG A 36 6.46 -10.83 -1.27
CA ARG A 36 7.52 -10.40 -2.22
C ARG A 36 8.30 -9.23 -1.61
N LEU A 37 7.63 -8.36 -0.88
CA LEU A 37 8.33 -7.22 -0.25
C LEU A 37 9.27 -6.56 -1.26
N ARG A 38 8.96 -6.67 -2.52
CA ARG A 38 9.84 -6.06 -3.58
C ARG A 38 9.34 -4.64 -3.88
N LEU A 39 8.44 -4.13 -3.10
CA LEU A 39 7.91 -2.77 -3.35
C LEU A 39 9.04 -1.75 -3.15
N ARG A 40 8.83 -0.53 -3.59
CA ARG A 40 9.89 0.50 -3.42
C ARG A 40 9.23 1.89 -3.42
N GLU A 41 9.93 2.89 -2.95
CA GLU A 41 9.36 4.26 -2.91
C GLU A 41 9.20 4.79 -4.34
N GLY A 42 8.10 5.45 -4.61
CA GLY A 42 7.89 6.00 -5.99
C GLY A 42 7.32 4.92 -6.90
N ASP A 43 6.81 3.86 -6.33
CA ASP A 43 6.24 2.77 -7.18
C ASP A 43 4.92 3.24 -7.81
N LYS A 44 4.74 2.99 -9.07
CA LYS A 44 3.48 3.43 -9.75
C LYS A 44 2.46 2.28 -9.70
N LEU A 45 1.39 2.47 -8.96
CA LEU A 45 0.35 1.40 -8.85
C LEU A 45 -0.87 1.78 -9.71
N THR A 46 -1.47 0.82 -10.36
CA THR A 46 -2.67 1.10 -11.22
C THR A 46 -3.80 0.14 -10.82
N PRO A 47 -5.04 0.52 -11.02
CA PRO A 47 -6.21 -0.34 -10.66
C PRO A 47 -6.31 -1.58 -11.56
N LEU A 48 -6.43 -2.74 -10.98
CA LEU A 48 -6.55 -3.98 -11.79
C LEU A 48 -7.99 -4.17 -12.24
N ALA A 49 -8.89 -4.39 -11.31
CA ALA A 49 -10.31 -4.58 -11.68
C ALA A 49 -11.18 -4.60 -10.42
N ASP A 50 -11.03 -5.61 -9.61
CA ASP A 50 -11.84 -5.70 -8.36
C ASP A 50 -11.22 -4.80 -7.29
N ALA A 51 -9.93 -4.87 -7.10
CA ALA A 51 -9.27 -4.02 -6.07
C ALA A 51 -7.77 -4.27 -6.10
N ARG A 52 -7.35 -5.47 -6.40
CA ARG A 52 -5.89 -5.75 -6.45
C ARG A 52 -5.18 -4.70 -7.29
N TYR A 53 -4.01 -4.28 -6.89
CA TYR A 53 -3.26 -3.25 -7.68
C TYR A 53 -2.15 -3.93 -8.48
N CYS A 54 -1.52 -3.21 -9.37
CA CYS A 54 -0.43 -3.80 -10.20
C CYS A 54 0.68 -2.76 -10.34
N LEU A 55 1.86 -3.05 -9.85
CA LEU A 55 2.98 -2.07 -9.95
C LEU A 55 3.77 -2.33 -11.24
N ASN A 56 4.27 -1.29 -11.85
CA ASN A 56 5.05 -1.46 -13.11
C ASN A 56 4.18 -2.14 -14.17
N ASN A 57 2.90 -2.24 -13.93
CA ASN A 57 1.99 -2.88 -14.91
C ASN A 57 2.38 -4.35 -15.13
N ASN A 58 2.70 -5.05 -14.06
CA ASN A 58 3.09 -6.49 -14.18
C ASN A 58 2.23 -7.32 -13.20
N PRO A 59 1.08 -7.80 -13.64
CA PRO A 59 0.16 -8.60 -12.77
C PRO A 59 0.90 -9.66 -11.95
N THR A 60 2.16 -9.86 -12.22
CA THR A 60 2.93 -10.88 -11.44
C THR A 60 3.33 -10.28 -10.09
N GLN A 61 3.24 -8.98 -9.97
CA GLN A 61 3.61 -8.28 -8.70
C GLN A 61 2.43 -7.41 -8.26
N THR A 62 1.32 -8.00 -7.91
CA THR A 62 0.14 -7.19 -7.51
C THR A 62 0.11 -7.04 -5.99
N LEU A 63 -0.89 -6.36 -5.47
CA LEU A 63 -0.97 -6.13 -4.00
C LEU A 63 -2.43 -6.19 -3.55
N LYS A 64 -2.69 -6.85 -2.43
CA LYS A 64 -4.09 -6.97 -1.92
C LYS A 64 -4.31 -5.97 -0.79
N ILE A 65 -5.50 -5.41 -0.70
CA ILE A 65 -5.80 -4.44 0.40
C ILE A 65 -6.64 -5.12 1.48
N ARG A 66 -6.31 -4.91 2.73
CA ARG A 66 -7.08 -5.54 3.84
C ARG A 66 -7.92 -4.45 4.51
N ASN A 67 -7.47 -3.22 4.46
CA ASN A 67 -8.24 -2.12 5.10
C ASN A 67 -7.53 -0.77 4.84
N ALA A 68 -8.04 0.02 3.93
CA ALA A 68 -7.39 1.33 3.63
C ALA A 68 -7.92 2.39 4.61
N THR A 69 -7.15 3.42 4.84
CA THR A 69 -7.59 4.50 5.78
C THR A 69 -7.15 5.86 5.24
N HIS A 70 -7.95 6.87 5.40
CA HIS A 70 -7.58 8.21 4.88
C HIS A 70 -6.47 8.81 5.75
N TYR A 71 -5.45 8.06 6.02
CA TYR A 71 -4.33 8.59 6.85
C TYR A 71 -4.90 9.19 8.13
N SER A 72 -5.64 8.42 8.89
CA SER A 72 -6.23 8.94 10.15
C SER A 72 -5.14 9.03 11.23
N SER A 73 -5.24 9.96 12.12
CA SER A 73 -4.21 10.09 13.19
C SER A 73 -4.30 8.88 14.13
N GLU A 74 -5.42 8.21 14.16
CA GLU A 74 -5.57 7.04 15.05
C GLU A 74 -4.88 5.82 14.41
N ARG A 75 -4.96 5.69 13.12
CA ARG A 75 -4.31 4.53 12.45
C ARG A 75 -2.79 4.70 12.48
N TRP A 76 -2.30 5.86 12.12
CA TRP A 76 -0.83 6.08 12.13
C TRP A 76 -0.30 5.99 13.56
N THR A 77 -1.05 6.46 14.52
CA THR A 77 -0.58 6.40 15.92
C THR A 77 -0.84 5.00 16.49
N ASN A 78 -1.86 4.33 16.00
CA ASN A 78 -2.16 2.97 16.50
C ASN A 78 -1.31 1.95 15.74
N ALA A 79 -0.86 2.30 14.56
CA ALA A 79 -0.03 1.36 13.77
C ALA A 79 1.43 1.43 14.26
N ASP A 80 2.02 2.59 14.24
CA ASP A 80 3.43 2.72 14.70
C ASP A 80 3.55 2.16 16.12
N LYS A 81 2.60 2.46 16.97
CA LYS A 81 2.66 1.95 18.36
C LYS A 81 2.92 0.44 18.34
N MET A 1 -7.43 6.19 -10.76
CA MET A 1 -6.13 6.43 -11.43
C MET A 1 -5.02 5.71 -10.67
N GLU A 2 -3.80 5.81 -11.12
CA GLU A 2 -2.68 5.12 -10.42
C GLU A 2 -2.26 5.93 -9.19
N TRP A 3 -1.98 5.27 -8.11
CA TRP A 3 -1.56 6.00 -6.87
C TRP A 3 -0.04 6.00 -6.78
N TRP A 4 0.52 6.70 -5.81
CA TRP A 4 2.00 6.75 -5.65
C TRP A 4 2.36 6.50 -4.18
N VAL A 5 3.13 5.49 -3.91
CA VAL A 5 3.50 5.20 -2.50
C VAL A 5 4.48 6.26 -1.99
N LYS A 6 4.30 6.70 -0.77
CA LYS A 6 5.21 7.73 -0.19
C LYS A 6 6.11 7.07 0.85
N LYS A 7 5.63 6.03 1.49
CA LYS A 7 6.44 5.32 2.51
C LYS A 7 5.99 3.86 2.57
N VAL A 8 6.77 3.00 3.18
CA VAL A 8 6.38 1.57 3.26
C VAL A 8 7.17 0.87 4.37
N GLN A 9 6.52 0.00 5.10
CA GLN A 9 7.21 -0.74 6.20
C GLN A 9 7.09 -2.25 5.93
N ASP A 10 8.19 -2.95 5.94
CA ASP A 10 8.13 -4.41 5.68
C ASP A 10 7.17 -5.08 6.68
N ASN A 11 6.89 -6.34 6.49
CA ASN A 11 5.97 -7.05 7.42
C ASN A 11 6.74 -7.50 8.65
N ALA A 12 7.29 -6.58 9.39
CA ALA A 12 8.05 -6.95 10.61
C ALA A 12 7.12 -7.66 11.60
N SER A 13 5.84 -7.68 11.32
CA SER A 13 4.89 -8.36 12.23
C SER A 13 4.88 -9.86 11.95
N ALA A 14 4.78 -10.22 10.70
CA ALA A 14 4.76 -11.67 10.32
C ALA A 14 4.44 -11.79 8.84
N SER A 15 3.49 -11.02 8.37
CA SER A 15 3.12 -11.09 6.93
C SER A 15 2.17 -9.94 6.60
N LEU A 16 2.42 -8.77 7.13
CA LEU A 16 1.54 -7.60 6.87
C LEU A 16 2.40 -6.35 6.68
N CYS A 17 2.56 -5.90 5.46
CA CYS A 17 3.37 -4.67 5.22
C CYS A 17 2.41 -3.49 5.11
N ARG A 18 2.82 -2.32 5.51
CA ARG A 18 1.93 -1.11 5.44
C ARG A 18 2.47 -0.15 4.39
N VAL A 19 1.61 0.49 3.65
CA VAL A 19 2.08 1.46 2.60
C VAL A 19 1.20 2.71 2.62
N VAL A 20 1.81 3.86 2.48
CA VAL A 20 1.04 5.12 2.46
C VAL A 20 0.81 5.52 1.00
N LEU A 21 -0.41 5.47 0.54
CA LEU A 21 -0.69 5.83 -0.89
C LEU A 21 -1.09 7.30 -0.99
N GLN A 22 -0.38 8.06 -1.79
CA GLN A 22 -0.71 9.51 -1.96
C GLN A 22 -1.49 9.70 -3.26
N SER A 23 -2.37 10.67 -3.30
CA SER A 23 -3.17 10.90 -4.54
C SER A 23 -3.48 12.39 -4.69
N GLY A 24 -2.91 13.03 -5.68
CA GLY A 24 -3.18 14.49 -5.89
C GLY A 24 -2.48 15.29 -4.81
N ALA A 25 -2.72 14.98 -3.56
CA ALA A 25 -2.07 15.73 -2.46
C ALA A 25 -2.44 15.09 -1.12
N LEU A 26 -3.60 14.49 -1.04
CA LEU A 26 -4.02 13.86 0.24
C LEU A 26 -3.19 12.59 0.45
N GLU A 27 -3.31 11.98 1.60
CA GLU A 27 -2.53 10.73 1.90
C GLU A 27 -3.49 9.65 2.41
N MET A 28 -3.14 8.40 2.21
CA MET A 28 -4.02 7.28 2.67
C MET A 28 -3.13 6.19 3.28
N ILE A 29 -3.69 5.33 4.10
CA ILE A 29 -2.90 4.24 4.72
C ILE A 29 -3.64 2.92 4.47
N ALA A 30 -2.93 1.88 4.12
CA ALA A 30 -3.60 0.59 3.83
C ALA A 30 -2.70 -0.59 4.20
N GLU A 31 -3.27 -1.60 4.82
CA GLU A 31 -2.47 -2.79 5.20
C GLU A 31 -2.31 -3.68 3.96
N ILE A 32 -1.12 -4.18 3.73
CA ILE A 32 -0.86 -5.04 2.52
C ILE A 32 -0.47 -6.45 2.97
N GLU A 33 -0.84 -7.43 2.18
CA GLU A 33 -0.49 -8.85 2.51
C GLU A 33 0.20 -9.48 1.30
N ALA A 34 1.50 -9.57 1.30
CA ALA A 34 2.23 -10.16 0.14
C ALA A 34 3.40 -11.02 0.63
N CYS A 35 4.31 -11.34 -0.24
CA CYS A 35 5.49 -12.17 0.15
C CYS A 35 6.73 -11.64 -0.57
N ARG A 36 6.54 -10.81 -1.55
CA ARG A 36 7.72 -10.26 -2.29
C ARG A 36 8.42 -9.21 -1.42
N LEU A 37 7.67 -8.49 -0.64
CA LEU A 37 8.28 -7.46 0.24
C LEU A 37 9.30 -6.64 -0.55
N ARG A 38 9.25 -6.70 -1.85
CA ARG A 38 10.20 -5.93 -2.69
C ARG A 38 9.61 -4.55 -3.00
N LEU A 39 8.58 -4.18 -2.30
CA LEU A 39 7.94 -2.86 -2.54
C LEU A 39 8.93 -1.75 -2.20
N ARG A 40 8.88 -0.66 -2.92
CA ARG A 40 9.82 0.47 -2.66
C ARG A 40 9.05 1.80 -2.80
N GLU A 41 9.67 2.88 -2.44
CA GLU A 41 8.98 4.20 -2.55
C GLU A 41 8.93 4.62 -4.02
N GLY A 42 7.94 5.40 -4.38
CA GLY A 42 7.83 5.85 -5.80
C GLY A 42 7.22 4.74 -6.65
N ASP A 43 6.65 3.74 -6.02
CA ASP A 43 6.03 2.63 -6.80
C ASP A 43 4.67 3.08 -7.32
N LYS A 44 4.36 2.76 -8.55
CA LYS A 44 3.05 3.17 -9.15
C LYS A 44 2.07 2.01 -9.05
N LEU A 45 1.02 2.15 -8.28
CA LEU A 45 0.01 1.05 -8.14
C LEU A 45 -1.22 1.37 -9.00
N THR A 46 -1.44 0.62 -10.04
CA THR A 46 -2.62 0.88 -10.92
C THR A 46 -3.80 0.03 -10.45
N PRO A 47 -5.02 0.47 -10.67
CA PRO A 47 -6.23 -0.30 -10.25
C PRO A 47 -6.50 -1.50 -11.17
N LEU A 48 -6.70 -2.66 -10.60
CA LEU A 48 -6.96 -3.86 -11.44
C LEU A 48 -8.44 -3.88 -11.86
N ALA A 49 -9.33 -4.04 -10.90
CA ALA A 49 -10.78 -4.07 -11.23
C ALA A 49 -11.60 -4.05 -9.94
N ASP A 50 -11.61 -5.14 -9.22
CA ASP A 50 -12.40 -5.18 -7.95
C ASP A 50 -11.67 -4.38 -6.87
N ALA A 51 -10.40 -4.58 -6.72
CA ALA A 51 -9.63 -3.84 -5.68
C ALA A 51 -8.15 -4.18 -5.79
N ARG A 52 -7.82 -5.37 -6.21
CA ARG A 52 -6.39 -5.75 -6.33
C ARG A 52 -5.64 -4.68 -7.12
N TYR A 53 -4.39 -4.45 -6.79
CA TYR A 53 -3.58 -3.42 -7.51
C TYR A 53 -2.32 -4.06 -8.06
N CYS A 54 -1.82 -3.55 -9.16
CA CYS A 54 -0.57 -4.13 -9.78
C CYS A 54 0.54 -3.07 -9.74
N LEU A 55 1.67 -3.39 -9.18
CA LEU A 55 2.78 -2.40 -9.10
C LEU A 55 3.66 -2.52 -10.35
N ASN A 56 4.22 -1.43 -10.81
CA ASN A 56 5.09 -1.47 -12.02
C ASN A 56 4.28 -1.92 -13.22
N ASN A 57 2.98 -1.85 -13.14
CA ASN A 57 2.12 -2.26 -14.29
C ASN A 57 2.44 -3.71 -14.68
N ASN A 58 2.60 -4.58 -13.72
CA ASN A 58 2.90 -6.02 -14.02
C ASN A 58 1.93 -6.90 -13.22
N PRO A 59 0.80 -7.25 -13.79
CA PRO A 59 -0.22 -8.11 -13.09
C PRO A 59 0.42 -9.30 -12.37
N THR A 60 1.67 -9.56 -12.61
CA THR A 60 2.34 -10.70 -11.92
C THR A 60 2.67 -10.30 -10.48
N GLN A 61 3.13 -9.09 -10.28
CA GLN A 61 3.46 -8.61 -8.91
C GLN A 61 2.27 -7.88 -8.32
N THR A 62 1.16 -8.54 -8.15
CA THR A 62 -0.05 -7.87 -7.59
C THR A 62 -0.13 -8.12 -6.09
N LEU A 63 -1.05 -7.49 -5.42
CA LEU A 63 -1.18 -7.67 -3.95
C LEU A 63 -2.62 -7.41 -3.51
N LYS A 64 -3.05 -8.01 -2.44
CA LYS A 64 -4.45 -7.81 -1.95
C LYS A 64 -4.45 -6.83 -0.78
N ILE A 65 -5.43 -5.96 -0.73
CA ILE A 65 -5.50 -4.97 0.39
C ILE A 65 -6.30 -5.58 1.54
N ARG A 66 -5.88 -5.34 2.75
CA ARG A 66 -6.61 -5.90 3.93
C ARG A 66 -7.58 -4.81 4.43
N ASN A 67 -7.19 -3.58 4.35
CA ASN A 67 -8.09 -2.47 4.80
C ASN A 67 -7.47 -1.12 4.45
N ALA A 68 -8.03 -0.43 3.50
CA ALA A 68 -7.48 0.91 3.11
C ALA A 68 -8.00 1.97 4.09
N THR A 69 -7.29 3.06 4.24
CA THR A 69 -7.75 4.12 5.18
C THR A 69 -7.31 5.49 4.65
N HIS A 70 -8.05 6.52 4.94
CA HIS A 70 -7.68 7.88 4.45
C HIS A 70 -6.69 8.53 5.42
N TYR A 71 -5.58 7.90 5.69
CA TYR A 71 -4.57 8.49 6.62
C TYR A 71 -5.29 8.96 7.88
N SER A 72 -6.07 8.11 8.49
CA SER A 72 -6.79 8.50 9.73
C SER A 72 -5.85 8.41 10.93
N SER A 73 -6.00 9.29 11.89
CA SER A 73 -5.10 9.25 13.07
C SER A 73 -5.18 7.87 13.73
N GLU A 74 -6.11 7.05 13.31
CA GLU A 74 -6.24 5.69 13.91
C GLU A 74 -5.16 4.77 13.34
N ARG A 75 -5.06 4.69 12.04
CA ARG A 75 -4.04 3.81 11.41
C ARG A 75 -2.66 4.48 11.49
N TRP A 76 -2.61 5.77 11.39
CA TRP A 76 -1.29 6.46 11.45
C TRP A 76 -0.70 6.31 12.85
N THR A 77 -1.48 6.52 13.88
CA THR A 77 -0.95 6.37 15.27
C THR A 77 -0.78 4.88 15.59
N ASN A 78 -1.57 4.04 14.98
CA ASN A 78 -1.45 2.58 15.26
C ASN A 78 -0.36 1.98 14.37
N ALA A 79 -0.08 2.62 13.26
CA ALA A 79 0.96 2.09 12.34
C ALA A 79 2.35 2.51 12.86
N ASP A 80 2.59 3.78 12.99
CA ASP A 80 3.92 4.24 13.48
C ASP A 80 3.96 4.13 15.01
N LYS A 81 2.90 3.63 15.60
CA LYS A 81 2.88 3.50 17.09
C LYS A 81 3.28 4.83 17.73
N MET A 1 -7.43 6.27 -10.94
CA MET A 1 -6.17 6.47 -11.70
C MET A 1 -5.02 5.78 -10.96
N GLU A 2 -3.83 5.84 -11.50
CA GLU A 2 -2.67 5.20 -10.83
C GLU A 2 -2.31 5.98 -9.57
N TRP A 3 -2.03 5.29 -8.49
CA TRP A 3 -1.67 5.99 -7.21
C TRP A 3 -0.14 6.02 -7.08
N TRP A 4 0.34 6.61 -6.01
CA TRP A 4 1.83 6.69 -5.81
C TRP A 4 2.13 6.42 -4.33
N VAL A 5 2.90 5.40 -4.05
CA VAL A 5 3.23 5.09 -2.63
C VAL A 5 4.18 6.16 -2.08
N LYS A 6 3.87 6.69 -0.92
CA LYS A 6 4.74 7.74 -0.31
C LYS A 6 5.67 7.08 0.71
N LYS A 7 5.22 6.02 1.34
CA LYS A 7 6.06 5.32 2.35
C LYS A 7 5.65 3.84 2.41
N VAL A 8 6.45 3.02 3.03
CA VAL A 8 6.10 1.58 3.11
C VAL A 8 6.91 0.91 4.22
N GLN A 9 6.40 -0.15 4.78
CA GLN A 9 7.14 -0.87 5.86
C GLN A 9 7.01 -2.38 5.63
N ASP A 10 8.12 -3.08 5.63
CA ASP A 10 8.06 -4.55 5.40
C ASP A 10 7.13 -5.20 6.42
N ASN A 11 6.86 -6.47 6.27
CA ASN A 11 5.96 -7.16 7.25
C ASN A 11 6.73 -7.45 8.53
N ALA A 12 7.15 -6.42 9.22
CA ALA A 12 7.90 -6.62 10.49
C ALA A 12 6.94 -7.13 11.57
N SER A 13 5.66 -7.12 11.30
CA SER A 13 4.68 -7.59 12.31
C SER A 13 4.60 -9.12 12.27
N ALA A 14 4.49 -9.67 11.10
CA ALA A 14 4.41 -11.16 10.97
C ALA A 14 4.19 -11.52 9.50
N SER A 15 3.17 -10.97 8.89
CA SER A 15 2.89 -11.29 7.46
C SER A 15 2.00 -10.19 6.86
N LEU A 16 2.11 -8.99 7.37
CA LEU A 16 1.29 -7.86 6.85
C LEU A 16 2.19 -6.64 6.62
N CYS A 17 2.27 -6.18 5.39
CA CYS A 17 3.12 -5.00 5.09
C CYS A 17 2.23 -3.75 5.10
N ARG A 18 2.78 -2.61 5.43
CA ARG A 18 1.95 -1.36 5.46
C ARG A 18 2.36 -0.48 4.28
N VAL A 19 1.44 0.24 3.70
CA VAL A 19 1.78 1.12 2.54
C VAL A 19 0.94 2.40 2.58
N VAL A 20 1.56 3.52 2.35
CA VAL A 20 0.82 4.81 2.34
C VAL A 20 0.59 5.21 0.87
N LEU A 21 -0.65 5.23 0.45
CA LEU A 21 -0.93 5.60 -0.98
C LEU A 21 -1.28 7.08 -1.08
N GLN A 22 -0.55 7.82 -1.89
CA GLN A 22 -0.82 9.27 -2.05
C GLN A 22 -1.62 9.50 -3.33
N SER A 23 -2.41 10.54 -3.38
CA SER A 23 -3.23 10.83 -4.59
C SER A 23 -3.30 12.34 -4.81
N GLY A 24 -2.47 12.87 -5.67
CA GLY A 24 -2.49 14.34 -5.94
C GLY A 24 -1.91 15.07 -4.74
N ALA A 25 -2.49 14.91 -3.58
CA ALA A 25 -1.97 15.61 -2.38
C ALA A 25 -2.45 14.89 -1.12
N LEU A 26 -3.64 14.35 -1.16
CA LEU A 26 -4.17 13.63 0.04
C LEU A 26 -3.31 12.41 0.32
N GLU A 27 -3.53 11.76 1.43
CA GLU A 27 -2.72 10.54 1.78
C GLU A 27 -3.62 9.50 2.43
N MET A 28 -3.33 8.24 2.24
CA MET A 28 -4.16 7.16 2.85
C MET A 28 -3.25 6.03 3.34
N ILE A 29 -3.67 5.32 4.36
CA ILE A 29 -2.85 4.19 4.90
C ILE A 29 -3.63 2.90 4.72
N ALA A 30 -2.98 1.81 4.41
CA ALA A 30 -3.72 0.53 4.21
C ALA A 30 -2.87 -0.67 4.65
N GLU A 31 -3.50 -1.65 5.22
CA GLU A 31 -2.75 -2.86 5.65
C GLU A 31 -2.66 -3.83 4.46
N ILE A 32 -1.46 -4.22 4.10
CA ILE A 32 -1.27 -5.12 2.91
C ILE A 32 -0.77 -6.49 3.39
N GLU A 33 -1.17 -7.53 2.67
CA GLU A 33 -0.73 -8.92 3.02
C GLU A 33 0.07 -9.49 1.85
N ALA A 34 1.37 -9.59 1.98
CA ALA A 34 2.19 -10.13 0.86
C ALA A 34 3.46 -10.79 1.41
N CYS A 35 4.37 -11.14 0.54
CA CYS A 35 5.64 -11.77 0.99
C CYS A 35 6.77 -11.34 0.05
N ARG A 36 6.42 -10.72 -1.05
CA ARG A 36 7.46 -10.27 -2.00
C ARG A 36 8.19 -9.06 -1.42
N LEU A 37 7.48 -8.21 -0.71
CA LEU A 37 8.12 -7.02 -0.10
C LEU A 37 9.03 -6.33 -1.12
N ARG A 38 8.73 -6.49 -2.38
CA ARG A 38 9.57 -5.85 -3.44
C ARG A 38 9.05 -4.44 -3.71
N LEU A 39 8.18 -3.96 -2.88
CA LEU A 39 7.62 -2.59 -3.08
C LEU A 39 8.75 -1.56 -2.91
N ARG A 40 8.52 -0.34 -3.32
CA ARG A 40 9.58 0.70 -3.18
C ARG A 40 8.92 2.08 -3.15
N GLU A 41 9.63 3.08 -2.69
CA GLU A 41 9.05 4.45 -2.63
C GLU A 41 8.91 5.01 -4.05
N GLY A 42 7.81 5.66 -4.33
CA GLY A 42 7.61 6.24 -5.69
C GLY A 42 7.13 5.15 -6.65
N ASP A 43 6.60 4.08 -6.13
CA ASP A 43 6.10 3.00 -7.03
C ASP A 43 4.74 3.38 -7.61
N LYS A 44 4.53 3.13 -8.88
CA LYS A 44 3.23 3.46 -9.52
C LYS A 44 2.30 2.26 -9.44
N LEU A 45 1.18 2.39 -8.76
CA LEU A 45 0.21 1.25 -8.63
C LEU A 45 -1.04 1.55 -9.46
N THR A 46 -1.36 0.69 -10.41
CA THR A 46 -2.58 0.91 -11.25
C THR A 46 -3.68 -0.05 -10.79
N PRO A 47 -4.93 0.32 -10.94
CA PRO A 47 -6.08 -0.56 -10.52
C PRO A 47 -6.26 -1.77 -11.45
N LEU A 48 -6.44 -2.93 -10.90
CA LEU A 48 -6.64 -4.14 -11.75
C LEU A 48 -8.10 -4.22 -12.19
N ALA A 49 -9.00 -4.44 -11.27
CA ALA A 49 -10.44 -4.54 -11.64
C ALA A 49 -11.28 -4.69 -10.37
N ASP A 50 -11.03 -5.71 -9.59
CA ASP A 50 -11.83 -5.92 -8.34
C ASP A 50 -11.25 -5.05 -7.22
N ALA A 51 -9.96 -5.05 -7.05
CA ALA A 51 -9.35 -4.23 -5.96
C ALA A 51 -7.82 -4.38 -6.00
N ARG A 52 -7.34 -5.56 -6.27
CA ARG A 52 -5.87 -5.77 -6.33
C ARG A 52 -5.24 -4.71 -7.22
N TYR A 53 -4.01 -4.34 -6.96
CA TYR A 53 -3.32 -3.30 -7.78
C TYR A 53 -2.06 -3.91 -8.39
N CYS A 54 -1.67 -3.45 -9.56
CA CYS A 54 -0.44 -3.98 -10.23
C CYS A 54 0.63 -2.88 -10.28
N LEU A 55 1.82 -3.16 -9.81
CA LEU A 55 2.89 -2.13 -9.85
C LEU A 55 3.73 -2.30 -11.12
N ASN A 56 4.20 -1.21 -11.67
CA ASN A 56 5.02 -1.32 -12.91
C ASN A 56 4.19 -1.99 -14.02
N ASN A 57 2.92 -2.15 -13.80
CA ASN A 57 2.04 -2.80 -14.81
C ASN A 57 2.44 -4.26 -15.02
N ASN A 58 2.73 -4.97 -13.95
CA ASN A 58 3.12 -6.40 -14.05
C ASN A 58 2.15 -7.25 -13.21
N PRO A 59 1.08 -7.73 -13.79
CA PRO A 59 0.05 -8.55 -13.05
C PRO A 59 0.69 -9.65 -12.18
N THR A 60 1.99 -9.80 -12.25
CA THR A 60 2.67 -10.84 -11.43
C THR A 60 2.98 -10.26 -10.04
N GLN A 61 3.41 -9.03 -10.01
CA GLN A 61 3.74 -8.37 -8.71
C GLN A 61 2.55 -7.52 -8.27
N THR A 62 1.44 -8.14 -7.95
CA THR A 62 0.23 -7.36 -7.54
C THR A 62 0.17 -7.24 -6.03
N LEU A 63 -0.84 -6.59 -5.53
CA LEU A 63 -0.96 -6.38 -4.05
C LEU A 63 -2.44 -6.53 -3.62
N LYS A 64 -2.67 -6.99 -2.41
CA LYS A 64 -4.07 -7.16 -1.92
C LYS A 64 -4.33 -6.20 -0.76
N ILE A 65 -5.45 -5.51 -0.79
CA ILE A 65 -5.76 -4.55 0.32
C ILE A 65 -6.60 -5.27 1.38
N ARG A 66 -6.32 -5.00 2.64
CA ARG A 66 -7.07 -5.65 3.75
C ARG A 66 -7.93 -4.58 4.44
N ASN A 67 -7.48 -3.35 4.41
CA ASN A 67 -8.27 -2.26 5.07
C ASN A 67 -7.61 -0.91 4.77
N ALA A 68 -8.14 -0.17 3.83
CA ALA A 68 -7.55 1.15 3.50
C ALA A 68 -8.05 2.20 4.50
N THR A 69 -7.30 3.25 4.71
CA THR A 69 -7.73 4.31 5.67
C THR A 69 -7.30 5.67 5.13
N HIS A 70 -8.13 6.67 5.29
CA HIS A 70 -7.78 8.02 4.78
C HIS A 70 -6.69 8.64 5.67
N TYR A 71 -5.63 7.91 5.92
CA TYR A 71 -4.54 8.46 6.77
C TYR A 71 -5.13 9.01 8.07
N SER A 72 -5.83 8.18 8.81
CA SER A 72 -6.44 8.65 10.08
C SER A 72 -5.39 8.59 11.20
N SER A 73 -5.28 9.63 11.98
CA SER A 73 -4.27 9.63 13.08
C SER A 73 -4.42 8.34 13.90
N GLU A 74 -5.48 7.60 13.69
CA GLU A 74 -5.67 6.33 14.45
C GLU A 74 -4.79 5.24 13.86
N ARG A 75 -4.86 5.04 12.57
CA ARG A 75 -4.03 3.98 11.92
C ARG A 75 -2.56 4.41 11.92
N TRP A 76 -2.30 5.69 11.81
CA TRP A 76 -0.89 6.17 11.80
C TRP A 76 -0.30 6.02 13.21
N THR A 77 -0.98 6.51 14.21
CA THR A 77 -0.45 6.40 15.59
C THR A 77 -0.54 4.95 16.07
N ASN A 78 -1.45 4.20 15.52
CA ASN A 78 -1.59 2.77 15.93
C ASN A 78 -0.64 1.90 15.11
N ALA A 79 -0.31 2.34 13.91
CA ALA A 79 0.61 1.54 13.07
C ALA A 79 2.05 1.75 13.54
N ASP A 80 2.53 2.96 13.51
CA ASP A 80 3.92 3.24 13.96
C ASP A 80 4.14 2.61 15.34
N LYS A 81 3.09 2.40 16.09
CA LYS A 81 3.24 1.80 17.44
C LYS A 81 1.87 1.40 17.97
N MET A 1 -7.94 5.13 -10.17
CA MET A 1 -6.86 5.88 -10.88
C MET A 1 -5.50 5.37 -10.41
N GLU A 2 -4.44 5.77 -11.06
CA GLU A 2 -3.10 5.30 -10.65
C GLU A 2 -2.61 6.12 -9.45
N TRP A 3 -2.24 5.46 -8.37
CA TRP A 3 -1.76 6.20 -7.16
C TRP A 3 -0.23 6.17 -7.12
N TRP A 4 0.36 6.77 -6.12
CA TRP A 4 1.85 6.79 -6.01
C TRP A 4 2.24 6.56 -4.55
N VAL A 5 3.11 5.62 -4.29
CA VAL A 5 3.53 5.35 -2.89
C VAL A 5 4.54 6.40 -2.43
N LYS A 6 4.51 6.77 -1.17
CA LYS A 6 5.47 7.78 -0.64
C LYS A 6 6.29 7.12 0.48
N LYS A 7 5.76 6.11 1.10
CA LYS A 7 6.49 5.41 2.19
C LYS A 7 5.99 3.98 2.29
N VAL A 8 6.78 3.10 2.87
CA VAL A 8 6.33 1.67 2.99
C VAL A 8 7.13 0.96 4.07
N GLN A 9 6.55 -0.04 4.68
CA GLN A 9 7.25 -0.81 5.76
C GLN A 9 7.00 -2.30 5.53
N ASP A 10 8.05 -3.06 5.42
CA ASP A 10 7.87 -4.54 5.19
C ASP A 10 6.99 -5.12 6.31
N ASN A 11 6.62 -6.37 6.16
CA ASN A 11 5.77 -7.01 7.21
C ASN A 11 6.62 -7.40 8.40
N ALA A 12 7.31 -6.46 8.99
CA ALA A 12 8.16 -6.79 10.17
C ALA A 12 7.30 -7.40 11.27
N SER A 13 6.00 -7.36 11.10
CA SER A 13 5.09 -7.94 12.14
C SER A 13 4.99 -9.45 11.92
N ALA A 14 4.78 -9.87 10.71
CA ALA A 14 4.66 -11.33 10.42
C ALA A 14 4.37 -11.54 8.94
N SER A 15 3.43 -10.79 8.41
CA SER A 15 3.10 -10.93 6.96
C SER A 15 2.15 -9.81 6.55
N LEU A 16 2.29 -8.66 7.17
CA LEU A 16 1.40 -7.50 6.83
C LEU A 16 2.25 -6.23 6.66
N CYS A 17 2.44 -5.79 5.44
CA CYS A 17 3.24 -4.57 5.19
C CYS A 17 2.29 -3.37 5.06
N ARG A 18 2.73 -2.20 5.43
CA ARG A 18 1.85 -0.99 5.32
C ARG A 18 2.41 -0.06 4.25
N VAL A 19 1.55 0.53 3.46
CA VAL A 19 2.02 1.46 2.39
C VAL A 19 1.18 2.73 2.40
N VAL A 20 1.81 3.86 2.23
CA VAL A 20 1.06 5.15 2.21
C VAL A 20 0.79 5.53 0.75
N LEU A 21 -0.44 5.50 0.32
CA LEU A 21 -0.76 5.84 -1.10
C LEU A 21 -1.14 7.31 -1.21
N GLN A 22 -0.45 8.05 -2.03
CA GLN A 22 -0.76 9.51 -2.19
C GLN A 22 -1.58 9.71 -3.47
N SER A 23 -2.39 10.74 -3.49
CA SER A 23 -3.23 11.00 -4.71
C SER A 23 -3.32 12.51 -4.93
N GLY A 24 -2.54 13.03 -5.84
CA GLY A 24 -2.58 14.49 -6.13
C GLY A 24 -1.95 15.25 -4.96
N ALA A 25 -2.48 15.09 -3.78
CA ALA A 25 -1.91 15.81 -2.59
C ALA A 25 -2.36 15.11 -1.31
N LEU A 26 -3.55 14.57 -1.30
CA LEU A 26 -4.03 13.88 -0.08
C LEU A 26 -3.16 12.65 0.20
N GLU A 27 -3.35 12.01 1.33
CA GLU A 27 -2.54 10.81 1.67
C GLU A 27 -3.45 9.74 2.26
N MET A 28 -3.14 8.49 2.04
CA MET A 28 -3.99 7.37 2.57
C MET A 28 -3.08 6.27 3.13
N ILE A 29 -3.61 5.44 4.01
CA ILE A 29 -2.81 4.32 4.58
C ILE A 29 -3.57 3.02 4.35
N ALA A 30 -2.88 1.96 4.00
CA ALA A 30 -3.60 0.68 3.75
C ALA A 30 -2.73 -0.51 4.13
N GLU A 31 -3.29 -1.48 4.80
CA GLU A 31 -2.51 -2.68 5.18
C GLU A 31 -2.39 -3.58 3.94
N ILE A 32 -1.22 -4.14 3.73
CA ILE A 32 -1.00 -5.01 2.53
C ILE A 32 -0.65 -6.44 2.98
N GLU A 33 -1.05 -7.42 2.20
CA GLU A 33 -0.75 -8.84 2.54
C GLU A 33 -0.09 -9.50 1.33
N ALA A 34 1.20 -9.70 1.38
CA ALA A 34 1.91 -10.33 0.22
C ALA A 34 3.03 -11.24 0.73
N CYS A 35 4.00 -11.51 -0.10
CA CYS A 35 5.13 -12.40 0.32
C CYS A 35 6.41 -11.95 -0.40
N ARG A 36 6.27 -11.17 -1.43
CA ARG A 36 7.47 -10.71 -2.18
C ARG A 36 8.16 -9.61 -1.37
N LEU A 37 7.42 -8.83 -0.64
CA LEU A 37 8.03 -7.75 0.18
C LEU A 37 9.04 -6.97 -0.66
N ARG A 38 8.94 -7.06 -1.96
CA ARG A 38 9.89 -6.33 -2.85
C ARG A 38 9.31 -4.95 -3.18
N LEU A 39 8.43 -4.46 -2.37
CA LEU A 39 7.82 -3.12 -2.63
C LEU A 39 8.91 -2.05 -2.58
N ARG A 40 8.62 -0.88 -3.06
CA ARG A 40 9.64 0.21 -3.04
C ARG A 40 8.93 1.56 -3.12
N GLU A 41 9.64 2.64 -2.88
CA GLU A 41 9.01 3.98 -2.94
C GLU A 41 8.96 4.45 -4.39
N GLY A 42 8.05 5.33 -4.72
CA GLY A 42 7.96 5.83 -6.13
C GLY A 42 7.32 4.77 -7.02
N ASP A 43 6.69 3.77 -6.43
CA ASP A 43 6.06 2.72 -7.26
C ASP A 43 4.69 3.21 -7.74
N LYS A 44 4.32 2.86 -8.95
CA LYS A 44 3.00 3.29 -9.50
C LYS A 44 1.96 2.21 -9.25
N LEU A 45 1.00 2.47 -8.40
CA LEU A 45 -0.06 1.45 -8.10
C LEU A 45 -1.26 1.71 -9.02
N THR A 46 -1.89 0.67 -9.51
CA THR A 46 -3.08 0.86 -10.41
C THR A 46 -4.15 -0.18 -10.04
N PRO A 47 -5.42 0.16 -10.14
CA PRO A 47 -6.53 -0.78 -9.79
C PRO A 47 -6.70 -1.88 -10.85
N LEU A 48 -6.74 -3.12 -10.44
CA LEU A 48 -6.90 -4.22 -11.43
C LEU A 48 -8.38 -4.37 -11.77
N ALA A 49 -9.22 -4.56 -10.78
CA ALA A 49 -10.68 -4.70 -11.06
C ALA A 49 -11.48 -4.63 -9.75
N ASP A 50 -11.63 -5.74 -9.09
CA ASP A 50 -12.40 -5.74 -7.80
C ASP A 50 -11.66 -4.92 -6.75
N ALA A 51 -10.37 -5.13 -6.61
CA ALA A 51 -9.60 -4.35 -5.59
C ALA A 51 -8.12 -4.64 -5.75
N ARG A 52 -7.76 -5.80 -6.22
CA ARG A 52 -6.31 -6.13 -6.39
C ARG A 52 -5.61 -4.97 -7.10
N TYR A 53 -4.37 -4.71 -6.76
CA TYR A 53 -3.60 -3.60 -7.39
C TYR A 53 -2.33 -4.16 -8.03
N CYS A 54 -1.64 -3.34 -8.79
CA CYS A 54 -0.38 -3.80 -9.46
C CYS A 54 0.69 -2.72 -9.33
N LEU A 55 1.83 -3.05 -8.79
CA LEU A 55 2.91 -2.03 -8.63
C LEU A 55 3.85 -2.07 -9.84
N ASN A 56 4.40 -0.94 -10.22
CA ASN A 56 5.33 -0.91 -11.38
C ASN A 56 4.61 -1.39 -12.64
N ASN A 57 3.30 -1.38 -12.63
CA ASN A 57 2.53 -1.82 -13.83
C ASN A 57 2.98 -3.23 -14.25
N ASN A 58 3.18 -4.11 -13.31
CA ASN A 58 3.61 -5.51 -13.64
C ASN A 58 2.65 -6.49 -12.95
N PRO A 59 1.58 -6.90 -13.62
CA PRO A 59 0.58 -7.84 -13.03
C PRO A 59 1.22 -9.01 -12.28
N THR A 60 2.51 -9.17 -12.41
CA THR A 60 3.19 -10.29 -11.69
C THR A 60 3.35 -9.91 -10.22
N GLN A 61 3.71 -8.67 -9.96
CA GLN A 61 3.89 -8.21 -8.55
C GLN A 61 2.59 -7.56 -8.07
N THR A 62 1.52 -8.31 -8.00
CA THR A 62 0.22 -7.73 -7.54
C THR A 62 0.04 -8.01 -6.05
N LEU A 63 -0.95 -7.41 -5.44
CA LEU A 63 -1.16 -7.63 -3.98
C LEU A 63 -2.62 -7.35 -3.62
N LYS A 64 -3.08 -7.93 -2.54
CA LYS A 64 -4.49 -7.71 -2.10
C LYS A 64 -4.51 -6.71 -0.93
N ILE A 65 -5.47 -5.82 -0.91
CA ILE A 65 -5.54 -4.84 0.20
C ILE A 65 -6.31 -5.44 1.36
N ARG A 66 -5.89 -5.14 2.57
CA ARG A 66 -6.60 -5.69 3.77
C ARG A 66 -7.55 -4.61 4.31
N ASN A 67 -7.16 -3.37 4.24
CA ASN A 67 -8.04 -2.27 4.73
C ASN A 67 -7.43 -0.91 4.39
N ALA A 68 -7.98 -0.23 3.43
CA ALA A 68 -7.44 1.12 3.06
C ALA A 68 -7.96 2.16 4.06
N THR A 69 -7.25 3.25 4.23
CA THR A 69 -7.70 4.29 5.19
C THR A 69 -7.28 5.67 4.67
N HIS A 70 -8.12 6.66 4.85
CA HIS A 70 -7.78 8.03 4.36
C HIS A 70 -6.71 8.64 5.26
N TYR A 71 -5.66 7.92 5.53
CA TYR A 71 -4.58 8.48 6.41
C TYR A 71 -5.20 9.00 7.70
N SER A 72 -5.84 8.15 8.46
CA SER A 72 -6.47 8.59 9.73
C SER A 72 -5.40 8.62 10.83
N SER A 73 -5.59 9.45 11.81
CA SER A 73 -4.59 9.53 12.92
C SER A 73 -4.61 8.22 13.71
N GLU A 74 -5.77 7.69 13.96
CA GLU A 74 -5.86 6.42 14.74
C GLU A 74 -5.12 5.30 13.99
N ARG A 75 -5.10 5.37 12.68
CA ARG A 75 -4.41 4.32 11.89
C ARG A 75 -2.90 4.58 11.90
N TRP A 76 -2.51 5.80 11.68
CA TRP A 76 -1.05 6.11 11.67
C TRP A 76 -0.50 6.03 13.09
N THR A 77 -1.31 6.29 14.08
CA THR A 77 -0.83 6.23 15.49
C THR A 77 -0.89 4.79 15.99
N ASN A 78 -1.84 4.02 15.53
CA ASN A 78 -1.94 2.60 15.98
C ASN A 78 -1.02 1.73 15.11
N ALA A 79 -0.68 2.19 13.94
CA ALA A 79 0.21 1.39 13.05
C ALA A 79 1.66 1.57 13.51
N ASP A 80 2.14 2.79 13.54
CA ASP A 80 3.55 3.03 13.98
C ASP A 80 3.77 2.40 15.35
N LYS A 81 2.95 2.74 16.31
CA LYS A 81 3.12 2.15 17.67
C LYS A 81 3.25 0.63 17.57
N MET A 1 -7.08 6.19 -11.40
CA MET A 1 -5.72 6.40 -12.00
C MET A 1 -4.69 5.63 -11.19
N GLU A 2 -3.45 5.69 -11.59
CA GLU A 2 -2.38 4.95 -10.85
C GLU A 2 -1.99 5.75 -9.60
N TRP A 3 -1.78 5.08 -8.50
CA TRP A 3 -1.40 5.79 -7.24
C TRP A 3 0.12 5.73 -7.07
N TRP A 4 0.64 6.31 -6.02
CA TRP A 4 2.12 6.29 -5.79
C TRP A 4 2.38 6.06 -4.30
N VAL A 5 3.04 4.98 -3.96
CA VAL A 5 3.32 4.72 -2.51
C VAL A 5 4.36 5.71 -2.00
N LYS A 6 4.08 6.38 -0.92
CA LYS A 6 5.06 7.36 -0.35
C LYS A 6 5.93 6.66 0.69
N LYS A 7 5.39 5.66 1.34
CA LYS A 7 6.18 4.93 2.37
C LYS A 7 5.68 3.49 2.46
N VAL A 8 6.45 2.61 3.04
CA VAL A 8 6.02 1.19 3.15
C VAL A 8 6.85 0.47 4.20
N GLN A 9 6.21 -0.22 5.11
CA GLN A 9 6.96 -0.96 6.17
C GLN A 9 7.01 -2.45 5.81
N ASP A 10 8.19 -3.01 5.74
CA ASP A 10 8.30 -4.45 5.38
C ASP A 10 7.45 -5.29 6.34
N ASN A 11 7.32 -6.56 6.08
CA ASN A 11 6.51 -7.43 6.97
C ASN A 11 7.24 -7.60 8.31
N ALA A 12 7.40 -6.55 9.05
CA ALA A 12 8.09 -6.65 10.35
C ALA A 12 7.15 -7.23 11.40
N SER A 13 5.88 -7.31 11.09
CA SER A 13 4.90 -7.88 12.05
C SER A 13 4.90 -9.40 11.95
N ALA A 14 4.84 -9.92 10.75
CA ALA A 14 4.84 -11.41 10.56
C ALA A 14 4.50 -11.72 9.09
N SER A 15 3.44 -11.17 8.60
CA SER A 15 3.05 -11.42 7.18
C SER A 15 2.17 -10.28 6.68
N LEU A 16 2.36 -9.10 7.21
CA LEU A 16 1.55 -7.92 6.78
C LEU A 16 2.46 -6.69 6.66
N CYS A 17 2.29 -5.94 5.60
CA CYS A 17 3.13 -4.71 5.40
C CYS A 17 2.18 -3.52 5.21
N ARG A 18 2.52 -2.38 5.74
CA ARG A 18 1.61 -1.20 5.57
C ARG A 18 2.12 -0.34 4.42
N VAL A 19 1.24 0.39 3.78
CA VAL A 19 1.67 1.24 2.63
C VAL A 19 0.85 2.54 2.61
N VAL A 20 1.50 3.66 2.44
CA VAL A 20 0.78 4.96 2.38
C VAL A 20 0.59 5.33 0.91
N LEU A 21 -0.63 5.33 0.44
CA LEU A 21 -0.88 5.67 -1.00
C LEU A 21 -1.23 7.15 -1.13
N GLN A 22 -0.60 7.84 -2.06
CA GLN A 22 -0.87 9.29 -2.27
C GLN A 22 -1.40 9.51 -3.69
N SER A 23 -2.35 10.40 -3.85
CA SER A 23 -2.90 10.65 -5.21
C SER A 23 -3.27 12.13 -5.36
N GLY A 24 -2.58 12.83 -6.23
CA GLY A 24 -2.88 14.28 -6.42
C GLY A 24 -2.38 15.08 -5.22
N ALA A 25 -2.77 14.70 -4.05
CA ALA A 25 -2.32 15.43 -2.82
C ALA A 25 -2.85 14.73 -1.58
N LEU A 26 -3.98 14.09 -1.69
CA LEU A 26 -4.55 13.38 -0.50
C LEU A 26 -3.68 12.17 -0.17
N GLU A 27 -3.90 11.55 0.96
CA GLU A 27 -3.08 10.36 1.34
C GLU A 27 -3.94 9.37 2.11
N MET A 28 -3.50 8.15 2.23
CA MET A 28 -4.30 7.13 2.97
C MET A 28 -3.38 6.00 3.44
N ILE A 29 -3.71 5.36 4.52
CA ILE A 29 -2.88 4.22 5.04
C ILE A 29 -3.65 2.92 4.82
N ALA A 30 -2.96 1.86 4.49
CA ALA A 30 -3.69 0.57 4.25
C ALA A 30 -2.81 -0.62 4.65
N GLU A 31 -3.42 -1.63 5.22
CA GLU A 31 -2.65 -2.84 5.61
C GLU A 31 -2.57 -3.77 4.40
N ILE A 32 -1.37 -4.14 3.99
CA ILE A 32 -1.19 -5.01 2.79
C ILE A 32 -0.65 -6.38 3.21
N GLU A 33 -1.03 -7.41 2.49
CA GLU A 33 -0.56 -8.79 2.79
C GLU A 33 0.34 -9.27 1.64
N ALA A 34 1.63 -9.32 1.85
CA ALA A 34 2.54 -9.77 0.75
C ALA A 34 3.78 -10.42 1.35
N CYS A 35 4.72 -10.80 0.53
CA CYS A 35 5.97 -11.44 1.03
C CYS A 35 7.15 -11.03 0.15
N ARG A 36 6.86 -10.48 -1.01
CA ARG A 36 7.96 -10.05 -1.92
C ARG A 36 8.62 -8.80 -1.34
N LEU A 37 7.85 -7.95 -0.71
CA LEU A 37 8.42 -6.71 -0.12
C LEU A 37 9.37 -6.04 -1.13
N ARG A 38 9.14 -6.25 -2.39
CA ARG A 38 10.01 -5.62 -3.43
C ARG A 38 9.51 -4.21 -3.75
N LEU A 39 8.39 -3.84 -3.21
CA LEU A 39 7.85 -2.48 -3.47
C LEU A 39 8.83 -1.43 -2.93
N ARG A 40 8.73 -0.21 -3.39
CA ARG A 40 9.66 0.85 -2.90
C ARG A 40 8.95 2.21 -2.97
N GLU A 41 9.64 3.26 -2.60
CA GLU A 41 9.01 4.61 -2.64
C GLU A 41 8.83 5.05 -4.09
N GLY A 42 7.70 5.63 -4.40
CA GLY A 42 7.46 6.10 -5.80
C GLY A 42 6.94 4.92 -6.65
N ASP A 43 6.58 3.84 -6.03
CA ASP A 43 6.08 2.68 -6.80
C ASP A 43 4.77 3.06 -7.51
N LYS A 44 4.67 2.80 -8.78
CA LYS A 44 3.43 3.14 -9.54
C LYS A 44 2.48 1.95 -9.54
N LEU A 45 1.39 2.05 -8.82
CA LEU A 45 0.41 0.92 -8.76
C LEU A 45 -0.81 1.26 -9.61
N THR A 46 -1.01 0.55 -10.69
CA THR A 46 -2.20 0.82 -11.57
C THR A 46 -3.38 0.00 -11.04
N PRO A 47 -4.60 0.40 -11.32
CA PRO A 47 -5.81 -0.32 -10.86
C PRO A 47 -6.00 -1.65 -11.60
N LEU A 48 -6.20 -2.73 -10.89
CA LEU A 48 -6.39 -4.05 -11.55
C LEU A 48 -7.83 -4.15 -12.06
N ALA A 49 -8.77 -4.44 -11.20
CA ALA A 49 -10.19 -4.56 -11.64
C ALA A 49 -11.12 -4.43 -10.43
N ASP A 50 -11.01 -5.34 -9.50
CA ASP A 50 -11.90 -5.28 -8.30
C ASP A 50 -11.32 -4.29 -7.29
N ALA A 51 -10.05 -4.37 -7.01
CA ALA A 51 -9.43 -3.43 -6.04
C ALA A 51 -7.92 -3.60 -6.05
N ARG A 52 -7.43 -4.81 -6.16
CA ARG A 52 -5.97 -5.03 -6.17
C ARG A 52 -5.32 -4.10 -7.19
N TYR A 53 -4.07 -3.76 -6.99
CA TYR A 53 -3.36 -2.84 -7.95
C TYR A 53 -2.10 -3.52 -8.48
N CYS A 54 -1.82 -3.37 -9.75
CA CYS A 54 -0.61 -4.01 -10.34
C CYS A 54 0.52 -2.98 -10.40
N LEU A 55 1.71 -3.37 -10.01
CA LEU A 55 2.87 -2.42 -10.04
C LEU A 55 3.66 -2.63 -11.34
N ASN A 56 4.20 -1.57 -11.89
CA ASN A 56 4.99 -1.70 -13.15
C ASN A 56 4.11 -2.35 -14.22
N ASN A 57 2.82 -2.44 -13.98
CA ASN A 57 1.91 -3.05 -14.98
C ASN A 57 2.21 -4.55 -15.15
N ASN A 58 2.48 -5.23 -14.06
CA ASN A 58 2.77 -6.69 -14.12
C ASN A 58 1.74 -7.44 -13.24
N PRO A 59 0.60 -7.80 -13.80
CA PRO A 59 -0.47 -8.51 -13.04
C PRO A 59 0.06 -9.65 -12.18
N THR A 60 1.32 -9.98 -12.31
CA THR A 60 1.91 -11.07 -11.49
C THR A 60 2.24 -10.52 -10.10
N GLN A 61 2.83 -9.36 -10.04
CA GLN A 61 3.19 -8.74 -8.74
C GLN A 61 2.07 -7.79 -8.32
N THR A 62 0.89 -8.31 -8.05
CA THR A 62 -0.24 -7.43 -7.66
C THR A 62 -0.35 -7.34 -6.14
N LEU A 63 -0.75 -6.21 -5.64
CA LEU A 63 -0.86 -6.00 -4.17
C LEU A 63 -2.32 -6.14 -3.72
N LYS A 64 -2.55 -6.67 -2.54
CA LYS A 64 -3.95 -6.85 -2.04
C LYS A 64 -4.18 -5.93 -0.84
N ILE A 65 -5.32 -5.28 -0.77
CA ILE A 65 -5.60 -4.37 0.39
C ILE A 65 -6.39 -5.14 1.46
N ARG A 66 -6.10 -4.88 2.71
CA ARG A 66 -6.84 -5.57 3.82
C ARG A 66 -7.74 -4.55 4.51
N ASN A 67 -7.34 -3.30 4.52
CA ASN A 67 -8.17 -2.26 5.18
C ASN A 67 -7.55 -0.87 4.92
N ALA A 68 -8.12 -0.11 4.01
CA ALA A 68 -7.56 1.24 3.71
C ALA A 68 -8.09 2.25 4.73
N THR A 69 -7.36 3.31 4.95
CA THR A 69 -7.81 4.35 5.93
C THR A 69 -7.37 5.72 5.42
N HIS A 70 -8.20 6.72 5.57
CA HIS A 70 -7.83 8.09 5.09
C HIS A 70 -6.75 8.69 5.99
N TYR A 71 -5.68 7.98 6.21
CA TYR A 71 -4.59 8.52 7.07
C TYR A 71 -5.20 9.04 8.38
N SER A 72 -5.85 8.20 9.13
CA SER A 72 -6.47 8.65 10.40
C SER A 72 -5.39 8.70 11.49
N SER A 73 -5.53 9.59 12.43
CA SER A 73 -4.51 9.68 13.52
C SER A 73 -4.49 8.38 14.32
N GLU A 74 -5.64 7.84 14.63
CA GLU A 74 -5.68 6.58 15.41
C GLU A 74 -4.97 5.46 14.65
N ARG A 75 -5.14 5.42 13.35
CA ARG A 75 -4.47 4.35 12.54
C ARG A 75 -2.97 4.63 12.47
N TRP A 76 -2.60 5.84 12.15
CA TRP A 76 -1.15 6.16 12.05
C TRP A 76 -0.51 6.05 13.43
N THR A 77 -1.24 6.37 14.47
CA THR A 77 -0.66 6.28 15.84
C THR A 77 -0.77 4.83 16.35
N ASN A 78 -1.81 4.14 15.97
CA ASN A 78 -1.97 2.73 16.42
C ASN A 78 -1.18 1.80 15.50
N ALA A 79 -0.86 2.26 14.31
CA ALA A 79 -0.09 1.42 13.37
C ALA A 79 1.40 1.49 13.73
N ASP A 80 1.97 2.66 13.74
CA ASP A 80 3.40 2.80 14.08
C ASP A 80 3.66 2.20 15.47
N LYS A 81 2.97 2.68 16.46
CA LYS A 81 3.17 2.13 17.84
C LYS A 81 2.74 0.67 17.87
N MET A 1 -7.18 5.61 -10.99
CA MET A 1 -5.97 6.01 -11.76
C MET A 1 -4.73 5.40 -11.10
N GLU A 2 -3.57 5.63 -11.66
CA GLU A 2 -2.33 5.06 -11.07
C GLU A 2 -2.05 5.75 -9.73
N TRP A 3 -1.78 4.99 -8.70
CA TRP A 3 -1.49 5.59 -7.37
C TRP A 3 0.03 5.66 -7.17
N TRP A 4 0.47 6.21 -6.06
CA TRP A 4 1.94 6.32 -5.81
C TRP A 4 2.19 6.10 -4.31
N VAL A 5 2.97 5.10 -3.97
CA VAL A 5 3.26 4.84 -2.54
C VAL A 5 4.27 5.87 -2.01
N LYS A 6 3.99 6.47 -0.89
CA LYS A 6 4.94 7.48 -0.32
C LYS A 6 5.87 6.78 0.67
N LYS A 7 5.34 5.90 1.48
CA LYS A 7 6.18 5.16 2.48
C LYS A 7 5.71 3.71 2.55
N VAL A 8 6.49 2.86 3.17
CA VAL A 8 6.08 1.43 3.26
C VAL A 8 6.88 0.74 4.37
N GLN A 9 6.33 -0.30 4.95
CA GLN A 9 7.04 -1.04 6.04
C GLN A 9 6.99 -2.54 5.74
N ASP A 10 8.12 -3.19 5.68
CA ASP A 10 8.12 -4.65 5.37
C ASP A 10 7.26 -5.39 6.39
N ASN A 11 7.05 -6.66 6.18
CA ASN A 11 6.21 -7.45 7.13
C ASN A 11 6.96 -7.62 8.45
N ALA A 12 7.24 -6.55 9.13
CA ALA A 12 7.98 -6.65 10.42
C ALA A 12 7.04 -7.20 11.50
N SER A 13 5.77 -7.25 11.22
CA SER A 13 4.81 -7.77 12.23
C SER A 13 4.77 -9.30 12.15
N ALA A 14 4.68 -9.84 10.98
CA ALA A 14 4.65 -11.32 10.82
C ALA A 14 4.36 -11.67 9.35
N SER A 15 3.32 -11.10 8.80
CA SER A 15 2.99 -11.38 7.37
C SER A 15 2.11 -10.25 6.84
N LEU A 16 2.25 -9.08 7.39
CA LEU A 16 1.43 -7.91 6.93
C LEU A 16 2.31 -6.68 6.79
N CYS A 17 2.34 -6.09 5.62
CA CYS A 17 3.18 -4.87 5.40
C CYS A 17 2.25 -3.67 5.27
N ARG A 18 2.66 -2.52 5.73
CA ARG A 18 1.78 -1.31 5.63
C ARG A 18 2.26 -0.43 4.49
N VAL A 19 1.36 0.22 3.80
CA VAL A 19 1.77 1.09 2.65
C VAL A 19 0.93 2.38 2.65
N VAL A 20 1.58 3.51 2.46
CA VAL A 20 0.84 4.80 2.42
C VAL A 20 0.58 5.14 0.94
N LEU A 21 -0.65 5.15 0.52
CA LEU A 21 -0.95 5.45 -0.91
C LEU A 21 -1.29 6.94 -1.07
N GLN A 22 -0.57 7.64 -1.91
CA GLN A 22 -0.84 9.09 -2.13
C GLN A 22 -1.52 9.28 -3.48
N SER A 23 -2.42 10.22 -3.57
CA SER A 23 -3.14 10.46 -4.87
C SER A 23 -3.36 11.97 -5.06
N GLY A 24 -2.65 12.57 -5.97
CA GLY A 24 -2.83 14.03 -6.21
C GLY A 24 -2.23 14.83 -5.05
N ALA A 25 -2.65 14.53 -3.85
CA ALA A 25 -2.11 15.28 -2.67
C ALA A 25 -2.59 14.60 -1.39
N LEU A 26 -3.76 14.02 -1.41
CA LEU A 26 -4.28 13.35 -0.19
C LEU A 26 -3.42 12.13 0.12
N GLU A 27 -3.63 11.51 1.25
CA GLU A 27 -2.82 10.32 1.63
C GLU A 27 -3.72 9.28 2.30
N MET A 28 -3.34 8.03 2.26
CA MET A 28 -4.17 6.96 2.89
C MET A 28 -3.27 5.82 3.38
N ILE A 29 -3.60 5.25 4.50
CA ILE A 29 -2.77 4.11 5.04
C ILE A 29 -3.56 2.81 4.87
N ALA A 30 -2.91 1.73 4.52
CA ALA A 30 -3.66 0.46 4.33
C ALA A 30 -2.79 -0.74 4.71
N GLU A 31 -3.41 -1.75 5.27
CA GLU A 31 -2.64 -2.97 5.66
C GLU A 31 -2.54 -3.89 4.43
N ILE A 32 -1.35 -4.25 4.06
CA ILE A 32 -1.14 -5.12 2.85
C ILE A 32 -0.63 -6.50 3.28
N GLU A 33 -1.00 -7.52 2.55
CA GLU A 33 -0.54 -8.92 2.87
C GLU A 33 0.31 -9.44 1.70
N ALA A 34 1.60 -9.51 1.86
CA ALA A 34 2.46 -10.00 0.74
C ALA A 34 3.76 -10.60 1.31
N CYS A 35 4.66 -11.00 0.45
CA CYS A 35 5.94 -11.60 0.92
C CYS A 35 7.06 -11.15 -0.02
N ARG A 36 6.71 -10.58 -1.14
CA ARG A 36 7.76 -10.11 -2.09
C ARG A 36 8.45 -8.88 -1.52
N LEU A 37 7.72 -8.03 -0.85
CA LEU A 37 8.34 -6.81 -0.25
C LEU A 37 9.27 -6.15 -1.27
N ARG A 38 8.92 -6.20 -2.53
CA ARG A 38 9.78 -5.59 -3.58
C ARG A 38 9.28 -4.16 -3.87
N LEU A 39 8.30 -3.71 -3.14
CA LEU A 39 7.78 -2.33 -3.37
C LEU A 39 8.85 -1.31 -2.96
N ARG A 40 8.67 -0.07 -3.36
CA ARG A 40 9.67 0.97 -3.00
C ARG A 40 9.01 2.35 -3.07
N GLU A 41 9.64 3.35 -2.51
CA GLU A 41 9.05 4.72 -2.55
C GLU A 41 8.92 5.19 -4.00
N GLY A 42 7.76 5.64 -4.38
CA GLY A 42 7.56 6.12 -5.79
C GLY A 42 7.05 4.97 -6.66
N ASP A 43 6.61 3.91 -6.06
CA ASP A 43 6.10 2.76 -6.86
C ASP A 43 4.76 3.15 -7.51
N LYS A 44 4.60 2.86 -8.78
CA LYS A 44 3.33 3.20 -9.48
C LYS A 44 2.40 1.99 -9.47
N LEU A 45 1.33 2.05 -8.71
CA LEU A 45 0.38 0.90 -8.65
C LEU A 45 -0.84 1.18 -9.53
N THR A 46 -0.99 0.46 -10.61
CA THR A 46 -2.15 0.69 -11.51
C THR A 46 -3.34 -0.15 -11.01
N PRO A 47 -4.56 0.29 -11.24
CA PRO A 47 -5.76 -0.46 -10.79
C PRO A 47 -6.01 -1.74 -11.62
N LEU A 48 -6.24 -2.84 -10.98
CA LEU A 48 -6.48 -4.10 -11.72
C LEU A 48 -7.93 -4.14 -12.20
N ALA A 49 -8.85 -4.35 -11.30
CA ALA A 49 -10.29 -4.39 -11.70
C ALA A 49 -11.17 -4.47 -10.45
N ASP A 50 -10.94 -5.45 -9.62
CA ASP A 50 -11.77 -5.58 -8.38
C ASP A 50 -11.23 -4.65 -7.30
N ALA A 51 -9.93 -4.64 -7.10
CA ALA A 51 -9.35 -3.76 -6.05
C ALA A 51 -7.83 -3.88 -6.08
N ARG A 52 -7.32 -5.07 -6.23
CA ARG A 52 -5.84 -5.26 -6.25
C ARG A 52 -5.22 -4.28 -7.25
N TYR A 53 -3.96 -3.97 -7.10
CA TYR A 53 -3.28 -3.01 -8.03
C TYR A 53 -2.04 -3.67 -8.63
N CYS A 54 -1.75 -3.39 -9.87
CA CYS A 54 -0.54 -4.00 -10.52
C CYS A 54 0.59 -2.96 -10.54
N LEU A 55 1.75 -3.32 -10.06
CA LEU A 55 2.89 -2.36 -10.06
C LEU A 55 3.68 -2.50 -11.35
N ASN A 56 4.23 -1.42 -11.85
CA ASN A 56 5.01 -1.49 -13.11
C ASN A 56 4.14 -2.08 -14.23
N ASN A 57 2.85 -2.12 -14.01
CA ASN A 57 1.93 -2.67 -15.05
C ASN A 57 2.21 -4.16 -15.29
N ASN A 58 2.44 -4.91 -14.24
CA ASN A 58 2.71 -6.37 -14.38
C ASN A 58 1.68 -7.15 -13.53
N PRO A 59 0.55 -7.50 -14.10
CA PRO A 59 -0.52 -8.26 -13.36
C PRO A 59 0.03 -9.45 -12.55
N THR A 60 1.29 -9.71 -12.66
CA THR A 60 1.89 -10.86 -11.90
C THR A 60 2.24 -10.38 -10.48
N GLN A 61 2.83 -9.22 -10.38
CA GLN A 61 3.21 -8.68 -9.03
C GLN A 61 2.10 -7.74 -8.55
N THR A 62 0.92 -8.26 -8.28
CA THR A 62 -0.20 -7.38 -7.84
C THR A 62 -0.26 -7.37 -6.31
N LEU A 63 -0.78 -6.31 -5.75
CA LEU A 63 -0.86 -6.17 -4.26
C LEU A 63 -2.31 -6.38 -3.79
N LYS A 64 -2.51 -6.81 -2.57
CA LYS A 64 -3.89 -7.02 -2.04
C LYS A 64 -4.12 -6.09 -0.84
N ILE A 65 -5.26 -5.44 -0.79
CA ILE A 65 -5.54 -4.52 0.35
C ILE A 65 -6.32 -5.27 1.43
N ARG A 66 -6.05 -4.98 2.67
CA ARG A 66 -6.78 -5.65 3.80
C ARG A 66 -7.70 -4.63 4.47
N ASN A 67 -7.30 -3.39 4.47
CA ASN A 67 -8.15 -2.33 5.10
C ASN A 67 -7.52 -0.95 4.87
N ALA A 68 -8.05 -0.18 3.95
CA ALA A 68 -7.47 1.16 3.68
C ALA A 68 -8.01 2.17 4.70
N THR A 69 -7.29 3.24 4.94
CA THR A 69 -7.77 4.27 5.92
C THR A 69 -7.45 5.66 5.36
N HIS A 70 -8.11 6.67 5.86
CA HIS A 70 -7.86 8.06 5.36
C HIS A 70 -6.68 8.68 6.11
N TYR A 71 -5.62 7.95 6.30
CA TYR A 71 -4.44 8.52 7.02
C TYR A 71 -4.93 9.14 8.33
N SER A 72 -5.88 8.52 8.98
CA SER A 72 -6.39 9.08 10.27
C SER A 72 -5.31 8.94 11.34
N SER A 73 -5.23 9.88 12.25
CA SER A 73 -4.21 9.81 13.32
C SER A 73 -4.44 8.56 14.17
N GLU A 74 -5.67 8.14 14.32
CA GLU A 74 -5.97 6.94 15.13
C GLU A 74 -5.24 5.73 14.54
N ARG A 75 -5.16 5.64 13.24
CA ARG A 75 -4.47 4.49 12.60
C ARG A 75 -2.97 4.75 12.55
N TRP A 76 -2.57 5.91 12.12
CA TRP A 76 -1.11 6.23 12.05
C TRP A 76 -0.50 6.14 13.43
N THR A 77 -1.15 6.66 14.43
CA THR A 77 -0.59 6.60 15.81
C THR A 77 -0.73 5.18 16.36
N ASN A 78 -1.77 4.49 15.99
CA ASN A 78 -1.95 3.10 16.49
C ASN A 78 -1.14 2.13 15.62
N ALA A 79 -0.75 2.56 14.45
CA ALA A 79 0.04 1.67 13.56
C ALA A 79 1.52 1.72 13.97
N ASP A 80 2.17 2.83 13.74
CA ASP A 80 3.60 2.94 14.13
C ASP A 80 3.75 2.74 15.64
N LYS A 81 2.66 2.77 16.36
CA LYS A 81 2.74 2.60 17.83
C LYS A 81 1.36 2.20 18.36
N MET A 1 -7.39 5.33 -10.85
CA MET A 1 -6.24 6.07 -11.46
C MET A 1 -4.92 5.55 -10.86
N GLU A 2 -3.82 5.87 -11.46
CA GLU A 2 -2.52 5.38 -10.94
C GLU A 2 -2.21 6.09 -9.62
N TRP A 3 -1.93 5.34 -8.59
CA TRP A 3 -1.61 5.96 -7.26
C TRP A 3 -0.10 6.03 -7.09
N TRP A 4 0.35 6.56 -5.97
CA TRP A 4 1.82 6.66 -5.73
C TRP A 4 2.11 6.37 -4.26
N VAL A 5 2.92 5.37 -3.99
CA VAL A 5 3.22 5.04 -2.57
C VAL A 5 4.15 6.10 -1.97
N LYS A 6 3.86 6.56 -0.78
CA LYS A 6 4.73 7.59 -0.13
C LYS A 6 5.65 6.91 0.88
N LYS A 7 5.18 5.87 1.51
CA LYS A 7 6.01 5.14 2.51
C LYS A 7 5.58 3.67 2.57
N VAL A 8 6.35 2.84 3.19
CA VAL A 8 5.97 1.40 3.27
C VAL A 8 6.75 0.71 4.39
N GLN A 9 6.19 -0.33 4.95
CA GLN A 9 6.88 -1.06 6.07
C GLN A 9 6.77 -2.57 5.81
N ASP A 10 7.87 -3.25 5.82
CA ASP A 10 7.84 -4.72 5.56
C ASP A 10 6.91 -5.40 6.57
N ASN A 11 6.65 -6.67 6.40
CA ASN A 11 5.74 -7.38 7.34
C ASN A 11 6.49 -7.65 8.65
N ALA A 12 6.84 -6.62 9.36
CA ALA A 12 7.58 -6.81 10.64
C ALA A 12 6.61 -7.36 11.70
N SER A 13 5.35 -7.39 11.41
CA SER A 13 4.36 -7.93 12.39
C SER A 13 4.34 -9.46 12.31
N ALA A 14 4.27 -9.99 11.12
CA ALA A 14 4.24 -11.48 10.96
C ALA A 14 3.96 -11.80 9.50
N SER A 15 3.06 -11.09 8.89
CA SER A 15 2.72 -11.35 7.46
C SER A 15 1.81 -10.24 6.94
N LEU A 16 2.00 -9.03 7.43
CA LEU A 16 1.16 -7.88 6.97
C LEU A 16 2.04 -6.65 6.77
N CYS A 17 2.16 -6.18 5.55
CA CYS A 17 3.00 -4.97 5.29
C CYS A 17 2.09 -3.75 5.26
N ARG A 18 2.60 -2.60 5.64
CA ARG A 18 1.75 -1.37 5.63
C ARG A 18 2.19 -0.46 4.49
N VAL A 19 1.27 0.18 3.82
CA VAL A 19 1.64 1.08 2.68
C VAL A 19 0.81 2.36 2.72
N VAL A 20 1.43 3.48 2.52
CA VAL A 20 0.68 4.78 2.50
C VAL A 20 0.46 5.17 1.04
N LEU A 21 -0.77 5.17 0.58
CA LEU A 21 -1.02 5.53 -0.85
C LEU A 21 -1.40 7.01 -0.96
N GLN A 22 -0.67 7.74 -1.76
CA GLN A 22 -0.96 9.20 -1.93
C GLN A 22 -1.73 9.42 -3.24
N SER A 23 -2.62 10.36 -3.27
CA SER A 23 -3.40 10.63 -4.52
C SER A 23 -3.62 12.14 -4.68
N GLY A 24 -2.87 12.77 -5.52
CA GLY A 24 -3.03 14.24 -5.72
C GLY A 24 -2.49 14.99 -4.51
N ALA A 25 -2.96 14.64 -3.33
CA ALA A 25 -2.47 15.34 -2.10
C ALA A 25 -2.97 14.61 -0.87
N LEU A 26 -4.13 14.00 -0.95
CA LEU A 26 -4.68 13.28 0.22
C LEU A 26 -3.89 11.98 0.42
N GLU A 27 -3.61 11.61 1.65
CA GLU A 27 -2.85 10.37 1.92
C GLU A 27 -3.81 9.26 2.36
N MET A 28 -3.41 8.02 2.26
CA MET A 28 -4.30 6.90 2.67
C MET A 28 -3.44 5.76 3.22
N ILE A 29 -3.79 5.24 4.38
CA ILE A 29 -3.01 4.12 4.98
C ILE A 29 -3.79 2.83 4.81
N ALA A 30 -3.14 1.75 4.47
CA ALA A 30 -3.89 0.47 4.28
C ALA A 30 -3.01 -0.72 4.69
N GLU A 31 -3.62 -1.73 5.25
CA GLU A 31 -2.86 -2.94 5.67
C GLU A 31 -2.74 -3.88 4.46
N ILE A 32 -1.54 -4.25 4.11
CA ILE A 32 -1.31 -5.14 2.93
C ILE A 32 -0.80 -6.51 3.41
N GLU A 33 -1.15 -7.54 2.70
CA GLU A 33 -0.70 -8.93 3.06
C GLU A 33 0.12 -9.51 1.91
N ALA A 34 1.42 -9.48 2.00
CA ALA A 34 2.27 -10.02 0.90
C ALA A 34 3.55 -10.64 1.48
N CYS A 35 4.46 -11.02 0.64
CA CYS A 35 5.73 -11.63 1.12
C CYS A 35 6.88 -11.21 0.19
N ARG A 36 6.54 -10.62 -0.93
CA ARG A 36 7.60 -10.17 -1.87
C ARG A 36 8.31 -8.94 -1.30
N LEU A 37 7.57 -8.09 -0.63
CA LEU A 37 8.19 -6.87 -0.04
C LEU A 37 9.12 -6.21 -1.07
N ARG A 38 8.83 -6.39 -2.33
CA ARG A 38 9.69 -5.78 -3.39
C ARG A 38 9.19 -4.37 -3.70
N LEU A 39 8.22 -3.89 -2.97
CA LEU A 39 7.69 -2.52 -3.23
C LEU A 39 8.78 -1.50 -2.88
N ARG A 40 8.60 -0.27 -3.30
CA ARG A 40 9.62 0.78 -3.01
C ARG A 40 8.95 2.15 -3.00
N GLU A 41 9.59 3.13 -2.44
CA GLU A 41 9.00 4.49 -2.40
C GLU A 41 8.92 5.06 -3.83
N GLY A 42 7.80 5.64 -4.18
CA GLY A 42 7.65 6.21 -5.54
C GLY A 42 7.17 5.13 -6.51
N ASP A 43 6.65 4.06 -6.01
CA ASP A 43 6.16 2.97 -6.91
C ASP A 43 4.81 3.38 -7.52
N LYS A 44 4.62 3.11 -8.79
CA LYS A 44 3.33 3.48 -9.45
C LYS A 44 2.37 2.29 -9.37
N LEU A 45 1.26 2.45 -8.69
CA LEU A 45 0.26 1.35 -8.57
C LEU A 45 -0.96 1.64 -9.44
N THR A 46 -1.23 0.79 -10.40
CA THR A 46 -2.41 1.00 -11.30
C THR A 46 -3.52 0.02 -10.89
N PRO A 47 -4.76 0.31 -11.25
CA PRO A 47 -5.91 -0.57 -10.91
C PRO A 47 -5.94 -1.83 -11.80
N LEU A 48 -5.90 -2.99 -11.21
CA LEU A 48 -5.93 -4.24 -12.02
C LEU A 48 -7.38 -4.56 -12.42
N ALA A 49 -8.28 -4.54 -11.48
CA ALA A 49 -9.70 -4.86 -11.81
C ALA A 49 -10.64 -4.25 -10.77
N ASP A 50 -10.92 -4.97 -9.71
CA ASP A 50 -11.84 -4.44 -8.66
C ASP A 50 -11.04 -3.69 -7.60
N ALA A 51 -9.96 -4.26 -7.13
CA ALA A 51 -9.15 -3.58 -6.07
C ALA A 51 -7.68 -4.01 -6.19
N ARG A 52 -7.42 -5.19 -6.69
CA ARG A 52 -6.01 -5.65 -6.80
C ARG A 52 -5.17 -4.54 -7.44
N TYR A 53 -4.05 -4.23 -6.86
CA TYR A 53 -3.17 -3.15 -7.42
C TYR A 53 -1.97 -3.79 -8.13
N CYS A 54 -1.67 -3.33 -9.32
CA CYS A 54 -0.50 -3.89 -10.09
C CYS A 54 0.58 -2.82 -10.19
N LEU A 55 1.76 -3.11 -9.69
CA LEU A 55 2.87 -2.11 -9.76
C LEU A 55 3.68 -2.31 -11.04
N ASN A 56 4.18 -1.25 -11.61
CA ASN A 56 4.98 -1.38 -12.86
C ASN A 56 4.13 -2.06 -13.94
N ASN A 57 2.85 -2.20 -13.70
CA ASN A 57 1.95 -2.85 -14.71
C ASN A 57 2.35 -4.31 -14.92
N ASN A 58 2.66 -5.02 -13.86
CA ASN A 58 3.05 -6.46 -13.97
C ASN A 58 2.10 -7.29 -13.09
N PRO A 59 1.00 -7.76 -13.62
CA PRO A 59 0.00 -8.56 -12.85
C PRO A 59 0.66 -9.63 -11.97
N THR A 60 1.93 -9.86 -12.14
CA THR A 60 2.63 -10.88 -11.31
C THR A 60 2.93 -10.28 -9.94
N GLN A 61 3.39 -9.05 -9.91
CA GLN A 61 3.71 -8.38 -8.63
C GLN A 61 2.50 -7.54 -8.20
N THR A 62 1.40 -8.17 -7.90
CA THR A 62 0.17 -7.39 -7.51
C THR A 62 0.11 -7.25 -5.99
N LEU A 63 -0.92 -6.60 -5.49
CA LEU A 63 -1.03 -6.38 -4.02
C LEU A 63 -2.50 -6.52 -3.59
N LYS A 64 -2.72 -6.88 -2.34
CA LYS A 64 -4.14 -7.03 -1.83
C LYS A 64 -4.36 -6.10 -0.65
N ILE A 65 -5.46 -5.40 -0.63
CA ILE A 65 -5.74 -4.46 0.50
C ILE A 65 -6.60 -5.17 1.55
N ARG A 66 -6.28 -5.00 2.80
CA ARG A 66 -7.08 -5.64 3.89
C ARG A 66 -8.01 -4.59 4.49
N ASN A 67 -7.59 -3.35 4.49
CA ASN A 67 -8.45 -2.26 5.06
C ASN A 67 -7.78 -0.91 4.80
N ALA A 68 -8.31 -0.13 3.90
CA ALA A 68 -7.70 1.20 3.61
C ALA A 68 -8.26 2.25 4.58
N THR A 69 -7.52 3.30 4.81
CA THR A 69 -8.00 4.37 5.74
C THR A 69 -7.54 5.74 5.21
N HIS A 70 -8.35 6.75 5.38
CA HIS A 70 -7.96 8.09 4.87
C HIS A 70 -6.84 8.68 5.73
N TYR A 71 -5.77 7.96 5.92
CA TYR A 71 -4.65 8.48 6.74
C TYR A 71 -5.21 8.98 8.08
N SER A 72 -5.90 8.14 8.79
CA SER A 72 -6.47 8.55 10.10
C SER A 72 -5.37 8.53 11.17
N SER A 73 -5.58 9.22 12.27
CA SER A 73 -4.55 9.23 13.34
C SER A 73 -4.49 7.86 14.01
N GLU A 74 -5.47 7.02 13.76
CA GLU A 74 -5.47 5.67 14.39
C GLU A 74 -4.52 4.76 13.63
N ARG A 75 -4.57 4.76 12.33
CA ARG A 75 -3.67 3.89 11.54
C ARG A 75 -2.28 4.52 11.47
N TRP A 76 -2.20 5.81 11.52
CA TRP A 76 -0.87 6.49 11.45
C TRP A 76 -0.14 6.30 12.79
N THR A 77 -0.82 6.55 13.88
CA THR A 77 -0.17 6.39 15.21
C THR A 77 0.01 4.90 15.52
N ASN A 78 -0.84 4.07 14.96
CA ASN A 78 -0.73 2.60 15.23
C ASN A 78 0.27 1.99 14.25
N ALA A 79 0.45 2.60 13.10
CA ALA A 79 1.40 2.05 12.11
C ALA A 79 2.82 2.45 12.49
N ASP A 80 3.09 3.73 12.60
CA ASP A 80 4.46 4.18 12.98
C ASP A 80 4.92 3.43 14.24
N LYS A 81 4.02 3.21 15.16
CA LYS A 81 4.41 2.49 16.41
C LYS A 81 4.59 1.00 16.10
N MET A 1 -7.54 5.15 -11.04
CA MET A 1 -6.45 6.09 -11.41
C MET A 1 -5.11 5.55 -10.89
N GLU A 2 -4.02 6.05 -11.42
CA GLU A 2 -2.69 5.56 -10.96
C GLU A 2 -2.36 6.22 -9.61
N TRP A 3 -2.04 5.42 -8.61
CA TRP A 3 -1.71 5.99 -7.28
C TRP A 3 -0.19 6.08 -7.14
N TRP A 4 0.29 6.65 -6.06
CA TRP A 4 1.77 6.78 -5.84
C TRP A 4 2.09 6.44 -4.38
N VAL A 5 2.95 5.48 -4.17
CA VAL A 5 3.29 5.10 -2.76
C VAL A 5 4.18 6.19 -2.14
N LYS A 6 3.97 6.50 -0.90
CA LYS A 6 4.80 7.55 -0.21
C LYS A 6 5.75 6.87 0.78
N LYS A 7 5.32 5.81 1.39
CA LYS A 7 6.19 5.08 2.37
C LYS A 7 5.76 3.62 2.43
N VAL A 8 6.59 2.77 2.99
CA VAL A 8 6.22 1.33 3.07
C VAL A 8 7.05 0.64 4.16
N GLN A 9 6.53 -0.42 4.72
CA GLN A 9 7.26 -1.16 5.79
C GLN A 9 7.18 -2.66 5.50
N ASP A 10 8.30 -3.33 5.51
CA ASP A 10 8.30 -4.79 5.23
C ASP A 10 7.35 -5.51 6.19
N ASN A 11 7.11 -6.78 5.98
CA ASN A 11 6.19 -7.52 6.88
C ASN A 11 6.92 -7.87 8.17
N ALA A 12 7.25 -6.87 8.95
CA ALA A 12 7.96 -7.14 10.23
C ALA A 12 6.98 -7.73 11.25
N SER A 13 5.73 -7.78 10.92
CA SER A 13 4.72 -8.36 11.86
C SER A 13 4.73 -9.88 11.73
N ALA A 14 4.71 -10.40 10.53
CA ALA A 14 4.71 -11.87 10.32
C ALA A 14 4.42 -12.16 8.84
N SER A 15 3.49 -11.44 8.27
CA SER A 15 3.16 -11.67 6.84
C SER A 15 2.25 -10.53 6.35
N LEU A 16 2.42 -9.35 6.88
CA LEU A 16 1.57 -8.19 6.47
C LEU A 16 2.45 -6.95 6.33
N CYS A 17 2.54 -6.40 5.14
CA CYS A 17 3.37 -5.18 4.93
C CYS A 17 2.43 -3.96 4.95
N ARG A 18 2.92 -2.83 5.37
CA ARG A 18 2.05 -1.61 5.40
C ARG A 18 2.47 -0.66 4.28
N VAL A 19 1.54 0.02 3.67
CA VAL A 19 1.89 0.95 2.56
C VAL A 19 1.03 2.21 2.63
N VAL A 20 1.64 3.35 2.47
CA VAL A 20 0.87 4.63 2.49
C VAL A 20 0.66 5.09 1.04
N LEU A 21 -0.56 5.10 0.58
CA LEU A 21 -0.82 5.50 -0.84
C LEU A 21 -1.20 6.99 -0.90
N GLN A 22 -0.49 7.74 -1.71
CA GLN A 22 -0.79 9.20 -1.85
C GLN A 22 -1.57 9.44 -3.13
N SER A 23 -2.39 10.47 -3.15
CA SER A 23 -3.19 10.77 -4.38
C SER A 23 -3.30 12.28 -4.56
N GLY A 24 -2.46 12.85 -5.40
CA GLY A 24 -2.53 14.32 -5.62
C GLY A 24 -1.99 15.05 -4.39
N ALA A 25 -2.58 14.82 -3.25
CA ALA A 25 -2.09 15.50 -2.01
C ALA A 25 -2.58 14.74 -0.78
N LEU A 26 -3.76 14.17 -0.86
CA LEU A 26 -4.30 13.40 0.30
C LEU A 26 -3.41 12.19 0.56
N GLU A 27 -3.64 11.50 1.65
CA GLU A 27 -2.80 10.29 1.97
C GLU A 27 -3.71 9.18 2.51
N MET A 28 -3.31 7.94 2.35
CA MET A 28 -4.15 6.81 2.87
C MET A 28 -3.23 5.69 3.33
N ILE A 29 -3.57 5.06 4.43
CA ILE A 29 -2.74 3.92 4.96
C ILE A 29 -3.51 2.62 4.76
N ALA A 30 -2.85 1.55 4.40
CA ALA A 30 -3.58 0.28 4.17
C ALA A 30 -2.71 -0.92 4.55
N GLU A 31 -3.30 -1.94 5.10
CA GLU A 31 -2.53 -3.16 5.48
C GLU A 31 -2.43 -4.07 4.25
N ILE A 32 -1.24 -4.43 3.86
CA ILE A 32 -1.05 -5.29 2.64
C ILE A 32 -0.55 -6.68 3.06
N GLU A 33 -0.94 -7.68 2.31
CA GLU A 33 -0.51 -9.08 2.61
C GLU A 33 0.27 -9.62 1.40
N ALA A 34 1.57 -9.74 1.51
CA ALA A 34 2.37 -10.25 0.36
C ALA A 34 3.57 -11.05 0.88
N CYS A 35 4.35 -11.58 -0.03
CA CYS A 35 5.56 -12.37 0.37
C CYS A 35 6.72 -11.99 -0.53
N ARG A 36 6.44 -11.26 -1.59
CA ARG A 36 7.53 -10.84 -2.51
C ARG A 36 8.44 -9.83 -1.79
N LEU A 37 7.84 -8.95 -1.03
CA LEU A 37 8.65 -7.92 -0.30
C LEU A 37 9.69 -7.33 -1.24
N ARG A 38 9.26 -6.62 -2.24
CA ARG A 38 10.23 -5.99 -3.21
C ARG A 38 9.69 -4.65 -3.67
N LEU A 39 8.75 -4.09 -2.95
CA LEU A 39 8.18 -2.77 -3.36
C LEU A 39 9.12 -1.65 -2.88
N ARG A 40 8.93 -0.45 -3.37
CA ARG A 40 9.81 0.68 -2.95
C ARG A 40 9.03 1.99 -3.07
N GLU A 41 9.59 3.06 -2.60
CA GLU A 41 8.89 4.37 -2.67
C GLU A 41 8.86 4.85 -4.13
N GLY A 42 7.86 5.60 -4.49
CA GLY A 42 7.77 6.09 -5.89
C GLY A 42 7.20 5.00 -6.80
N ASP A 43 6.68 3.95 -6.22
CA ASP A 43 6.11 2.86 -7.05
C ASP A 43 4.77 3.31 -7.64
N LYS A 44 4.56 3.06 -8.91
CA LYS A 44 3.28 3.45 -9.56
C LYS A 44 2.29 2.29 -9.49
N LEU A 45 1.17 2.49 -8.82
CA LEU A 45 0.15 1.41 -8.70
C LEU A 45 -1.09 1.77 -9.53
N THR A 46 -1.68 0.80 -10.17
CA THR A 46 -2.90 1.05 -11.00
C THR A 46 -3.98 0.02 -10.64
N PRO A 47 -5.23 0.35 -10.81
CA PRO A 47 -6.36 -0.57 -10.49
C PRO A 47 -6.44 -1.74 -11.47
N LEU A 48 -6.43 -2.95 -10.97
CA LEU A 48 -6.52 -4.13 -11.88
C LEU A 48 -7.98 -4.34 -12.31
N ALA A 49 -8.84 -4.61 -11.37
CA ALA A 49 -10.28 -4.83 -11.74
C ALA A 49 -11.13 -4.90 -10.46
N ASP A 50 -11.00 -5.95 -9.71
CA ASP A 50 -11.81 -6.08 -8.47
C ASP A 50 -11.25 -5.16 -7.38
N ALA A 51 -9.95 -5.19 -7.18
CA ALA A 51 -9.35 -4.31 -6.13
C ALA A 51 -7.83 -4.49 -6.13
N ARG A 52 -7.36 -5.66 -6.51
CA ARG A 52 -5.89 -5.89 -6.54
C ARG A 52 -5.20 -4.74 -7.27
N TYR A 53 -4.05 -4.32 -6.79
CA TYR A 53 -3.31 -3.20 -7.45
C TYR A 53 -2.11 -3.77 -8.20
N CYS A 54 -1.88 -3.33 -9.41
CA CYS A 54 -0.71 -3.84 -10.20
C CYS A 54 0.39 -2.77 -10.21
N LEU A 55 1.59 -3.16 -9.84
CA LEU A 55 2.72 -2.17 -9.83
C LEU A 55 3.57 -2.33 -11.09
N ASN A 56 4.12 -1.27 -11.59
CA ASN A 56 4.96 -1.35 -12.82
C ASN A 56 4.14 -1.96 -13.96
N ASN A 57 2.85 -2.05 -13.77
CA ASN A 57 1.97 -2.61 -14.85
C ASN A 57 2.36 -4.07 -15.15
N ASN A 58 2.64 -4.85 -14.14
CA ASN A 58 3.03 -6.28 -14.35
C ASN A 58 2.15 -7.17 -13.45
N PRO A 59 1.01 -7.62 -13.95
CA PRO A 59 0.08 -8.48 -13.16
C PRO A 59 0.79 -9.60 -12.39
N THR A 60 2.05 -9.78 -12.63
CA THR A 60 2.81 -10.85 -11.91
C THR A 60 3.16 -10.34 -10.51
N GLN A 61 3.07 -9.06 -10.30
CA GLN A 61 3.39 -8.45 -8.97
C GLN A 61 2.20 -7.62 -8.50
N THR A 62 1.08 -8.25 -8.24
CA THR A 62 -0.13 -7.47 -7.80
C THR A 62 -0.20 -7.44 -6.28
N LEU A 63 -0.55 -6.30 -5.74
CA LEU A 63 -0.64 -6.14 -4.25
C LEU A 63 -2.10 -6.26 -3.81
N LYS A 64 -2.36 -7.02 -2.77
CA LYS A 64 -3.77 -7.19 -2.29
C LYS A 64 -4.02 -6.26 -1.09
N ILE A 65 -5.15 -5.61 -1.05
CA ILE A 65 -5.46 -4.69 0.09
C ILE A 65 -6.17 -5.47 1.19
N ARG A 66 -5.89 -5.16 2.43
CA ARG A 66 -6.57 -5.85 3.56
C ARG A 66 -7.52 -4.87 4.24
N ASN A 67 -7.16 -3.61 4.26
CA ASN A 67 -8.03 -2.59 4.90
C ASN A 67 -7.41 -1.20 4.69
N ALA A 68 -7.96 -0.43 3.77
CA ALA A 68 -7.39 0.94 3.52
C ALA A 68 -7.98 1.92 4.53
N THR A 69 -7.26 2.97 4.83
CA THR A 69 -7.77 3.99 5.81
C THR A 69 -7.56 5.39 5.24
N HIS A 70 -8.25 6.37 5.75
CA HIS A 70 -8.11 7.76 5.22
C HIS A 70 -6.92 8.45 5.90
N TYR A 71 -5.91 7.72 6.27
CA TYR A 71 -4.73 8.35 6.92
C TYR A 71 -5.21 9.26 8.06
N SER A 72 -5.96 8.72 8.99
CA SER A 72 -6.45 9.56 10.12
C SER A 72 -5.35 9.67 11.18
N SER A 73 -5.14 10.85 11.70
CA SER A 73 -4.08 11.03 12.73
C SER A 73 -4.34 10.06 13.88
N GLU A 74 -5.53 9.53 13.97
CA GLU A 74 -5.85 8.58 15.07
C GLU A 74 -5.25 7.19 14.74
N ARG A 75 -5.40 6.77 13.52
CA ARG A 75 -4.85 5.43 13.14
C ARG A 75 -3.33 5.50 13.02
N TRP A 76 -2.82 6.38 12.20
CA TRP A 76 -1.35 6.49 12.04
C TRP A 76 -0.69 6.60 13.42
N THR A 77 -1.26 7.35 14.31
CA THR A 77 -0.65 7.49 15.67
C THR A 77 -0.93 6.24 16.48
N ASN A 78 -2.04 5.60 16.25
CA ASN A 78 -2.37 4.36 17.02
C ASN A 78 -1.70 3.16 16.35
N ALA A 79 -1.20 3.34 15.16
CA ALA A 79 -0.53 2.22 14.44
C ALA A 79 0.96 2.21 14.78
N ASP A 80 1.68 3.21 14.32
CA ASP A 80 3.14 3.27 14.63
C ASP A 80 3.35 3.08 16.13
N LYS A 81 2.68 3.85 16.94
CA LYS A 81 2.84 3.72 18.41
C LYS A 81 2.43 2.32 18.85
#